data_7VN6
#
_entry.id   7VN6
#
_cell.length_a   102.300
_cell.length_b   93.608
_cell.length_c   112.058
_cell.angle_alpha   90.000
_cell.angle_beta   100.873
_cell.angle_gamma   90.000
#
_symmetry.space_group_name_H-M   'P 1 21 1'
#
loop_
_entity.id
_entity.type
_entity.pdbx_description
1 polymer 'Maltodextrin-binding protein,Protein BRASSINAZOLE-RESISTANT 1'
2 polymer "DNA (5'-D(*TP*TP*CP*GP*CP*AP*CP*GP*TP*GP*CP*GP*AP*AP*A)-3')"
3 branched alpha-D-glucopyranose-(1-4)-alpha-D-glucopyranose
4 non-polymer 1,2-ETHANEDIOL
#
loop_
_entity_poly.entity_id
_entity_poly.type
_entity_poly.pdbx_seq_one_letter_code
_entity_poly.pdbx_strand_id
1 'polypeptide(L)'
;MKIEEGKLVIWINGDKGYNGLAEVGKKFEKDTGIKVTVEHPDKLEEKFPQVAATGDGPDIIFWAHDRFGGYAQSGLLAEI
TPAAAFQDKLYPFTWDAVRYNGKLIAYPIAVEALSLIYNKDLLPNPPKTWEEIPALDKELKAKGKSALMFNLQEPYFTWP
LIAADGGYAFKYAAGKYDIKDVGVDNAGAKAGLTFLVDLIKNKHMNADTDYSIAEAAFNKGETAMTINGPWAWSNIDTSA
VNYGVTVLPTFKGQPSKPFVGVLSAGINAASPNKELAKEFLENYLLTDEGLEAVNKDKPLGAVALKSYEEELAKDPRIAA
TMENAQKGEIMPNIPQMSAFWYAVRTAVINAASGRQTVDAALAAAQTNAARRKPSWRERENNRRRERRRRAVAAKIYTGL
RAQGDYNLPKHCDNNEVLKALCVEAGWVVEEDGTTYRKG
;
C,D,A,B
2 'polydeoxyribonucleotide' (DT)(DT)(DC)(DG)(DC)(DA)(DC)(DG)(DT)(DG)(DC)(DG)(DA)(DA)(DA) G,H,E,F
#
# COMPACT_ATOMS: atom_id res chain seq x y z
N LYS A 2 -29.97 -34.94 7.08
CA LYS A 2 -30.95 -35.31 6.07
C LYS A 2 -32.34 -34.84 6.51
N ILE A 3 -33.30 -34.97 5.60
CA ILE A 3 -34.66 -34.52 5.82
C ILE A 3 -35.53 -35.72 6.18
N GLU A 4 -36.28 -35.59 7.26
CA GLU A 4 -37.19 -36.63 7.69
C GLU A 4 -38.57 -36.44 7.06
N GLU A 5 -39.26 -37.54 6.82
CA GLU A 5 -40.63 -37.48 6.34
C GLU A 5 -41.55 -37.01 7.46
N GLY A 6 -42.37 -36.00 7.15
CA GLY A 6 -43.26 -35.43 8.15
C GLY A 6 -42.69 -34.29 8.95
N LYS A 7 -41.47 -33.84 8.64
CA LYS A 7 -40.86 -32.68 9.25
C LYS A 7 -40.44 -31.69 8.18
N LEU A 8 -40.36 -30.42 8.56
CA LEU A 8 -39.98 -29.35 7.65
C LEU A 8 -38.82 -28.57 8.25
N VAL A 9 -37.71 -28.48 7.52
CA VAL A 9 -36.56 -27.69 7.94
C VAL A 9 -36.25 -26.67 6.84
N ILE A 10 -35.97 -25.43 7.25
CA ILE A 10 -35.87 -24.30 6.34
C ILE A 10 -34.56 -23.56 6.59
N TRP A 11 -33.89 -23.17 5.52
CA TRP A 11 -32.68 -22.35 5.59
C TRP A 11 -32.97 -20.97 5.04
N ILE A 12 -32.68 -19.94 5.85
CA ILE A 12 -32.82 -18.54 5.45
C ILE A 12 -31.59 -17.80 5.95
N ASN A 13 -31.28 -16.68 5.29
CA ASN A 13 -30.09 -15.92 5.67
C ASN A 13 -30.28 -15.26 7.04
N GLY A 14 -29.16 -15.08 7.74
CA GLY A 14 -29.20 -14.55 9.09
C GLY A 14 -29.70 -13.13 9.20
N ASP A 15 -29.68 -12.37 8.11
CA ASP A 15 -30.14 -11.00 8.11
C ASP A 15 -31.64 -10.87 7.88
N LYS A 16 -32.33 -11.97 7.61
CA LYS A 16 -33.78 -11.96 7.42
C LYS A 16 -34.49 -12.32 8.72
N GLY A 17 -35.80 -12.16 8.70
CA GLY A 17 -36.61 -12.42 9.89
C GLY A 17 -36.91 -13.89 10.10
N TYR A 18 -35.89 -14.68 10.45
CA TYR A 18 -36.11 -16.11 10.66
C TYR A 18 -36.99 -16.36 11.88
N ASN A 19 -36.94 -15.49 12.89
CA ASN A 19 -37.85 -15.63 14.02
C ASN A 19 -39.30 -15.43 13.59
N GLY A 20 -39.54 -14.46 12.71
CA GLY A 20 -40.86 -14.31 12.15
C GLY A 20 -41.28 -15.51 11.33
N LEU A 21 -40.35 -16.04 10.52
CA LEU A 21 -40.64 -17.24 9.74
C LEU A 21 -40.89 -18.44 10.65
N ALA A 22 -40.28 -18.46 11.84
CA ALA A 22 -40.50 -19.55 12.77
C ALA A 22 -41.92 -19.54 13.32
N GLU A 23 -42.47 -18.34 13.56
CA GLU A 23 -43.85 -18.25 14.02
C GLU A 23 -44.83 -18.75 12.97
N VAL A 24 -44.51 -18.55 11.68
CA VAL A 24 -45.33 -19.11 10.62
C VAL A 24 -45.28 -20.64 10.65
N GLY A 25 -44.10 -21.20 10.90
CA GLY A 25 -44.00 -22.64 11.06
C GLY A 25 -44.75 -23.16 12.26
N LYS A 26 -44.79 -22.38 13.35
CA LYS A 26 -45.51 -22.81 14.54
C LYS A 26 -47.01 -22.91 14.26
N LYS A 27 -47.56 -21.98 13.48
CA LYS A 27 -48.97 -22.08 13.09
C LYS A 27 -49.19 -23.27 12.15
N PHE A 28 -48.23 -23.52 11.26
CA PHE A 28 -48.31 -24.71 10.41
C PHE A 28 -48.30 -25.98 11.24
N GLU A 29 -47.51 -26.01 12.32
CA GLU A 29 -47.48 -27.15 13.21
C GLU A 29 -48.80 -27.29 13.98
N LYS A 30 -49.49 -26.18 14.22
CA LYS A 30 -50.71 -26.22 15.01
C LYS A 30 -51.91 -26.72 14.21
N ASP A 31 -51.90 -26.55 12.90
CA ASP A 31 -53.04 -26.92 12.06
C ASP A 31 -52.86 -28.27 11.37
N THR A 32 -51.63 -28.68 11.09
CA THR A 32 -51.38 -29.95 10.42
C THR A 32 -50.53 -30.91 11.25
N GLY A 33 -50.00 -30.47 12.39
CA GLY A 33 -49.20 -31.35 13.23
C GLY A 33 -47.79 -31.60 12.74
N ILE A 34 -47.24 -30.70 11.93
CA ILE A 34 -45.95 -30.89 11.28
C ILE A 34 -44.97 -29.87 11.86
N LYS A 35 -43.94 -30.36 12.56
CA LYS A 35 -42.94 -29.46 13.13
C LYS A 35 -42.13 -28.79 12.03
N VAL A 36 -41.87 -27.51 12.21
CA VAL A 36 -41.11 -26.70 11.25
C VAL A 36 -39.95 -26.05 11.98
N THR A 37 -38.73 -26.32 11.51
CA THR A 37 -37.51 -25.79 12.11
C THR A 37 -36.83 -24.85 11.12
N VAL A 38 -36.52 -23.64 11.57
CA VAL A 38 -35.88 -22.63 10.74
C VAL A 38 -34.46 -22.43 11.26
N GLU A 39 -33.49 -22.56 10.35
CA GLU A 39 -32.08 -22.37 10.68
C GLU A 39 -31.48 -21.31 9.77
N HIS A 40 -30.49 -20.58 10.29
CA HIS A 40 -29.77 -19.56 9.53
C HIS A 40 -28.28 -19.84 9.61
N PRO A 41 -27.77 -20.79 8.81
CA PRO A 41 -26.35 -21.09 8.83
C PRO A 41 -25.54 -20.18 7.91
N ASP A 42 -24.27 -20.01 8.26
CA ASP A 42 -23.38 -19.16 7.49
C ASP A 42 -23.07 -19.81 6.15
N LYS A 43 -22.96 -18.97 5.11
CA LYS A 43 -22.63 -19.42 3.76
C LYS A 43 -23.60 -20.49 3.26
N LEU A 44 -24.90 -20.23 3.47
CA LEU A 44 -25.91 -21.21 3.04
C LEU A 44 -26.03 -21.24 1.52
N GLU A 45 -25.75 -20.11 0.85
CA GLU A 45 -25.80 -20.08 -0.60
C GLU A 45 -24.74 -21.01 -1.21
N GLU A 46 -23.66 -21.27 -0.49
CA GLU A 46 -22.65 -22.22 -0.92
C GLU A 46 -22.80 -23.59 -0.27
N LYS A 47 -23.27 -23.63 0.97
CA LYS A 47 -23.47 -24.91 1.65
C LYS A 47 -24.50 -25.77 0.91
N PHE A 48 -25.57 -25.14 0.44
CA PHE A 48 -26.66 -25.90 -0.17
C PHE A 48 -26.22 -26.71 -1.39
N PRO A 49 -25.54 -26.14 -2.40
CA PRO A 49 -25.16 -26.96 -3.55
C PRO A 49 -24.16 -28.05 -3.24
N GLN A 50 -23.49 -28.00 -2.09
CA GLN A 50 -22.61 -29.10 -1.71
C GLN A 50 -23.39 -30.25 -1.12
N VAL A 51 -24.28 -29.97 -0.17
CA VAL A 51 -24.98 -31.02 0.54
C VAL A 51 -26.11 -31.60 -0.29
N ALA A 52 -26.82 -30.76 -1.05
CA ALA A 52 -28.02 -31.20 -1.74
C ALA A 52 -27.73 -32.18 -2.86
N ALA A 53 -26.49 -32.21 -3.37
CA ALA A 53 -26.15 -33.16 -4.41
C ALA A 53 -26.20 -34.59 -3.90
N THR A 54 -25.94 -34.79 -2.60
CA THR A 54 -26.01 -36.11 -1.97
C THR A 54 -27.35 -36.36 -1.30
N GLY A 55 -28.38 -35.59 -1.65
CA GLY A 55 -29.68 -35.74 -1.03
C GLY A 55 -29.86 -35.07 0.31
N ASP A 56 -28.86 -34.32 0.77
CA ASP A 56 -28.91 -33.67 2.06
C ASP A 56 -29.41 -32.23 1.86
N GLY A 57 -29.20 -31.37 2.86
CA GLY A 57 -29.72 -30.02 2.82
C GLY A 57 -31.10 -29.93 3.43
N PRO A 58 -31.67 -28.73 3.49
CA PRO A 58 -32.98 -28.54 4.11
C PRO A 58 -34.11 -28.82 3.12
N ASP A 59 -35.32 -28.69 3.62
CA ASP A 59 -36.47 -28.90 2.78
C ASP A 59 -36.70 -27.71 1.93
N ILE A 60 -36.58 -26.52 2.49
CA ILE A 60 -36.76 -25.27 1.77
C ILE A 60 -35.55 -24.40 2.02
N ILE A 61 -35.03 -23.78 0.97
CA ILE A 61 -33.91 -22.85 1.07
C ILE A 61 -34.38 -21.48 0.61
N PHE A 62 -34.07 -20.46 1.39
CA PHE A 62 -34.42 -19.08 1.09
C PHE A 62 -33.17 -18.33 0.66
N TRP A 63 -33.22 -17.72 -0.53
CA TRP A 63 -32.14 -16.87 -1.00
C TRP A 63 -32.67 -16.01 -2.12
N ALA A 64 -31.89 -14.99 -2.48
CA ALA A 64 -32.19 -14.20 -3.66
C ALA A 64 -32.13 -15.08 -4.91
N HIS A 65 -32.80 -14.62 -5.96
CA HIS A 65 -33.07 -15.46 -7.12
C HIS A 65 -31.87 -15.71 -8.01
N ASP A 66 -30.75 -15.03 -7.79
CA ASP A 66 -29.63 -15.15 -8.73
C ASP A 66 -28.94 -16.49 -8.62
N ARG A 67 -28.97 -17.12 -7.44
CA ARG A 67 -28.29 -18.39 -7.22
C ARG A 67 -29.14 -19.61 -7.59
N PHE A 68 -30.43 -19.43 -7.82
CA PHE A 68 -31.31 -20.59 -7.96
C PHE A 68 -31.11 -21.29 -9.30
N GLY A 69 -30.85 -20.53 -10.36
CA GLY A 69 -30.65 -21.16 -11.66
C GLY A 69 -29.49 -22.13 -11.66
N GLY A 70 -28.40 -21.76 -11.00
CA GLY A 70 -27.28 -22.68 -10.87
C GLY A 70 -27.65 -23.92 -10.08
N TYR A 71 -28.49 -23.77 -9.06
CA TYR A 71 -29.00 -24.91 -8.32
C TYR A 71 -29.83 -25.81 -9.23
N ALA A 72 -30.72 -25.21 -10.04
CA ALA A 72 -31.62 -26.00 -10.88
C ALA A 72 -30.85 -26.76 -11.94
N GLN A 73 -29.80 -26.14 -12.49
CA GLN A 73 -28.98 -26.81 -13.49
C GLN A 73 -28.33 -28.06 -12.92
N SER A 74 -28.07 -28.08 -11.61
CA SER A 74 -27.54 -29.26 -10.93
C SER A 74 -28.64 -30.20 -10.44
N GLY A 75 -29.90 -29.94 -10.79
CA GLY A 75 -30.99 -30.79 -10.37
C GLY A 75 -31.27 -30.77 -8.88
N LEU A 76 -30.99 -29.66 -8.20
CA LEU A 76 -31.11 -29.58 -6.76
C LEU A 76 -32.48 -29.11 -6.28
N LEU A 77 -33.30 -28.55 -7.16
CA LEU A 77 -34.57 -27.98 -6.77
C LEU A 77 -35.72 -28.77 -7.36
N ALA A 78 -36.80 -28.89 -6.60
CA ALA A 78 -38.04 -29.40 -7.14
C ALA A 78 -38.67 -28.36 -8.05
N GLU A 79 -39.25 -28.82 -9.16
CA GLU A 79 -39.97 -27.93 -10.05
C GLU A 79 -41.25 -27.46 -9.38
N ILE A 80 -41.46 -26.14 -9.37
CA ILE A 80 -42.61 -25.56 -8.69
C ILE A 80 -43.86 -25.78 -9.54
N THR A 81 -44.87 -26.42 -8.94
CA THR A 81 -46.13 -26.73 -9.60
C THR A 81 -47.27 -26.01 -8.89
N PRO A 82 -47.38 -24.69 -9.06
CA PRO A 82 -48.50 -23.97 -8.44
C PRO A 82 -49.67 -23.82 -9.40
N ALA A 83 -50.89 -23.92 -8.88
CA ALA A 83 -52.08 -23.71 -9.69
C ALA A 83 -52.00 -22.37 -10.41
N ALA A 84 -52.56 -22.31 -11.62
CA ALA A 84 -52.65 -21.03 -12.32
C ALA A 84 -53.42 -20.01 -11.49
N ALA A 85 -54.36 -20.47 -10.68
CA ALA A 85 -55.09 -19.56 -9.79
C ALA A 85 -54.17 -18.94 -8.76
N PHE A 86 -53.17 -19.68 -8.28
CA PHE A 86 -52.24 -19.16 -7.29
C PHE A 86 -51.18 -18.27 -7.93
N GLN A 87 -50.74 -18.60 -9.14
CA GLN A 87 -49.71 -17.80 -9.80
C GLN A 87 -50.17 -16.37 -10.04
N ASP A 88 -51.48 -16.16 -10.24
CA ASP A 88 -51.99 -14.82 -10.45
C ASP A 88 -51.94 -13.97 -9.20
N LYS A 89 -51.90 -14.59 -8.02
CA LYS A 89 -51.84 -13.86 -6.76
C LYS A 89 -50.53 -13.10 -6.58
N LEU A 90 -49.51 -13.30 -7.40
CA LEU A 90 -48.23 -12.61 -7.23
C LEU A 90 -47.92 -11.81 -8.47
N TYR A 91 -47.07 -10.81 -8.38
CA TYR A 91 -46.74 -10.01 -9.55
C TYR A 91 -46.09 -10.86 -10.53
N PRO A 92 -46.44 -10.73 -11.78
CA PRO A 92 -45.89 -11.62 -12.76
C PRO A 92 -44.39 -11.59 -12.94
N PHE A 93 -43.78 -10.45 -12.82
CA PHE A 93 -42.34 -10.29 -13.00
C PHE A 93 -41.54 -10.99 -11.90
N THR A 94 -42.14 -11.20 -10.72
CA THR A 94 -41.47 -11.99 -9.70
C THR A 94 -41.39 -13.46 -10.10
N TRP A 95 -42.40 -13.96 -10.82
CA TRP A 95 -42.32 -15.30 -11.37
C TRP A 95 -41.22 -15.40 -12.43
N ASP A 96 -40.94 -14.30 -13.13
CA ASP A 96 -39.89 -14.31 -14.14
C ASP A 96 -38.53 -14.54 -13.51
N ALA A 97 -38.29 -13.95 -12.33
CA ALA A 97 -36.99 -14.12 -11.68
C ALA A 97 -36.75 -15.56 -11.27
N VAL A 98 -37.80 -16.33 -11.05
CA VAL A 98 -37.69 -17.72 -10.64
C VAL A 98 -38.02 -18.67 -11.77
N ARG A 99 -37.98 -18.21 -13.02
CA ARG A 99 -38.15 -19.07 -14.17
C ARG A 99 -36.80 -19.39 -14.78
N TYR A 100 -36.56 -20.66 -15.08
CA TYR A 100 -35.29 -21.12 -15.64
C TYR A 100 -35.56 -22.31 -16.54
N ASN A 101 -35.07 -22.24 -17.77
CA ASN A 101 -35.30 -23.28 -18.78
C ASN A 101 -36.79 -23.55 -18.96
N GLY A 102 -37.58 -22.48 -18.87
CA GLY A 102 -39.03 -22.55 -19.03
C GLY A 102 -39.80 -22.91 -17.78
N LYS A 103 -39.17 -23.65 -16.86
CA LYS A 103 -39.85 -24.09 -15.65
C LYS A 103 -39.73 -23.05 -14.54
N LEU A 104 -40.64 -23.13 -13.59
CA LEU A 104 -40.55 -22.34 -12.35
C LEU A 104 -39.85 -23.18 -11.30
N ILE A 105 -38.87 -22.59 -10.62
CA ILE A 105 -38.00 -23.34 -9.71
C ILE A 105 -38.04 -22.83 -8.28
N ALA A 106 -38.68 -21.70 -8.00
CA ALA A 106 -38.77 -21.22 -6.64
C ALA A 106 -40.02 -20.37 -6.48
N TYR A 107 -40.44 -20.20 -5.24
CA TYR A 107 -41.56 -19.31 -4.92
C TYR A 107 -41.00 -17.93 -4.61
N PRO A 108 -41.26 -16.92 -5.43
CA PRO A 108 -40.76 -15.58 -5.11
C PRO A 108 -41.46 -15.03 -3.87
N ILE A 109 -40.68 -14.42 -2.98
CA ILE A 109 -41.19 -13.91 -1.72
C ILE A 109 -41.25 -12.37 -1.73
N ALA A 110 -40.10 -11.71 -1.89
CA ALA A 110 -40.04 -10.26 -1.81
C ALA A 110 -39.07 -9.73 -2.85
N VAL A 111 -39.16 -8.42 -3.08
CA VAL A 111 -38.27 -7.71 -3.99
C VAL A 111 -37.36 -6.82 -3.16
N GLU A 112 -36.05 -6.95 -3.35
CA GLU A 112 -35.06 -6.24 -2.56
C GLU A 112 -34.21 -5.36 -3.47
N ALA A 113 -34.03 -4.11 -3.06
CA ALA A 113 -33.14 -3.19 -3.74
C ALA A 113 -32.42 -2.33 -2.70
N LEU A 114 -31.14 -2.09 -2.92
CA LEU A 114 -30.39 -1.25 -2.02
C LEU A 114 -30.87 0.20 -2.14
N SER A 115 -30.85 0.90 -1.01
CA SER A 115 -31.21 2.31 -0.97
C SER A 115 -30.23 3.03 -0.06
N LEU A 116 -30.22 4.36 -0.17
CA LEU A 116 -29.42 5.19 0.72
C LEU A 116 -30.22 5.46 1.98
N ILE A 117 -29.69 5.02 3.12
CA ILE A 117 -30.29 5.25 4.43
C ILE A 117 -29.47 6.32 5.13
N TYR A 118 -30.12 7.41 5.53
CA TYR A 118 -29.42 8.55 6.09
C TYR A 118 -30.05 8.99 7.40
N ASN A 119 -29.21 9.54 8.27
CA ASN A 119 -29.65 10.06 9.56
C ASN A 119 -30.19 11.47 9.35
N LYS A 120 -31.52 11.62 9.53
CA LYS A 120 -32.16 12.90 9.27
C LYS A 120 -31.63 14.00 10.19
N ASP A 121 -31.29 13.67 11.44
CA ASP A 121 -30.85 14.68 12.39
C ASP A 121 -29.48 15.23 12.01
N LEU A 122 -28.56 14.34 11.61
CA LEU A 122 -27.22 14.78 11.24
C LEU A 122 -27.23 15.49 9.89
N LEU A 123 -27.72 14.81 8.85
CA LEU A 123 -27.80 15.36 7.49
C LEU A 123 -29.26 15.53 7.09
N PRO A 124 -29.86 16.70 7.35
CA PRO A 124 -31.27 16.89 6.96
C PRO A 124 -31.50 16.77 5.46
N ASN A 125 -30.56 17.25 4.65
CA ASN A 125 -30.68 17.15 3.19
C ASN A 125 -29.65 16.13 2.68
N PRO A 126 -30.06 14.93 2.34
CA PRO A 126 -29.11 13.92 1.86
C PRO A 126 -28.43 14.39 0.57
N PRO A 127 -27.14 14.14 0.43
CA PRO A 127 -26.46 14.51 -0.83
C PRO A 127 -27.04 13.73 -2.00
N LYS A 128 -27.24 14.44 -3.11
CA LYS A 128 -27.85 13.87 -4.31
C LYS A 128 -26.82 13.32 -5.29
N THR A 129 -25.55 13.26 -4.91
CA THR A 129 -24.50 12.97 -5.87
C THR A 129 -23.33 12.30 -5.17
N TRP A 130 -22.75 11.27 -5.81
CA TRP A 130 -21.59 10.60 -5.27
C TRP A 130 -20.39 11.54 -5.17
N GLU A 131 -20.22 12.41 -6.16
CA GLU A 131 -19.05 13.27 -6.24
C GLU A 131 -19.00 14.29 -5.10
N GLU A 132 -20.15 14.72 -4.61
CA GLU A 132 -20.19 15.68 -3.51
C GLU A 132 -19.98 15.04 -2.14
N ILE A 133 -19.84 13.72 -2.09
CA ILE A 133 -19.70 12.97 -0.84
C ILE A 133 -18.36 13.25 -0.16
N PRO A 134 -17.22 13.23 -0.87
CA PRO A 134 -15.95 13.55 -0.19
C PRO A 134 -15.95 14.92 0.46
N ALA A 135 -16.62 15.91 -0.14
CA ALA A 135 -16.75 17.21 0.49
C ALA A 135 -17.61 17.13 1.74
N LEU A 136 -18.70 16.35 1.69
CA LEU A 136 -19.54 16.15 2.86
C LEU A 136 -18.77 15.53 4.01
N ASP A 137 -17.83 14.63 3.70
CA ASP A 137 -17.04 13.97 4.73
C ASP A 137 -16.12 14.95 5.45
N LYS A 138 -15.57 15.91 4.71
CA LYS A 138 -14.69 16.92 5.32
C LYS A 138 -15.43 17.70 6.39
N GLU A 139 -16.64 18.19 6.07
CA GLU A 139 -17.46 18.84 7.09
C GLU A 139 -17.75 17.89 8.25
N LEU A 140 -17.99 16.62 7.93
CA LEU A 140 -18.41 15.64 8.92
C LEU A 140 -17.27 15.21 9.84
N LYS A 141 -16.06 15.09 9.28
CA LYS A 141 -14.91 14.73 10.09
C LYS A 141 -14.61 15.78 11.15
N ALA A 142 -14.99 17.03 10.89
CA ALA A 142 -14.77 18.10 11.86
C ALA A 142 -15.60 17.93 13.12
N LYS A 143 -16.70 17.18 13.04
CA LYS A 143 -17.51 16.84 14.20
C LYS A 143 -17.10 15.51 14.83
N GLY A 144 -16.10 14.83 14.27
CA GLY A 144 -15.74 13.51 14.71
C GLY A 144 -16.59 12.41 14.12
N LYS A 145 -17.35 12.69 13.09
CA LYS A 145 -18.24 11.74 12.43
C LYS A 145 -17.72 11.45 11.03
N SER A 146 -18.47 10.68 10.25
CA SER A 146 -18.15 10.40 8.86
C SER A 146 -19.42 10.48 8.05
N ALA A 147 -19.29 10.48 6.73
CA ALA A 147 -20.45 10.60 5.87
C ALA A 147 -21.07 9.23 5.56
N LEU A 148 -20.29 8.36 4.93
CA LEU A 148 -20.82 7.12 4.38
C LEU A 148 -19.99 5.94 4.85
N MET A 149 -20.68 4.86 5.18
CA MET A 149 -20.08 3.61 5.54
C MET A 149 -21.05 2.48 5.19
N PHE A 150 -20.55 1.51 4.43
CA PHE A 150 -21.35 0.37 3.98
C PHE A 150 -20.53 -0.87 3.86
N ASN A 151 -21.09 -2.00 3.49
CA ASN A 151 -20.29 -3.19 3.38
C ASN A 151 -19.40 -3.21 2.17
N LEU A 152 -18.11 -3.22 2.40
CA LEU A 152 -17.13 -3.28 1.34
C LEU A 152 -16.66 -4.70 1.04
N GLN A 153 -17.16 -5.70 1.77
CA GLN A 153 -16.71 -7.07 1.59
C GLN A 153 -17.60 -7.88 0.65
N GLU A 154 -18.84 -7.45 0.41
CA GLU A 154 -19.70 -8.09 -0.56
C GLU A 154 -19.92 -7.17 -1.75
N PRO A 155 -19.67 -7.64 -2.98
CA PRO A 155 -19.82 -6.74 -4.14
C PRO A 155 -21.24 -6.27 -4.37
N TYR A 156 -22.22 -6.87 -3.70
CA TYR A 156 -23.61 -6.44 -3.82
C TYR A 156 -23.79 -4.98 -3.47
N PHE A 157 -22.98 -4.47 -2.54
CA PHE A 157 -23.12 -3.10 -2.06
C PHE A 157 -22.36 -2.09 -2.92
N THR A 158 -21.26 -2.51 -3.55
CA THR A 158 -20.47 -1.62 -4.39
C THR A 158 -20.99 -1.56 -5.82
N TRP A 159 -21.66 -2.61 -6.28
CA TRP A 159 -22.14 -2.68 -7.66
C TRP A 159 -22.93 -1.45 -8.13
N PRO A 160 -23.87 -0.88 -7.35
CA PRO A 160 -24.61 0.29 -7.85
C PRO A 160 -23.71 1.42 -8.33
N LEU A 161 -22.51 1.56 -7.74
CA LEU A 161 -21.55 2.55 -8.22
C LEU A 161 -20.83 2.08 -9.47
N ILE A 162 -20.46 0.80 -9.51
CA ILE A 162 -19.76 0.23 -10.66
C ILE A 162 -20.67 0.27 -11.90
N ALA A 163 -21.96 0.05 -11.70
CA ALA A 163 -22.89 -0.03 -12.81
C ALA A 163 -23.36 1.33 -13.29
N ALA A 164 -23.16 2.38 -12.50
CA ALA A 164 -23.74 3.69 -12.80
C ALA A 164 -23.25 4.22 -14.14
N ASP A 165 -21.96 4.19 -14.36
CA ASP A 165 -21.42 4.70 -15.58
C ASP A 165 -21.20 3.66 -16.61
N GLY A 166 -22.02 2.64 -16.65
CA GLY A 166 -21.84 1.65 -17.68
C GLY A 166 -21.28 0.28 -17.45
N GLY A 167 -21.10 -0.12 -16.23
CA GLY A 167 -20.64 -1.46 -16.01
C GLY A 167 -21.85 -2.36 -15.96
N TYR A 168 -21.65 -3.59 -16.27
CA TYR A 168 -22.72 -4.58 -16.24
C TYR A 168 -22.12 -5.95 -16.03
N ALA A 169 -22.98 -6.92 -15.68
CA ALA A 169 -22.53 -8.29 -15.52
C ALA A 169 -22.46 -8.96 -16.89
N PHE A 170 -23.60 -9.39 -17.40
CA PHE A 170 -23.70 -9.98 -18.73
C PHE A 170 -24.70 -9.18 -19.57
N LYS A 171 -24.42 -9.06 -20.86
CA LYS A 171 -25.30 -8.34 -21.76
C LYS A 171 -26.48 -9.20 -22.18
N TYR A 172 -27.67 -8.61 -22.18
CA TYR A 172 -28.87 -9.28 -22.64
C TYR A 172 -29.09 -8.94 -24.12
N ALA A 173 -29.30 -9.97 -24.93
CA ALA A 173 -29.53 -9.78 -26.36
C ALA A 173 -30.25 -10.99 -26.92
N ALA A 174 -31.30 -10.73 -27.70
CA ALA A 174 -32.04 -11.78 -28.40
C ALA A 174 -32.63 -12.80 -27.42
N GLY A 175 -33.17 -12.32 -26.32
CA GLY A 175 -33.92 -13.18 -25.41
C GLY A 175 -33.09 -14.04 -24.48
N LYS A 176 -31.80 -13.74 -24.31
CA LYS A 176 -30.97 -14.51 -23.39
C LYS A 176 -29.74 -13.69 -23.03
N TYR A 177 -29.09 -14.11 -21.94
CA TYR A 177 -27.87 -13.45 -21.48
C TYR A 177 -26.66 -14.08 -22.16
N ASP A 178 -25.75 -13.21 -22.61
CA ASP A 178 -24.51 -13.66 -23.27
C ASP A 178 -23.46 -13.86 -22.18
N ILE A 179 -23.19 -15.13 -21.85
CA ILE A 179 -22.21 -15.44 -20.81
C ILE A 179 -20.79 -15.04 -21.21
N LYS A 180 -20.55 -14.76 -22.49
CA LYS A 180 -19.22 -14.36 -22.95
C LYS A 180 -19.06 -12.86 -23.10
N ASP A 181 -20.12 -12.07 -22.94
CA ASP A 181 -20.05 -10.62 -23.00
C ASP A 181 -20.15 -10.09 -21.57
N VAL A 182 -19.01 -9.97 -20.91
CA VAL A 182 -18.94 -9.51 -19.53
C VAL A 182 -18.48 -8.06 -19.52
N GLY A 183 -19.19 -7.21 -18.79
CA GLY A 183 -18.89 -5.80 -18.76
C GLY A 183 -18.38 -5.29 -17.43
N VAL A 184 -17.56 -6.11 -16.75
CA VAL A 184 -16.92 -5.66 -15.51
C VAL A 184 -15.57 -5.01 -15.77
N ASP A 185 -15.16 -4.90 -17.03
CA ASP A 185 -13.88 -4.33 -17.39
C ASP A 185 -14.01 -3.05 -18.21
N ASN A 186 -15.22 -2.63 -18.54
CA ASN A 186 -15.40 -1.48 -19.42
C ASN A 186 -15.10 -0.18 -18.67
N ALA A 187 -15.16 0.93 -19.41
CA ALA A 187 -14.79 2.22 -18.84
C ALA A 187 -15.73 2.62 -17.71
N GLY A 188 -17.03 2.37 -17.87
CA GLY A 188 -17.98 2.73 -16.82
C GLY A 188 -17.68 2.02 -15.51
N ALA A 189 -17.39 0.72 -15.59
CA ALA A 189 -17.03 -0.03 -14.38
C ALA A 189 -15.69 0.43 -13.82
N LYS A 190 -14.77 0.85 -14.68
CA LYS A 190 -13.48 1.34 -14.20
C LYS A 190 -13.65 2.64 -13.41
N ALA A 191 -14.39 3.59 -13.96
CA ALA A 191 -14.58 4.86 -13.29
C ALA A 191 -15.30 4.68 -11.96
N GLY A 192 -16.34 3.84 -11.94
CA GLY A 192 -17.09 3.63 -10.70
C GLY A 192 -16.21 3.10 -9.58
N LEU A 193 -15.36 2.12 -9.90
CA LEU A 193 -14.48 1.54 -8.88
C LEU A 193 -13.34 2.49 -8.54
N THR A 194 -12.82 3.20 -9.54
CA THR A 194 -11.77 4.19 -9.27
C THR A 194 -12.24 5.23 -8.26
N PHE A 195 -13.50 5.66 -8.38
CA PHE A 195 -14.05 6.61 -7.41
C PHE A 195 -14.07 5.99 -6.01
N LEU A 196 -14.55 4.75 -5.88
CA LEU A 196 -14.62 4.11 -4.58
C LEU A 196 -13.23 3.94 -3.98
N VAL A 197 -12.26 3.51 -4.79
CA VAL A 197 -10.88 3.41 -4.30
C VAL A 197 -10.36 4.80 -3.92
N ASP A 198 -10.79 5.84 -4.63
CA ASP A 198 -10.37 7.20 -4.28
C ASP A 198 -10.94 7.61 -2.93
N LEU A 199 -12.17 7.18 -2.61
CA LEU A 199 -12.74 7.47 -1.30
C LEU A 199 -11.89 6.84 -0.20
N ILE A 200 -11.33 5.65 -0.46
CA ILE A 200 -10.52 4.97 0.54
C ILE A 200 -9.13 5.58 0.62
N LYS A 201 -8.55 5.98 -0.52
CA LYS A 201 -7.24 6.58 -0.52
C LYS A 201 -7.24 7.92 0.21
N ASN A 202 -8.33 8.68 0.08
CA ASN A 202 -8.47 9.97 0.75
C ASN A 202 -9.11 9.86 2.13
N LYS A 203 -9.13 8.65 2.71
CA LYS A 203 -9.53 8.44 4.10
C LYS A 203 -10.97 8.86 4.36
N HIS A 204 -11.84 8.65 3.38
CA HIS A 204 -13.27 8.85 3.56
C HIS A 204 -14.02 7.54 3.82
N MET A 205 -13.35 6.39 3.65
CA MET A 205 -13.93 5.09 3.93
C MET A 205 -12.80 4.12 4.19
N ASN A 206 -13.12 3.04 4.91
CA ASN A 206 -12.15 2.03 5.29
C ASN A 206 -12.38 0.78 4.46
N ALA A 207 -11.28 0.19 3.97
CA ALA A 207 -11.38 -1.01 3.14
C ALA A 207 -11.75 -2.25 3.95
N ASP A 208 -11.49 -2.26 5.25
CA ASP A 208 -11.85 -3.39 6.10
C ASP A 208 -13.30 -3.33 6.58
N THR A 209 -14.05 -2.29 6.21
CA THR A 209 -15.43 -2.15 6.66
C THR A 209 -16.29 -3.29 6.12
N ASP A 210 -17.08 -3.90 7.00
CA ASP A 210 -18.00 -4.95 6.59
C ASP A 210 -19.41 -4.60 7.03
N TYR A 211 -20.32 -5.59 6.98
CA TYR A 211 -21.71 -5.34 7.32
C TYR A 211 -21.86 -4.90 8.76
N SER A 212 -21.37 -5.70 9.70
CA SER A 212 -21.58 -5.41 11.11
C SER A 212 -20.89 -4.11 11.54
N ILE A 213 -19.79 -3.75 10.89
CA ILE A 213 -19.09 -2.51 11.26
C ILE A 213 -19.89 -1.30 10.82
N ALA A 214 -20.46 -1.34 9.61
CA ALA A 214 -21.27 -0.23 9.13
C ALA A 214 -22.63 -0.19 9.83
N GLU A 215 -23.27 -1.36 9.98
CA GLU A 215 -24.57 -1.41 10.66
C GLU A 215 -24.46 -0.90 12.09
N ALA A 216 -23.36 -1.21 12.78
CA ALA A 216 -23.19 -0.73 14.14
C ALA A 216 -22.94 0.77 14.18
N ALA A 217 -22.21 1.29 13.20
CA ALA A 217 -21.80 2.69 13.25
C ALA A 217 -22.95 3.63 12.87
N PHE A 218 -23.78 3.25 11.90
CA PHE A 218 -24.93 4.07 11.58
C PHE A 218 -25.95 4.03 12.71
N ASN A 219 -26.22 2.84 13.25
CA ASN A 219 -27.18 2.73 14.36
C ASN A 219 -26.68 3.46 15.60
N LYS A 220 -25.37 3.54 15.78
CA LYS A 220 -24.78 4.28 16.90
C LYS A 220 -24.52 5.74 16.56
N GLY A 221 -24.84 6.18 15.35
CA GLY A 221 -24.78 7.59 15.02
C GLY A 221 -23.39 8.14 14.80
N GLU A 222 -22.44 7.33 14.39
CA GLU A 222 -21.10 7.80 14.05
C GLU A 222 -20.96 8.09 12.56
N THR A 223 -21.96 7.81 11.72
CA THR A 223 -21.91 8.07 10.27
C THR A 223 -23.33 8.45 9.91
N ALA A 224 -23.50 9.42 9.04
CA ALA A 224 -24.82 9.94 8.69
C ALA A 224 -25.49 9.19 7.56
N MET A 225 -24.77 8.36 6.79
CA MET A 225 -25.37 7.64 5.69
C MET A 225 -24.86 6.22 5.65
N THR A 226 -25.67 5.33 5.08
CA THR A 226 -25.29 3.94 4.89
C THR A 226 -26.09 3.40 3.72
N ILE A 227 -25.71 2.21 3.25
CA ILE A 227 -26.35 1.55 2.13
C ILE A 227 -26.76 0.14 2.57
N ASN A 228 -28.06 -0.13 2.54
CA ASN A 228 -28.57 -1.42 3.01
C ASN A 228 -30.00 -1.59 2.52
N GLY A 229 -30.42 -2.85 2.45
CA GLY A 229 -31.76 -3.19 2.02
C GLY A 229 -32.77 -3.08 3.14
N PRO A 230 -34.04 -3.36 2.80
CA PRO A 230 -35.12 -3.19 3.79
C PRO A 230 -34.94 -4.01 5.05
N TRP A 231 -34.11 -5.06 5.02
CA TRP A 231 -33.93 -5.91 6.19
C TRP A 231 -33.27 -5.18 7.35
N ALA A 232 -32.51 -4.12 7.06
CA ALA A 232 -31.72 -3.44 8.09
C ALA A 232 -32.51 -2.42 8.87
N TRP A 233 -33.75 -2.12 8.48
CA TRP A 233 -34.49 -1.03 9.11
C TRP A 233 -34.88 -1.36 10.54
N SER A 234 -35.28 -2.61 10.79
CA SER A 234 -35.83 -2.96 12.10
C SER A 234 -34.83 -2.71 13.22
N ASN A 235 -33.55 -2.96 12.96
CA ASN A 235 -32.53 -2.67 13.98
C ASN A 235 -32.39 -1.18 14.19
N ILE A 236 -32.48 -0.40 13.11
CA ILE A 236 -32.45 1.05 13.23
C ILE A 236 -33.68 1.56 13.95
N ASP A 237 -34.83 0.92 13.70
CA ASP A 237 -36.07 1.28 14.40
C ASP A 237 -35.87 1.25 15.91
N THR A 238 -35.32 0.14 16.43
CA THR A 238 -35.06 0.03 17.86
C THR A 238 -33.88 0.89 18.30
N SER A 239 -33.13 1.47 17.37
CA SER A 239 -32.05 2.37 17.70
C SER A 239 -32.60 3.79 17.96
N ALA A 240 -31.71 4.72 18.26
CA ALA A 240 -32.11 6.09 18.54
C ALA A 240 -32.10 7.00 17.32
N VAL A 241 -31.57 6.53 16.19
CA VAL A 241 -31.42 7.38 15.01
C VAL A 241 -32.79 7.63 14.38
N ASN A 242 -33.07 8.89 14.06
CA ASN A 242 -34.21 9.26 13.22
C ASN A 242 -33.74 9.28 11.77
N TYR A 243 -34.30 8.40 10.95
CA TYR A 243 -33.71 8.03 9.68
C TYR A 243 -34.71 8.18 8.55
N GLY A 244 -34.18 8.36 7.35
CA GLY A 244 -34.98 8.33 6.15
C GLY A 244 -34.34 7.44 5.10
N VAL A 245 -35.19 6.90 4.23
CA VAL A 245 -34.76 6.08 3.10
C VAL A 245 -35.01 6.88 1.83
N THR A 246 -33.98 7.01 1.00
CA THR A 246 -34.07 7.82 -0.20
C THR A 246 -33.29 7.14 -1.32
N VAL A 247 -33.36 7.75 -2.52
CA VAL A 247 -32.69 7.18 -3.68
C VAL A 247 -31.18 7.23 -3.48
N LEU A 248 -30.49 6.27 -4.08
CA LEU A 248 -29.03 6.27 -4.04
C LEU A 248 -28.50 7.45 -4.83
N PRO A 249 -27.35 8.00 -4.43
CA PRO A 249 -26.82 9.18 -5.12
C PRO A 249 -26.42 8.85 -6.55
N THR A 250 -26.32 9.89 -7.36
CA THR A 250 -25.90 9.75 -8.74
C THR A 250 -24.39 9.73 -8.84
N PHE A 251 -23.90 9.24 -9.98
CA PHE A 251 -22.48 9.25 -10.30
C PHE A 251 -22.30 9.70 -11.73
N LYS A 252 -21.57 10.80 -11.94
CA LYS A 252 -21.37 11.39 -13.26
C LYS A 252 -22.71 11.68 -13.94
N GLY A 253 -23.69 12.11 -13.14
CA GLY A 253 -24.99 12.46 -13.65
C GLY A 253 -25.96 11.30 -13.84
N GLN A 254 -25.45 10.07 -13.88
CA GLN A 254 -26.31 8.90 -14.04
C GLN A 254 -26.59 8.27 -12.68
N PRO A 255 -27.78 7.68 -12.49
CA PRO A 255 -28.12 7.11 -11.19
C PRO A 255 -27.31 5.86 -10.91
N SER A 256 -27.23 5.52 -9.62
CA SER A 256 -26.70 4.23 -9.22
C SER A 256 -27.69 3.14 -9.61
N LYS A 257 -27.16 2.05 -10.16
CA LYS A 257 -28.02 0.98 -10.67
C LYS A 257 -27.84 -0.28 -9.84
N PRO A 258 -28.56 -0.41 -8.72
CA PRO A 258 -28.37 -1.59 -7.87
C PRO A 258 -28.99 -2.83 -8.49
N PHE A 259 -28.32 -3.97 -8.29
CA PHE A 259 -28.88 -5.24 -8.70
C PHE A 259 -30.10 -5.55 -7.83
N VAL A 260 -31.24 -5.82 -8.47
CA VAL A 260 -32.48 -6.09 -7.75
C VAL A 260 -32.60 -7.60 -7.55
N GLY A 261 -32.81 -8.01 -6.32
CA GLY A 261 -32.91 -9.42 -5.98
C GLY A 261 -34.29 -9.77 -5.45
N VAL A 262 -34.80 -10.91 -5.90
CA VAL A 262 -36.08 -11.45 -5.44
C VAL A 262 -35.78 -12.55 -4.43
N LEU A 263 -36.05 -12.29 -3.15
CA LEU A 263 -35.95 -13.33 -2.15
C LEU A 263 -36.91 -14.46 -2.50
N SER A 264 -36.38 -15.67 -2.66
CA SER A 264 -37.16 -16.79 -3.14
C SER A 264 -36.93 -18.02 -2.27
N ALA A 265 -37.92 -18.91 -2.27
CA ALA A 265 -37.88 -20.15 -1.51
C ALA A 265 -37.96 -21.31 -2.50
N GLY A 266 -36.88 -22.09 -2.59
CA GLY A 266 -36.86 -23.28 -3.41
C GLY A 266 -37.03 -24.52 -2.58
N ILE A 267 -37.51 -25.59 -3.21
CA ILE A 267 -37.78 -26.86 -2.55
C ILE A 267 -36.73 -27.86 -2.99
N ASN A 268 -36.01 -28.43 -2.03
CA ASN A 268 -35.00 -29.44 -2.31
C ASN A 268 -35.60 -30.60 -3.09
N ALA A 269 -34.90 -31.01 -4.15
CA ALA A 269 -35.39 -32.12 -4.97
C ALA A 269 -35.41 -33.44 -4.22
N ALA A 270 -34.59 -33.59 -3.19
CA ALA A 270 -34.52 -34.82 -2.41
C ALA A 270 -35.45 -34.79 -1.20
N SER A 271 -36.49 -34.00 -1.23
CA SER A 271 -37.36 -33.92 -0.07
C SER A 271 -38.65 -34.72 -0.15
N PRO A 272 -38.79 -35.74 0.69
CA PRO A 272 -40.06 -36.47 0.75
C PRO A 272 -41.20 -35.63 1.30
N ASN A 273 -40.95 -34.35 1.59
CA ASN A 273 -41.97 -33.42 2.08
C ASN A 273 -42.26 -32.33 1.06
N LYS A 274 -42.14 -32.65 -0.24
CA LYS A 274 -42.39 -31.67 -1.28
C LYS A 274 -43.82 -31.14 -1.23
N GLU A 275 -44.79 -32.06 -1.16
CA GLU A 275 -46.18 -31.67 -1.03
C GLU A 275 -46.41 -30.82 0.21
N LEU A 276 -45.78 -31.20 1.33
CA LEU A 276 -45.90 -30.43 2.55
C LEU A 276 -45.24 -29.06 2.42
N ALA A 277 -44.07 -29.00 1.78
CA ALA A 277 -43.39 -27.72 1.60
C ALA A 277 -44.20 -26.79 0.70
N LYS A 278 -44.81 -27.34 -0.35
CA LYS A 278 -45.66 -26.53 -1.22
C LYS A 278 -46.88 -26.01 -0.47
N GLU A 279 -47.44 -26.83 0.44
CA GLU A 279 -48.57 -26.38 1.25
C GLU A 279 -48.19 -25.23 2.16
N PHE A 280 -47.01 -25.31 2.79
CA PHE A 280 -46.60 -24.31 3.76
C PHE A 280 -46.26 -22.98 3.08
N LEU A 281 -45.66 -23.04 1.90
CA LEU A 281 -45.29 -21.81 1.20
C LEU A 281 -46.50 -21.14 0.56
N GLU A 282 -47.47 -21.93 0.08
CA GLU A 282 -48.58 -21.35 -0.67
C GLU A 282 -49.70 -20.85 0.23
N ASN A 283 -50.00 -21.57 1.30
CA ASN A 283 -51.18 -21.28 2.11
C ASN A 283 -50.86 -20.79 3.51
N TYR A 284 -49.59 -20.69 3.88
CA TYR A 284 -49.27 -20.19 5.20
C TYR A 284 -48.26 -19.04 5.17
N LEU A 285 -47.27 -19.09 4.29
CA LEU A 285 -46.29 -18.01 4.20
C LEU A 285 -46.72 -16.92 3.21
N LEU A 286 -47.05 -17.31 1.98
CA LEU A 286 -47.40 -16.32 0.97
C LEU A 286 -48.84 -15.85 1.15
N THR A 287 -49.16 -15.41 2.37
CA THR A 287 -50.45 -14.83 2.71
C THR A 287 -50.20 -13.51 3.41
N ASP A 288 -51.29 -12.75 3.61
CA ASP A 288 -51.19 -11.51 4.38
C ASP A 288 -50.63 -11.78 5.77
N GLU A 289 -51.27 -12.70 6.50
CA GLU A 289 -50.86 -12.99 7.87
C GLU A 289 -49.47 -13.60 7.93
N GLY A 290 -49.13 -14.44 6.95
CA GLY A 290 -47.84 -15.11 6.97
C GLY A 290 -46.69 -14.16 6.68
N LEU A 291 -46.80 -13.38 5.60
CA LEU A 291 -45.74 -12.41 5.28
C LEU A 291 -45.67 -11.30 6.32
N GLU A 292 -46.79 -10.95 6.94
CA GLU A 292 -46.79 -9.93 7.97
C GLU A 292 -45.94 -10.36 9.16
N ALA A 293 -46.01 -11.64 9.53
CA ALA A 293 -45.23 -12.12 10.67
C ALA A 293 -43.73 -12.06 10.38
N VAL A 294 -43.31 -12.47 9.18
CA VAL A 294 -41.91 -12.34 8.81
C VAL A 294 -41.53 -10.88 8.68
N ASN A 295 -42.43 -10.07 8.10
CA ASN A 295 -42.11 -8.66 7.86
C ASN A 295 -41.94 -7.89 9.17
N LYS A 296 -42.77 -8.20 10.18
CA LYS A 296 -42.64 -7.52 11.46
C LYS A 296 -41.30 -7.81 12.13
N ASP A 297 -40.75 -8.99 11.89
CA ASP A 297 -39.42 -9.31 12.40
C ASP A 297 -38.36 -8.47 11.69
N LYS A 298 -38.22 -8.66 10.38
CA LYS A 298 -37.29 -7.91 9.55
C LYS A 298 -38.05 -7.57 8.27
N PRO A 299 -38.06 -6.31 7.85
CA PRO A 299 -38.83 -5.93 6.65
C PRO A 299 -38.33 -6.66 5.41
N LEU A 300 -39.26 -7.34 4.72
CA LEU A 300 -38.90 -8.08 3.53
C LEU A 300 -38.65 -7.16 2.34
N GLY A 301 -39.42 -6.08 2.23
CA GLY A 301 -39.34 -5.19 1.09
C GLY A 301 -40.67 -5.06 0.38
N ALA A 302 -40.66 -5.20 -0.95
CA ALA A 302 -41.88 -5.16 -1.74
C ALA A 302 -42.25 -6.61 -2.06
N VAL A 303 -43.21 -7.15 -1.30
CA VAL A 303 -43.52 -8.57 -1.39
C VAL A 303 -44.17 -8.89 -2.74
N ALA A 304 -43.99 -10.14 -3.18
CA ALA A 304 -44.53 -10.57 -4.46
C ALA A 304 -46.06 -10.72 -4.41
N LEU A 305 -46.62 -10.97 -3.23
CA LEU A 305 -48.06 -11.17 -3.10
C LEU A 305 -48.78 -9.82 -3.25
N LYS A 306 -49.60 -9.72 -4.30
CA LYS A 306 -50.25 -8.43 -4.60
C LYS A 306 -51.13 -7.96 -3.45
N SER A 307 -51.87 -8.89 -2.82
CA SER A 307 -52.84 -8.50 -1.81
C SER A 307 -52.18 -7.82 -0.62
N TYR A 308 -51.08 -8.39 -0.12
CA TYR A 308 -50.37 -7.77 0.99
C TYR A 308 -49.44 -6.66 0.54
N GLU A 309 -49.04 -6.64 -0.73
CA GLU A 309 -48.14 -5.58 -1.20
C GLU A 309 -48.88 -4.26 -1.36
N GLU A 310 -50.16 -4.30 -1.74
CA GLU A 310 -50.94 -3.08 -1.81
C GLU A 310 -51.00 -2.37 -0.46
N GLU A 311 -50.87 -3.12 0.64
CA GLU A 311 -50.76 -2.51 1.96
C GLU A 311 -49.34 -2.04 2.23
N LEU A 312 -48.34 -2.87 1.89
CA LEU A 312 -46.95 -2.51 2.18
C LEU A 312 -46.48 -1.36 1.28
N ALA A 313 -47.04 -1.23 0.08
CA ALA A 313 -46.63 -0.15 -0.83
C ALA A 313 -47.00 1.22 -0.29
N LYS A 314 -47.92 1.29 0.68
CA LYS A 314 -48.28 2.55 1.32
C LYS A 314 -47.15 3.15 2.17
N ASP A 315 -46.03 2.44 2.29
CA ASP A 315 -44.87 2.84 3.08
C ASP A 315 -43.95 3.73 2.25
N PRO A 316 -43.58 4.92 2.74
CA PRO A 316 -42.62 5.75 1.99
C PRO A 316 -41.25 5.12 1.85
N ARG A 317 -40.86 4.22 2.77
CA ARG A 317 -39.58 3.54 2.62
C ARG A 317 -39.63 2.49 1.52
N ILE A 318 -40.81 1.88 1.28
CA ILE A 318 -40.94 0.92 0.20
C ILE A 318 -40.99 1.63 -1.15
N ALA A 319 -41.71 2.75 -1.22
CA ALA A 319 -41.74 3.55 -2.45
C ALA A 319 -40.38 4.14 -2.78
N ALA A 320 -39.50 4.30 -1.78
CA ALA A 320 -38.14 4.71 -2.06
C ALA A 320 -37.28 3.52 -2.48
N THR A 321 -37.45 2.39 -1.81
CA THR A 321 -36.74 1.16 -2.22
C THR A 321 -37.07 0.82 -3.67
N MET A 322 -38.33 0.99 -4.08
CA MET A 322 -38.73 0.72 -5.45
C MET A 322 -38.29 1.81 -6.41
N GLU A 323 -38.05 3.03 -5.92
CA GLU A 323 -37.49 4.05 -6.78
C GLU A 323 -36.05 3.71 -7.18
N ASN A 324 -35.29 3.11 -6.28
CA ASN A 324 -33.96 2.63 -6.62
C ASN A 324 -34.03 1.42 -7.53
N ALA A 325 -34.99 0.52 -7.29
CA ALA A 325 -35.09 -0.70 -8.08
C ALA A 325 -35.35 -0.38 -9.55
N GLN A 326 -36.23 0.59 -9.83
CA GLN A 326 -36.51 0.97 -11.20
C GLN A 326 -35.26 1.44 -11.93
N LYS A 327 -34.34 2.08 -11.20
CA LYS A 327 -33.10 2.54 -11.80
C LYS A 327 -32.07 1.42 -11.93
N GLY A 328 -32.22 0.35 -11.16
CA GLY A 328 -31.36 -0.82 -11.25
C GLY A 328 -31.91 -1.86 -12.20
N GLU A 329 -31.52 -3.11 -11.96
CA GLU A 329 -31.95 -4.21 -12.82
C GLU A 329 -32.13 -5.47 -12.00
N ILE A 330 -33.08 -6.30 -12.43
CA ILE A 330 -33.19 -7.65 -11.88
C ILE A 330 -31.94 -8.44 -12.25
N MET A 331 -31.41 -9.17 -11.29
CA MET A 331 -30.25 -10.00 -11.57
C MET A 331 -30.64 -11.13 -12.52
N PRO A 332 -29.71 -11.59 -13.34
CA PRO A 332 -29.91 -12.88 -14.01
C PRO A 332 -29.88 -13.98 -12.98
N ASN A 333 -30.55 -15.09 -13.28
CA ASN A 333 -30.49 -16.28 -12.46
C ASN A 333 -29.62 -17.36 -13.07
N ILE A 334 -28.87 -17.03 -14.13
CA ILE A 334 -28.10 -18.01 -14.89
C ILE A 334 -27.02 -18.62 -13.99
N PRO A 335 -26.59 -19.85 -14.26
CA PRO A 335 -25.64 -20.51 -13.35
C PRO A 335 -24.30 -19.80 -13.24
N GLN A 336 -23.97 -18.91 -14.17
CA GLN A 336 -22.69 -18.22 -14.13
C GLN A 336 -22.67 -17.06 -13.13
N MET A 337 -23.81 -16.72 -12.54
CA MET A 337 -23.88 -15.60 -11.61
C MET A 337 -22.93 -15.80 -10.43
N SER A 338 -22.86 -17.03 -9.92
CA SER A 338 -21.92 -17.32 -8.84
C SER A 338 -20.49 -16.99 -9.24
N ALA A 339 -20.10 -17.36 -10.46
CA ALA A 339 -18.76 -17.03 -10.94
C ALA A 339 -18.59 -15.53 -11.14
N PHE A 340 -19.65 -14.83 -11.56
CA PHE A 340 -19.57 -13.38 -11.66
C PHE A 340 -19.42 -12.75 -10.28
N TRP A 341 -20.12 -13.29 -9.28
CA TRP A 341 -20.06 -12.72 -7.94
C TRP A 341 -18.70 -12.96 -7.30
N TYR A 342 -18.11 -14.14 -7.53
CA TYR A 342 -16.78 -14.41 -6.98
C TYR A 342 -15.73 -13.50 -7.59
N ALA A 343 -15.81 -13.28 -8.91
CA ALA A 343 -14.81 -12.47 -9.59
C ALA A 343 -14.86 -11.02 -9.10
N VAL A 344 -16.06 -10.42 -9.10
CA VAL A 344 -16.19 -9.03 -8.70
C VAL A 344 -15.86 -8.86 -7.22
N ARG A 345 -16.22 -9.86 -6.40
CA ARG A 345 -15.84 -9.82 -4.99
C ARG A 345 -14.32 -9.74 -4.83
N THR A 346 -13.60 -10.61 -5.55
CA THR A 346 -12.14 -10.57 -5.50
C THR A 346 -11.61 -9.23 -6.00
N ALA A 347 -12.21 -8.69 -7.06
CA ALA A 347 -11.71 -7.45 -7.65
C ALA A 347 -11.87 -6.28 -6.69
N VAL A 348 -13.07 -6.08 -6.15
CA VAL A 348 -13.33 -4.94 -5.27
C VAL A 348 -12.43 -5.00 -4.05
N ILE A 349 -12.29 -6.19 -3.45
CA ILE A 349 -11.46 -6.32 -2.26
C ILE A 349 -10.00 -6.04 -2.58
N ASN A 350 -9.51 -6.56 -3.71
CA ASN A 350 -8.12 -6.36 -4.07
C ASN A 350 -7.83 -4.91 -4.44
N ALA A 351 -8.80 -4.24 -5.06
CA ALA A 351 -8.62 -2.82 -5.39
C ALA A 351 -8.77 -1.95 -4.16
N ALA A 352 -9.76 -2.24 -3.31
CA ALA A 352 -9.97 -1.44 -2.11
C ALA A 352 -8.79 -1.55 -1.15
N SER A 353 -8.06 -2.66 -1.19
CA SER A 353 -6.92 -2.87 -0.30
C SER A 353 -5.60 -2.41 -0.89
N GLY A 354 -5.56 -2.11 -2.20
CA GLY A 354 -4.32 -1.78 -2.85
C GLY A 354 -3.48 -2.95 -3.29
N ARG A 355 -3.97 -4.19 -3.08
CA ARG A 355 -3.24 -5.36 -3.54
C ARG A 355 -3.12 -5.38 -5.06
N GLN A 356 -4.10 -4.83 -5.77
CA GLN A 356 -4.09 -4.74 -7.21
C GLN A 356 -4.54 -3.35 -7.62
N THR A 357 -4.28 -2.99 -8.88
CA THR A 357 -4.82 -1.76 -9.42
C THR A 357 -6.26 -1.98 -9.88
N VAL A 358 -6.96 -0.88 -10.11
CA VAL A 358 -8.33 -0.97 -10.63
C VAL A 358 -8.34 -1.66 -11.98
N ASP A 359 -7.34 -1.36 -12.81
CA ASP A 359 -7.28 -1.95 -14.15
C ASP A 359 -6.92 -3.43 -14.08
N ALA A 360 -6.01 -3.81 -13.17
CA ALA A 360 -5.60 -5.20 -13.08
C ALA A 360 -6.66 -6.06 -12.42
N ALA A 361 -7.30 -5.55 -11.37
CA ALA A 361 -8.33 -6.33 -10.70
C ALA A 361 -9.54 -6.56 -11.60
N LEU A 362 -9.98 -5.52 -12.32
CA LEU A 362 -11.17 -5.65 -13.15
C LEU A 362 -10.89 -6.48 -14.40
N ALA A 363 -9.68 -6.42 -14.93
CA ALA A 363 -9.35 -7.26 -16.08
C ALA A 363 -9.31 -8.72 -15.68
N ALA A 364 -8.85 -9.02 -14.46
CA ALA A 364 -8.89 -10.40 -13.96
C ALA A 364 -10.31 -10.84 -13.67
N ALA A 365 -11.17 -9.92 -13.23
CA ALA A 365 -12.56 -10.28 -12.98
C ALA A 365 -13.32 -10.58 -14.26
N GLN A 366 -12.97 -9.91 -15.37
CA GLN A 366 -13.65 -10.18 -16.63
C GLN A 366 -13.31 -11.56 -17.16
N THR A 367 -12.05 -11.98 -17.03
CA THR A 367 -11.66 -13.30 -17.49
C THR A 367 -12.20 -14.40 -16.57
N ASN A 368 -12.30 -14.12 -15.28
CA ASN A 368 -12.84 -15.11 -14.35
C ASN A 368 -14.34 -15.30 -14.55
N ALA A 369 -15.09 -14.20 -14.64
CA ALA A 369 -16.53 -14.28 -14.85
C ALA A 369 -16.89 -14.82 -16.22
N ALA A 370 -15.99 -14.76 -17.20
CA ALA A 370 -16.22 -15.34 -18.51
C ALA A 370 -15.58 -16.71 -18.67
N ARG A 371 -14.84 -17.18 -17.66
CA ARG A 371 -14.19 -18.49 -17.75
C ARG A 371 -15.24 -19.60 -17.74
N ARG A 372 -15.14 -20.50 -18.71
CA ARG A 372 -16.06 -21.63 -18.81
C ARG A 372 -15.64 -22.70 -17.80
N LYS A 373 -16.49 -22.96 -16.83
CA LYS A 373 -16.21 -24.00 -15.84
C LYS A 373 -16.18 -25.35 -16.54
N PRO A 374 -15.04 -26.05 -16.55
CA PRO A 374 -15.02 -27.37 -17.17
C PRO A 374 -16.00 -28.32 -16.50
N SER A 375 -16.66 -29.13 -17.31
CA SER A 375 -17.61 -30.09 -16.78
C SER A 375 -16.89 -31.17 -15.98
N TRP A 376 -17.66 -31.94 -15.21
CA TRP A 376 -17.10 -33.05 -14.46
C TRP A 376 -16.37 -34.01 -15.40
N ARG A 377 -16.99 -34.35 -16.52
CA ARG A 377 -16.37 -35.28 -17.46
C ARG A 377 -15.06 -34.73 -18.00
N GLU A 378 -15.00 -33.42 -18.24
CA GLU A 378 -13.76 -32.83 -18.72
C GLU A 378 -12.67 -32.90 -17.65
N ARG A 379 -13.03 -32.57 -16.42
CA ARG A 379 -12.10 -32.75 -15.30
C ARG A 379 -11.62 -34.19 -15.22
N GLU A 380 -12.56 -35.14 -15.35
CA GLU A 380 -12.20 -36.55 -15.28
C GLU A 380 -11.30 -36.95 -16.45
N ASN A 381 -11.61 -36.45 -17.66
CA ASN A 381 -10.75 -36.72 -18.81
C ASN A 381 -9.32 -36.30 -18.53
N ASN A 382 -9.13 -35.10 -17.98
CA ASN A 382 -7.79 -34.63 -17.65
C ASN A 382 -7.15 -35.51 -16.60
N ARG A 383 -7.91 -35.91 -15.58
CA ARG A 383 -7.35 -36.73 -14.52
C ARG A 383 -6.91 -38.09 -15.04
N ARG A 384 -7.72 -38.69 -15.91
CA ARG A 384 -7.38 -40.01 -16.44
C ARG A 384 -6.18 -39.93 -17.37
N ARG A 385 -6.13 -38.92 -18.24
CA ARG A 385 -5.04 -38.80 -19.20
C ARG A 385 -3.71 -38.65 -18.49
N GLU A 386 -3.66 -37.85 -17.42
CA GLU A 386 -2.42 -37.72 -16.67
C GLU A 386 -2.14 -38.95 -15.82
N ARG A 387 -3.18 -39.66 -15.37
CA ARG A 387 -2.96 -40.93 -14.70
C ARG A 387 -2.40 -41.97 -15.66
N ARG A 388 -2.91 -41.99 -16.90
CA ARG A 388 -2.41 -42.94 -17.90
C ARG A 388 -0.97 -42.61 -18.31
N ARG A 389 -0.65 -41.32 -18.40
CA ARG A 389 0.69 -40.93 -18.78
C ARG A 389 1.70 -41.35 -17.72
N ARG A 390 1.35 -41.19 -16.44
CA ARG A 390 2.26 -41.58 -15.36
C ARG A 390 2.44 -43.10 -15.32
N ALA A 391 1.35 -43.85 -15.46
CA ALA A 391 1.45 -45.31 -15.42
C ALA A 391 2.33 -45.84 -16.54
N VAL A 392 2.30 -45.19 -17.71
CA VAL A 392 3.14 -45.60 -18.83
C VAL A 392 4.61 -45.41 -18.48
N ALA A 393 4.96 -44.22 -17.97
CA ALA A 393 6.33 -43.98 -17.53
C ALA A 393 6.72 -44.91 -16.40
N ALA A 394 5.77 -45.19 -15.50
CA ALA A 394 6.06 -46.08 -14.37
C ALA A 394 6.45 -47.47 -14.85
N LYS A 395 5.73 -48.00 -15.85
CA LYS A 395 6.05 -49.33 -16.36
C LYS A 395 7.37 -49.34 -17.10
N ILE A 396 7.73 -48.25 -17.76
CA ILE A 396 9.01 -48.18 -18.47
C ILE A 396 10.16 -48.20 -17.47
N TYR A 397 10.08 -47.37 -16.43
CA TYR A 397 11.14 -47.33 -15.43
C TYR A 397 11.16 -48.59 -14.57
N THR A 398 10.01 -49.24 -14.40
CA THR A 398 9.99 -50.52 -13.71
C THR A 398 10.81 -51.55 -14.45
N GLY A 399 10.63 -51.64 -15.77
CA GLY A 399 11.38 -52.60 -16.56
C GLY A 399 12.84 -52.24 -16.71
N LEU A 400 13.15 -50.94 -16.76
CA LEU A 400 14.55 -50.53 -16.80
C LEU A 400 15.28 -50.90 -15.53
N ARG A 401 14.63 -50.68 -14.38
CA ARG A 401 15.24 -51.08 -13.11
C ARG A 401 15.36 -52.59 -13.00
N ALA A 402 14.47 -53.33 -13.66
CA ALA A 402 14.44 -54.78 -13.52
C ALA A 402 15.50 -55.46 -14.39
N GLN A 403 15.51 -55.17 -15.69
CA GLN A 403 16.37 -55.87 -16.64
C GLN A 403 17.56 -55.03 -17.08
N GLY A 404 17.78 -53.86 -16.48
CA GLY A 404 18.85 -53.00 -16.92
C GLY A 404 20.22 -53.39 -16.41
N ASP A 405 20.34 -53.59 -15.09
CA ASP A 405 21.64 -53.81 -14.44
C ASP A 405 22.62 -52.71 -14.82
N TYR A 406 22.14 -51.50 -14.69
CA TYR A 406 22.87 -50.35 -15.10
C TYR A 406 23.92 -49.89 -14.17
N ASN A 407 24.07 -50.58 -13.05
CA ASN A 407 25.05 -50.19 -12.04
C ASN A 407 24.87 -48.80 -11.39
N LEU A 408 23.79 -48.71 -10.66
CA LEU A 408 23.41 -47.55 -9.90
C LEU A 408 23.30 -47.92 -8.43
N PRO A 409 22.95 -46.98 -7.52
CA PRO A 409 22.90 -47.19 -6.07
C PRO A 409 21.72 -48.05 -5.61
N LYS A 410 21.58 -48.20 -4.29
CA LYS A 410 20.46 -48.95 -3.74
C LYS A 410 19.14 -48.27 -4.05
N HIS A 411 19.05 -46.96 -3.78
CA HIS A 411 17.89 -46.16 -4.13
C HIS A 411 18.33 -45.01 -5.02
N CYS A 412 17.57 -44.76 -6.08
CA CYS A 412 17.85 -43.65 -6.97
C CYS A 412 16.58 -43.31 -7.74
N ASP A 413 16.41 -42.03 -8.05
CA ASP A 413 15.21 -41.57 -8.71
C ASP A 413 15.18 -42.00 -10.17
N ASN A 414 14.01 -41.83 -10.79
CA ASN A 414 13.85 -42.18 -12.20
C ASN A 414 14.82 -41.39 -13.07
N ASN A 415 15.16 -40.16 -12.67
CA ASN A 415 16.06 -39.34 -13.47
C ASN A 415 17.41 -40.02 -13.66
N GLU A 416 17.89 -40.74 -12.64
CA GLU A 416 19.16 -41.42 -12.75
C GLU A 416 19.07 -42.66 -13.65
N VAL A 417 17.93 -43.36 -13.61
CA VAL A 417 17.73 -44.49 -14.52
C VAL A 417 17.72 -44.00 -15.96
N LEU A 418 16.97 -42.93 -16.22
CA LEU A 418 16.97 -42.34 -17.55
C LEU A 418 18.36 -41.86 -17.94
N LYS A 419 19.12 -41.35 -16.97
CA LYS A 419 20.52 -40.98 -17.23
C LYS A 419 21.32 -42.20 -17.67
N ALA A 420 21.18 -43.32 -16.94
CA ALA A 420 21.93 -44.52 -17.26
C ALA A 420 21.50 -45.13 -18.59
N LEU A 421 20.22 -45.02 -18.93
CA LEU A 421 19.78 -45.51 -20.24
C LEU A 421 20.31 -44.63 -21.37
N CYS A 422 20.44 -43.32 -21.11
CA CYS A 422 20.96 -42.40 -22.14
C CYS A 422 22.38 -42.78 -22.55
N VAL A 423 23.26 -43.00 -21.58
CA VAL A 423 24.64 -43.35 -21.91
C VAL A 423 24.70 -44.71 -22.59
N GLU A 424 23.76 -45.61 -22.28
CA GLU A 424 23.74 -46.90 -22.95
C GLU A 424 23.45 -46.75 -24.43
N ALA A 425 22.60 -45.78 -24.79
CA ALA A 425 22.23 -45.53 -26.18
C ALA A 425 23.20 -44.59 -26.88
N GLY A 426 24.29 -44.22 -26.25
CA GLY A 426 25.29 -43.38 -26.85
C GLY A 426 25.19 -41.90 -26.56
N TRP A 427 24.62 -41.51 -25.42
CA TRP A 427 24.51 -40.11 -25.03
C TRP A 427 25.41 -39.83 -23.84
N VAL A 428 25.51 -38.55 -23.49
CA VAL A 428 26.09 -38.13 -22.22
C VAL A 428 25.12 -37.16 -21.57
N VAL A 429 25.04 -37.22 -20.24
CA VAL A 429 24.13 -36.40 -19.47
C VAL A 429 24.93 -35.67 -18.41
N GLU A 430 24.86 -34.34 -18.41
CA GLU A 430 25.54 -33.56 -17.38
C GLU A 430 24.71 -33.62 -16.10
N GLU A 431 25.23 -33.00 -15.04
CA GLU A 431 24.54 -33.05 -13.75
C GLU A 431 23.17 -32.39 -13.85
N ASP A 432 23.09 -31.23 -14.47
CA ASP A 432 21.84 -30.48 -14.58
C ASP A 432 20.90 -31.02 -15.65
N GLY A 433 21.27 -32.11 -16.33
CA GLY A 433 20.41 -32.70 -17.34
C GLY A 433 20.82 -32.39 -18.77
N THR A 434 21.72 -31.42 -18.98
CA THR A 434 22.19 -31.10 -20.31
C THR A 434 22.64 -32.35 -21.04
N THR A 435 22.03 -32.61 -22.20
CA THR A 435 22.14 -33.89 -22.89
C THR A 435 22.45 -33.68 -24.35
N TYR A 436 23.45 -34.40 -24.85
CA TYR A 436 23.77 -34.38 -26.28
C TYR A 436 24.48 -35.68 -26.63
N ARG A 437 24.76 -35.85 -27.93
CA ARG A 437 25.46 -37.04 -28.41
C ARG A 437 26.96 -36.80 -28.45
N LYS B 2 -5.51 -2.51 8.76
CA LYS B 2 -4.17 -2.44 9.32
C LYS B 2 -4.11 -1.41 10.45
N ILE B 3 -3.09 -1.54 11.29
CA ILE B 3 -2.78 -0.61 12.37
C ILE B 3 -2.59 0.81 11.84
N GLU B 4 -2.53 1.78 12.76
CA GLU B 4 -2.07 3.14 12.50
C GLU B 4 -2.09 3.93 13.80
N GLU B 5 -1.22 4.94 13.92
CA GLU B 5 -1.04 5.63 15.18
C GLU B 5 -2.26 6.47 15.55
N GLY B 6 -2.44 6.70 16.84
CA GLY B 6 -3.52 7.52 17.36
C GLY B 6 -4.88 6.87 17.36
N LYS B 7 -4.95 5.57 17.17
CA LYS B 7 -6.22 4.85 17.12
C LYS B 7 -6.07 3.52 17.85
N LEU B 8 -7.21 2.89 18.12
CA LEU B 8 -7.24 1.62 18.84
C LEU B 8 -8.36 0.76 18.29
N VAL B 9 -8.01 -0.41 17.77
CA VAL B 9 -9.00 -1.34 17.24
C VAL B 9 -8.92 -2.64 18.02
N ILE B 10 -10.06 -3.33 18.14
CA ILE B 10 -10.22 -4.45 19.05
C ILE B 10 -10.83 -5.62 18.30
N TRP B 11 -10.30 -6.82 18.54
CA TRP B 11 -10.86 -8.07 18.00
C TRP B 11 -11.27 -8.96 19.17
N ILE B 12 -12.59 -9.12 19.34
CA ILE B 12 -13.15 -9.96 20.38
C ILE B 12 -14.18 -10.88 19.72
N ASN B 13 -14.45 -12.01 20.37
CA ASN B 13 -15.40 -12.98 19.84
C ASN B 13 -16.81 -12.40 19.88
N GLY B 14 -17.60 -12.72 18.85
CA GLY B 14 -18.92 -12.14 18.69
C GLY B 14 -19.90 -12.46 19.80
N ASP B 15 -19.68 -13.54 20.53
CA ASP B 15 -20.55 -13.87 21.67
C ASP B 15 -20.15 -13.12 22.94
N LYS B 16 -19.13 -12.26 22.88
CA LYS B 16 -18.68 -11.54 24.05
C LYS B 16 -19.38 -10.18 24.13
N GLY B 17 -19.06 -9.41 25.15
CA GLY B 17 -19.68 -8.12 25.34
C GLY B 17 -18.99 -6.99 24.60
N TYR B 18 -18.97 -7.07 23.26
CA TYR B 18 -18.25 -6.07 22.49
C TYR B 18 -18.89 -4.69 22.60
N ASN B 19 -20.23 -4.63 22.76
CA ASN B 19 -20.89 -3.34 22.85
C ASN B 19 -20.58 -2.67 24.18
N GLY B 20 -20.53 -3.44 25.26
CA GLY B 20 -20.04 -2.91 26.52
C GLY B 20 -18.56 -2.57 26.47
N LEU B 21 -17.81 -3.32 25.66
CA LEU B 21 -16.41 -2.97 25.41
C LEU B 21 -16.30 -1.68 24.62
N ALA B 22 -17.31 -1.35 23.81
CA ALA B 22 -17.30 -0.11 23.04
C ALA B 22 -17.75 1.07 23.90
N GLU B 23 -18.54 0.83 24.95
CA GLU B 23 -18.97 1.91 25.82
C GLU B 23 -17.79 2.55 26.54
N VAL B 24 -16.75 1.76 26.85
CA VAL B 24 -15.59 2.28 27.56
C VAL B 24 -14.54 2.82 26.60
N GLY B 25 -14.38 2.22 25.42
CA GLY B 25 -13.56 2.83 24.40
C GLY B 25 -14.02 4.23 24.04
N LYS B 26 -15.33 4.49 24.18
CA LYS B 26 -15.82 5.85 24.05
C LYS B 26 -15.41 6.71 25.25
N LYS B 27 -15.42 6.12 26.46
CA LYS B 27 -14.92 6.83 27.63
C LYS B 27 -13.43 7.08 27.53
N PHE B 28 -12.68 6.16 26.91
CA PHE B 28 -11.27 6.42 26.64
C PHE B 28 -11.10 7.55 25.64
N GLU B 29 -11.92 7.57 24.59
CA GLU B 29 -11.76 8.55 23.52
C GLU B 29 -11.94 9.98 24.05
N LYS B 30 -12.98 10.20 24.85
CA LYS B 30 -13.24 11.55 25.35
C LYS B 30 -12.16 12.03 26.31
N ASP B 31 -11.44 11.10 26.96
CA ASP B 31 -10.48 11.51 28.00
C ASP B 31 -9.19 12.03 27.39
N THR B 32 -8.59 11.28 26.45
CA THR B 32 -7.30 11.68 25.90
C THR B 32 -7.28 11.69 24.37
N GLY B 33 -8.42 11.46 23.71
CA GLY B 33 -8.59 11.82 22.31
C GLY B 33 -8.49 10.70 21.31
N ILE B 34 -8.37 9.44 21.74
CA ILE B 34 -8.08 8.32 20.84
C ILE B 34 -9.37 7.56 20.55
N LYS B 35 -9.77 7.56 19.28
CA LYS B 35 -10.95 6.80 18.86
C LYS B 35 -10.68 5.31 19.00
N VAL B 36 -11.61 4.59 19.62
CA VAL B 36 -11.51 3.15 19.82
C VAL B 36 -12.72 2.50 19.14
N THR B 37 -12.45 1.54 18.25
CA THR B 37 -13.49 0.80 17.55
C THR B 37 -13.36 -0.67 17.88
N VAL B 38 -14.51 -1.36 17.97
CA VAL B 38 -14.59 -2.75 18.37
C VAL B 38 -15.21 -3.55 17.23
N GLU B 39 -14.49 -4.57 16.77
CA GLU B 39 -14.96 -5.45 15.71
C GLU B 39 -14.91 -6.89 16.18
N HIS B 40 -15.96 -7.65 15.87
CA HIS B 40 -16.09 -9.05 16.26
C HIS B 40 -16.07 -9.93 15.02
N PRO B 41 -14.90 -10.32 14.51
CA PRO B 41 -14.86 -11.06 13.25
C PRO B 41 -15.05 -12.55 13.45
N ASP B 42 -15.57 -13.20 12.39
CA ASP B 42 -15.68 -14.64 12.37
C ASP B 42 -14.29 -15.28 12.40
N LYS B 43 -14.14 -16.35 13.16
CA LYS B 43 -12.91 -17.14 13.19
C LYS B 43 -11.68 -16.28 13.46
N LEU B 44 -11.80 -15.35 14.42
CA LEU B 44 -10.69 -14.44 14.70
C LEU B 44 -9.45 -15.18 15.19
N GLU B 45 -9.63 -16.29 15.89
CA GLU B 45 -8.49 -17.06 16.37
C GLU B 45 -7.73 -17.71 15.23
N GLU B 46 -8.32 -17.79 14.04
CA GLU B 46 -7.65 -18.31 12.85
C GLU B 46 -7.08 -17.20 12.00
N LYS B 47 -7.81 -16.10 11.83
CA LYS B 47 -7.35 -15.01 10.98
C LYS B 47 -6.12 -14.31 11.54
N PHE B 48 -6.02 -14.23 12.88
CA PHE B 48 -4.92 -13.49 13.49
C PHE B 48 -3.55 -14.07 13.13
N PRO B 49 -3.26 -15.36 13.36
CA PRO B 49 -1.91 -15.86 13.03
C PRO B 49 -1.59 -15.86 11.56
N GLN B 50 -2.59 -15.72 10.68
CA GLN B 50 -2.31 -15.59 9.26
C GLN B 50 -1.92 -14.17 8.89
N VAL B 51 -2.65 -13.17 9.39
CA VAL B 51 -2.47 -11.81 8.92
C VAL B 51 -1.39 -11.05 9.69
N ALA B 52 -1.24 -11.31 10.99
CA ALA B 52 -0.30 -10.54 11.80
C ALA B 52 1.16 -10.88 11.51
N ALA B 53 1.43 -11.96 10.78
CA ALA B 53 2.79 -12.22 10.34
C ALA B 53 3.29 -11.13 9.40
N THR B 54 2.43 -10.67 8.51
CA THR B 54 2.75 -9.58 7.59
C THR B 54 2.49 -8.20 8.19
N GLY B 55 2.32 -8.12 9.51
CA GLY B 55 2.08 -6.85 10.17
C GLY B 55 0.65 -6.39 10.24
N ASP B 56 -0.31 -7.25 9.88
CA ASP B 56 -1.71 -6.87 9.86
C ASP B 56 -2.35 -7.16 11.22
N GLY B 57 -3.68 -7.12 11.26
CA GLY B 57 -4.41 -7.48 12.46
C GLY B 57 -4.76 -6.30 13.34
N PRO B 58 -5.37 -6.58 14.48
CA PRO B 58 -5.79 -5.52 15.40
C PRO B 58 -4.68 -5.16 16.38
N ASP B 59 -4.89 -4.03 17.07
CA ASP B 59 -3.97 -3.67 18.14
C ASP B 59 -4.00 -4.71 19.25
N ILE B 60 -5.19 -5.23 19.58
CA ILE B 60 -5.34 -6.22 20.64
C ILE B 60 -6.38 -7.25 20.23
N ILE B 61 -6.06 -8.52 20.51
CA ILE B 61 -6.93 -9.65 20.19
C ILE B 61 -7.45 -10.24 21.49
N PHE B 62 -8.71 -10.66 21.49
CA PHE B 62 -9.38 -11.17 22.67
C PHE B 62 -9.76 -12.64 22.43
N TRP B 63 -9.09 -13.55 23.14
CA TRP B 63 -9.38 -14.97 23.00
C TRP B 63 -8.98 -15.68 24.28
N ALA B 64 -9.44 -16.94 24.40
CA ALA B 64 -9.02 -17.81 25.49
C ALA B 64 -7.54 -18.15 25.36
N HIS B 65 -6.95 -18.60 26.47
CA HIS B 65 -5.51 -18.70 26.59
C HIS B 65 -4.90 -19.94 25.94
N ASP B 66 -5.71 -20.93 25.54
CA ASP B 66 -5.13 -22.17 25.04
C ASP B 66 -4.43 -21.99 23.70
N ARG B 67 -4.90 -21.05 22.88
CA ARG B 67 -4.22 -20.74 21.63
C ARG B 67 -2.99 -19.85 21.84
N PHE B 68 -2.95 -19.10 22.95
CA PHE B 68 -2.06 -17.95 23.04
C PHE B 68 -0.59 -18.34 23.01
N GLY B 69 -0.23 -19.46 23.65
CA GLY B 69 1.16 -19.88 23.63
C GLY B 69 1.66 -20.19 22.23
N GLY B 70 0.81 -20.80 21.42
CA GLY B 70 1.14 -20.97 20.01
C GLY B 70 1.25 -19.64 19.28
N TYR B 71 0.42 -18.66 19.66
CA TYR B 71 0.57 -17.33 19.11
C TYR B 71 1.91 -16.73 19.53
N ALA B 72 2.31 -16.93 20.79
CA ALA B 72 3.62 -16.49 21.25
C ALA B 72 4.74 -17.19 20.50
N GLN B 73 4.53 -18.45 20.13
CA GLN B 73 5.62 -19.22 19.53
C GLN B 73 5.93 -18.78 18.11
N SER B 74 4.94 -18.29 17.36
CA SER B 74 5.20 -17.71 16.06
C SER B 74 5.54 -16.23 16.15
N GLY B 75 5.89 -15.75 17.35
CA GLY B 75 6.41 -14.40 17.52
C GLY B 75 5.42 -13.28 17.28
N LEU B 76 4.17 -13.45 17.71
CA LEU B 76 3.16 -12.42 17.53
C LEU B 76 2.92 -11.59 18.78
N LEU B 77 3.41 -12.03 19.93
CA LEU B 77 3.46 -11.19 21.13
C LEU B 77 4.53 -11.78 22.05
N ALA B 78 4.96 -10.97 23.01
CA ALA B 78 5.99 -11.38 23.96
C ALA B 78 6.12 -10.31 25.03
N GLU B 79 6.74 -10.70 26.14
CA GLU B 79 7.24 -9.79 27.17
C GLU B 79 6.30 -8.64 27.49
N ILE B 80 5.12 -8.93 28.05
CA ILE B 80 4.25 -7.88 28.58
C ILE B 80 4.45 -7.84 30.09
N THR B 81 4.77 -6.66 30.60
CA THR B 81 5.08 -6.50 32.02
C THR B 81 4.42 -5.25 32.58
N PRO B 82 3.50 -5.40 33.51
CA PRO B 82 3.04 -4.24 34.27
C PRO B 82 3.72 -4.18 35.64
N ALA B 83 3.48 -3.12 36.39
CA ALA B 83 4.01 -3.06 37.75
C ALA B 83 3.31 -4.08 38.64
N ALA B 84 3.87 -4.30 39.83
CA ALA B 84 3.28 -5.24 40.76
C ALA B 84 1.92 -4.75 41.26
N ALA B 85 1.74 -3.43 41.37
CA ALA B 85 0.43 -2.89 41.72
C ALA B 85 -0.63 -3.35 40.73
N PHE B 86 -0.18 -3.57 39.49
CA PHE B 86 -0.99 -4.13 38.39
C PHE B 86 -0.88 -5.66 38.35
N GLN B 87 0.26 -6.24 38.73
CA GLN B 87 0.44 -7.70 38.75
C GLN B 87 -0.28 -8.42 39.85
N ASP B 88 -0.88 -7.71 40.77
CA ASP B 88 -1.52 -8.41 41.87
C ASP B 88 -2.92 -8.02 42.22
N LYS B 89 -3.49 -7.15 41.44
CA LYS B 89 -4.89 -6.88 41.61
C LYS B 89 -5.57 -8.01 40.79
N LEU B 90 -4.95 -9.20 40.76
CA LEU B 90 -5.41 -10.32 39.97
C LEU B 90 -4.92 -11.62 40.52
N TYR B 91 -5.57 -12.73 40.16
CA TYR B 91 -5.24 -14.06 40.69
C TYR B 91 -4.12 -14.89 40.11
N PRO B 92 -3.26 -15.35 40.95
CA PRO B 92 -2.11 -16.19 40.71
C PRO B 92 -2.34 -17.40 39.87
N PHE B 93 -3.46 -18.08 39.99
CA PHE B 93 -3.65 -19.19 39.04
C PHE B 93 -3.84 -18.61 37.62
N THR B 94 -4.52 -17.48 37.47
CA THR B 94 -4.75 -16.96 36.15
C THR B 94 -3.47 -16.59 35.46
N TRP B 95 -2.54 -15.98 36.15
CA TRP B 95 -1.30 -15.64 35.48
C TRP B 95 -0.60 -16.90 35.07
N ASP B 96 -0.57 -17.94 35.90
CA ASP B 96 0.17 -19.14 35.59
C ASP B 96 -0.25 -19.79 34.29
N ALA B 97 -1.52 -19.82 34.02
CA ALA B 97 -1.97 -20.39 32.80
C ALA B 97 -1.51 -19.63 31.58
N VAL B 98 -1.52 -18.32 31.68
CA VAL B 98 -1.23 -17.43 30.56
C VAL B 98 0.19 -17.01 30.39
N ARG B 99 1.09 -17.69 31.02
CA ARG B 99 2.46 -17.36 30.84
C ARG B 99 3.08 -18.49 30.07
N TYR B 100 3.61 -18.18 28.91
CA TYR B 100 4.30 -19.19 28.11
C TYR B 100 5.80 -19.01 28.29
N ASN B 101 6.43 -20.07 28.75
CA ASN B 101 7.88 -20.10 28.91
C ASN B 101 8.37 -18.93 29.75
N GLY B 102 7.67 -18.67 30.85
CA GLY B 102 8.09 -17.66 31.80
C GLY B 102 7.81 -16.22 31.41
N LYS B 103 7.00 -15.99 30.38
CA LYS B 103 6.71 -14.63 29.94
C LYS B 103 5.21 -14.45 29.80
N LEU B 104 4.69 -13.40 30.44
CA LEU B 104 3.29 -13.02 30.26
C LEU B 104 3.06 -12.60 28.81
N ILE B 105 1.99 -13.12 28.20
CA ILE B 105 1.71 -12.88 26.80
C ILE B 105 0.34 -12.25 26.57
N ALA B 106 -0.45 -12.05 27.61
CA ALA B 106 -1.72 -11.35 27.48
C ALA B 106 -2.24 -10.97 28.85
N TYR B 107 -3.21 -10.06 28.85
CA TYR B 107 -3.87 -9.63 30.09
C TYR B 107 -5.07 -10.54 30.33
N PRO B 108 -5.02 -11.45 31.31
CA PRO B 108 -6.17 -12.31 31.59
C PRO B 108 -7.40 -11.51 31.89
N ILE B 109 -8.54 -11.83 31.32
CA ILE B 109 -9.69 -11.02 31.64
C ILE B 109 -10.79 -11.65 32.43
N ALA B 110 -10.92 -12.96 32.34
CA ALA B 110 -11.95 -13.69 33.06
C ALA B 110 -11.64 -15.13 33.08
N VAL B 111 -12.44 -15.87 33.82
CA VAL B 111 -12.31 -17.32 33.85
C VAL B 111 -13.67 -17.91 33.47
N GLU B 112 -13.68 -18.71 32.40
CA GLU B 112 -14.92 -19.30 31.90
C GLU B 112 -14.86 -20.82 32.00
N ALA B 113 -15.98 -21.41 32.36
CA ALA B 113 -16.16 -22.85 32.34
C ALA B 113 -17.58 -23.15 31.87
N LEU B 114 -17.79 -24.35 31.37
CA LEU B 114 -19.11 -24.77 30.95
C LEU B 114 -19.91 -25.28 32.14
N SER B 115 -21.21 -24.98 32.13
CA SER B 115 -22.12 -25.45 33.17
C SER B 115 -23.40 -25.92 32.50
N LEU B 116 -24.21 -26.66 33.27
CA LEU B 116 -25.50 -27.12 32.79
C LEU B 116 -26.54 -26.05 33.08
N ILE B 117 -27.24 -25.60 32.03
CA ILE B 117 -28.29 -24.60 32.15
C ILE B 117 -29.62 -25.30 31.89
N TYR B 118 -30.56 -25.16 32.83
CA TYR B 118 -31.84 -25.84 32.75
C TYR B 118 -32.97 -24.85 33.01
N ASN B 119 -34.12 -25.08 32.37
CA ASN B 119 -35.30 -24.28 32.62
C ASN B 119 -36.10 -24.90 33.77
N LYS B 120 -36.22 -24.15 34.86
CA LYS B 120 -36.95 -24.63 36.03
C LYS B 120 -38.42 -24.91 35.73
N ASP B 121 -38.98 -24.26 34.71
CA ASP B 121 -40.41 -24.41 34.43
C ASP B 121 -40.72 -25.79 33.84
N LEU B 122 -39.93 -26.26 32.88
CA LEU B 122 -40.07 -27.62 32.38
C LEU B 122 -39.31 -28.64 33.22
N LEU B 123 -38.27 -28.21 33.94
CA LEU B 123 -37.44 -29.12 34.73
C LEU B 123 -37.13 -28.48 36.07
N PRO B 124 -38.02 -28.63 37.05
CA PRO B 124 -37.72 -28.06 38.38
C PRO B 124 -36.51 -28.70 39.03
N ASN B 125 -36.33 -30.01 38.82
CA ASN B 125 -35.15 -30.72 39.33
C ASN B 125 -34.34 -31.24 38.14
N PRO B 126 -33.21 -30.64 37.84
CA PRO B 126 -32.40 -31.13 36.71
C PRO B 126 -31.80 -32.48 37.02
N PRO B 127 -31.46 -33.27 35.99
CA PRO B 127 -30.82 -34.57 36.24
C PRO B 127 -29.38 -34.40 36.69
N LYS B 128 -28.96 -35.27 37.62
CA LYS B 128 -27.60 -35.25 38.12
C LYS B 128 -26.65 -36.11 37.30
N THR B 129 -27.17 -36.97 36.43
CA THR B 129 -26.36 -37.97 35.75
C THR B 129 -26.68 -37.99 34.26
N TRP B 130 -25.65 -38.19 33.43
CA TRP B 130 -25.83 -38.32 32.00
C TRP B 130 -26.68 -39.53 31.63
N GLU B 131 -26.73 -40.54 32.50
CA GLU B 131 -27.36 -41.80 32.14
C GLU B 131 -28.88 -41.71 32.16
N GLU B 132 -29.45 -40.81 32.97
CA GLU B 132 -30.90 -40.63 32.98
C GLU B 132 -31.37 -39.65 31.92
N ILE B 133 -30.47 -39.13 31.09
CA ILE B 133 -30.88 -38.18 30.05
C ILE B 133 -31.79 -38.82 29.00
N PRO B 134 -31.47 -39.99 28.44
CA PRO B 134 -32.36 -40.54 27.39
C PRO B 134 -33.78 -40.81 27.87
N ALA B 135 -33.94 -41.33 29.09
CA ALA B 135 -35.29 -41.50 29.64
C ALA B 135 -35.98 -40.16 29.84
N LEU B 136 -35.23 -39.12 30.21
CA LEU B 136 -35.82 -37.80 30.37
C LEU B 136 -36.35 -37.29 29.04
N ASP B 137 -35.55 -37.40 27.97
CA ASP B 137 -35.99 -36.94 26.66
C ASP B 137 -37.28 -37.61 26.20
N LYS B 138 -37.51 -38.86 26.62
CA LYS B 138 -38.75 -39.54 26.24
C LYS B 138 -39.96 -38.87 26.89
N GLU B 139 -39.84 -38.53 28.18
CA GLU B 139 -40.94 -37.85 28.86
C GLU B 139 -41.20 -36.48 28.25
N LEU B 140 -40.15 -35.79 27.83
CA LEU B 140 -40.33 -34.45 27.27
C LEU B 140 -40.72 -34.49 25.80
N LYS B 141 -40.37 -35.55 25.07
CA LYS B 141 -40.78 -35.66 23.68
C LYS B 141 -42.30 -35.83 23.56
N ALA B 142 -42.95 -36.39 24.59
CA ALA B 142 -44.39 -36.51 24.57
C ALA B 142 -45.06 -35.14 24.68
N LYS B 143 -44.51 -34.25 25.51
CA LYS B 143 -45.01 -32.89 25.60
C LYS B 143 -44.59 -32.02 24.41
N GLY B 144 -43.89 -32.60 23.43
CA GLY B 144 -43.45 -31.88 22.25
C GLY B 144 -42.07 -31.26 22.37
N LYS B 145 -41.48 -31.24 23.56
CA LYS B 145 -40.20 -30.59 23.77
C LYS B 145 -39.09 -31.64 23.75
N SER B 146 -37.86 -31.23 24.08
CA SER B 146 -36.73 -32.14 24.11
C SER B 146 -35.93 -31.92 25.40
N ALA B 147 -34.98 -32.81 25.66
CA ALA B 147 -34.22 -32.78 26.90
C ALA B 147 -33.00 -31.88 26.81
N LEU B 148 -32.06 -32.22 25.94
CA LEU B 148 -30.78 -31.54 25.87
C LEU B 148 -30.42 -31.23 24.42
N MET B 149 -29.99 -30.00 24.18
CA MET B 149 -29.41 -29.59 22.91
C MET B 149 -28.22 -28.69 23.20
N PHE B 150 -27.06 -29.04 22.67
CA PHE B 150 -25.87 -28.21 22.84
C PHE B 150 -25.02 -28.30 21.58
N ASN B 151 -24.00 -27.45 21.53
CA ASN B 151 -23.17 -27.31 20.34
C ASN B 151 -22.36 -28.57 20.12
N LEU B 152 -22.78 -29.40 19.16
CA LEU B 152 -22.06 -30.58 18.76
C LEU B 152 -20.99 -30.29 17.71
N GLN B 153 -20.85 -29.03 17.29
CA GLN B 153 -19.90 -28.66 16.26
C GLN B 153 -18.52 -28.37 16.84
N GLU B 154 -18.46 -27.60 17.90
CA GLU B 154 -17.18 -27.31 18.53
C GLU B 154 -16.93 -28.31 19.66
N PRO B 155 -15.78 -29.01 19.66
CA PRO B 155 -15.54 -30.04 20.69
C PRO B 155 -15.42 -29.51 22.10
N TYR B 156 -15.33 -28.18 22.28
CA TYR B 156 -15.35 -27.59 23.61
C TYR B 156 -16.53 -28.09 24.42
N PHE B 157 -17.71 -28.20 23.79
CA PHE B 157 -18.93 -28.56 24.47
C PHE B 157 -19.05 -30.06 24.73
N THR B 158 -18.39 -30.88 23.93
CA THR B 158 -18.46 -32.33 24.08
C THR B 158 -17.34 -32.87 24.98
N TRP B 159 -16.25 -32.12 25.14
CA TRP B 159 -15.14 -32.59 25.96
C TRP B 159 -15.50 -32.92 27.41
N PRO B 160 -16.38 -32.17 28.10
CA PRO B 160 -16.73 -32.58 29.47
C PRO B 160 -17.18 -34.03 29.58
N LEU B 161 -17.87 -34.55 28.56
CA LEU B 161 -18.34 -35.92 28.60
C LEU B 161 -17.25 -36.90 28.19
N ILE B 162 -16.44 -36.54 27.19
CA ILE B 162 -15.35 -37.42 26.76
C ILE B 162 -14.32 -37.56 27.87
N ALA B 163 -14.03 -36.47 28.59
CA ALA B 163 -13.07 -36.53 29.68
C ALA B 163 -13.64 -37.19 30.92
N ALA B 164 -14.97 -37.25 31.04
CA ALA B 164 -15.61 -37.72 32.27
C ALA B 164 -15.06 -39.08 32.70
N ASP B 165 -14.85 -39.97 31.77
CA ASP B 165 -14.37 -41.28 32.08
C ASP B 165 -12.94 -41.43 31.76
N GLY B 166 -12.19 -40.35 31.86
CA GLY B 166 -10.77 -40.45 31.63
C GLY B 166 -10.07 -40.06 30.36
N GLY B 167 -10.73 -39.37 29.45
CA GLY B 167 -10.03 -38.96 28.28
C GLY B 167 -9.32 -37.69 28.67
N TYR B 168 -8.11 -37.54 28.17
CA TYR B 168 -7.26 -36.40 28.45
C TYR B 168 -6.58 -35.94 27.16
N ALA B 169 -6.51 -34.61 26.99
CA ALA B 169 -5.83 -34.06 25.83
C ALA B 169 -4.35 -34.38 25.85
N PHE B 170 -3.63 -33.87 26.85
CA PHE B 170 -2.23 -34.15 27.06
C PHE B 170 -1.99 -34.33 28.55
N LYS B 171 -1.02 -35.17 28.90
CA LYS B 171 -0.76 -35.49 30.30
C LYS B 171 0.32 -34.57 30.87
N TYR B 172 0.09 -34.10 32.08
CA TYR B 172 1.04 -33.27 32.80
C TYR B 172 1.88 -34.17 33.71
N ALA B 173 3.20 -34.17 33.47
CA ALA B 173 4.11 -34.99 34.26
C ALA B 173 5.49 -34.36 34.24
N ALA B 174 6.19 -34.43 35.37
CA ALA B 174 7.52 -33.85 35.53
C ALA B 174 7.52 -32.36 35.20
N GLY B 175 6.52 -31.65 35.70
CA GLY B 175 6.43 -30.22 35.47
C GLY B 175 6.31 -29.83 34.01
N LYS B 176 5.79 -30.71 33.17
CA LYS B 176 5.73 -30.47 31.75
C LYS B 176 4.56 -31.25 31.16
N TYR B 177 4.05 -30.74 30.03
CA TYR B 177 3.02 -31.44 29.28
C TYR B 177 3.70 -32.36 28.27
N ASP B 178 3.48 -33.67 28.42
CA ASP B 178 3.96 -34.62 27.42
C ASP B 178 3.19 -34.43 26.13
N ILE B 179 3.70 -33.54 25.27
CA ILE B 179 3.04 -33.16 24.02
C ILE B 179 2.88 -34.36 23.08
N LYS B 180 3.49 -35.50 23.41
CA LYS B 180 3.23 -36.75 22.70
C LYS B 180 2.08 -37.53 23.33
N ASP B 181 2.11 -37.71 24.65
CA ASP B 181 1.11 -38.51 25.36
C ASP B 181 -0.28 -37.90 25.21
N VAL B 182 -1.14 -38.51 24.39
CA VAL B 182 -2.52 -38.08 24.24
C VAL B 182 -3.42 -39.19 24.76
N GLY B 183 -4.60 -38.79 25.25
CA GLY B 183 -5.57 -39.74 25.75
C GLY B 183 -6.94 -39.51 25.14
N VAL B 184 -6.96 -39.26 23.83
CA VAL B 184 -8.20 -39.16 23.07
C VAL B 184 -8.60 -40.51 22.49
N ASP B 185 -7.71 -41.50 22.53
CA ASP B 185 -7.99 -42.85 22.05
C ASP B 185 -8.18 -43.86 23.17
N ASN B 186 -8.11 -43.43 24.43
CA ASN B 186 -8.21 -44.36 25.54
C ASN B 186 -9.65 -44.86 25.71
N ALA B 187 -9.80 -45.89 26.54
CA ALA B 187 -11.13 -46.46 26.77
C ALA B 187 -12.09 -45.46 27.38
N GLY B 188 -11.56 -44.50 28.16
CA GLY B 188 -12.42 -43.49 28.74
C GLY B 188 -13.08 -42.61 27.69
N ALA B 189 -12.29 -42.17 26.71
CA ALA B 189 -12.85 -41.38 25.61
C ALA B 189 -13.83 -42.19 24.78
N LYS B 190 -13.62 -43.49 24.68
CA LYS B 190 -14.55 -44.33 23.93
C LYS B 190 -15.91 -44.39 24.61
N ALA B 191 -15.93 -44.51 25.95
CA ALA B 191 -17.20 -44.51 26.67
C ALA B 191 -17.92 -43.18 26.51
N GLY B 192 -17.18 -42.07 26.60
CA GLY B 192 -17.81 -40.76 26.46
C GLY B 192 -18.43 -40.56 25.09
N LEU B 193 -17.66 -40.83 24.03
CA LEU B 193 -18.14 -40.55 22.67
C LEU B 193 -19.22 -41.55 22.25
N THR B 194 -19.06 -42.83 22.61
CA THR B 194 -20.07 -43.81 22.26
C THR B 194 -21.42 -43.46 22.86
N PHE B 195 -21.43 -42.91 24.08
CA PHE B 195 -22.68 -42.43 24.65
C PHE B 195 -23.25 -41.26 23.86
N LEU B 196 -22.40 -40.31 23.48
CA LEU B 196 -22.88 -39.16 22.71
C LEU B 196 -23.41 -39.59 21.35
N VAL B 197 -22.69 -40.48 20.66
CA VAL B 197 -23.17 -40.99 19.39
C VAL B 197 -24.45 -41.79 19.58
N ASP B 198 -24.57 -42.49 20.70
CA ASP B 198 -25.79 -43.24 20.98
C ASP B 198 -26.99 -42.31 21.16
N LEU B 199 -26.79 -41.19 21.87
CA LEU B 199 -27.84 -40.20 21.99
C LEU B 199 -28.35 -39.75 20.63
N ILE B 200 -27.46 -39.70 19.64
CA ILE B 200 -27.83 -39.32 18.29
C ILE B 200 -28.49 -40.49 17.56
N LYS B 201 -27.95 -41.69 17.73
CA LYS B 201 -28.54 -42.87 17.09
C LYS B 201 -29.96 -43.12 17.60
N ASN B 202 -30.22 -42.84 18.87
CA ASN B 202 -31.55 -42.99 19.46
C ASN B 202 -32.40 -41.73 19.31
N LYS B 203 -31.97 -40.77 18.48
CA LYS B 203 -32.71 -39.58 18.10
C LYS B 203 -32.97 -38.63 19.27
N HIS B 204 -32.18 -38.70 20.34
CA HIS B 204 -32.32 -37.74 21.42
C HIS B 204 -31.60 -36.43 21.12
N MET B 205 -30.64 -36.45 20.22
CA MET B 205 -29.98 -35.24 19.74
C MET B 205 -29.65 -35.43 18.26
N ASN B 206 -29.43 -34.31 17.57
CA ASN B 206 -29.13 -34.31 16.15
C ASN B 206 -27.67 -33.94 15.92
N ALA B 207 -27.03 -34.66 15.00
CA ALA B 207 -25.60 -34.49 14.76
C ALA B 207 -25.26 -33.17 14.08
N ASP B 208 -26.24 -32.44 13.56
CA ASP B 208 -26.01 -31.17 12.90
C ASP B 208 -26.29 -29.97 13.79
N THR B 209 -26.56 -30.19 15.07
CA THR B 209 -26.88 -29.09 15.98
C THR B 209 -25.65 -28.22 16.22
N ASP B 210 -25.86 -26.89 16.17
CA ASP B 210 -24.77 -25.96 16.42
C ASP B 210 -25.12 -24.98 17.53
N TYR B 211 -24.53 -23.77 17.47
CA TYR B 211 -24.75 -22.80 18.54
C TYR B 211 -26.13 -22.15 18.43
N SER B 212 -26.43 -21.57 17.26
CA SER B 212 -27.72 -20.91 17.08
C SER B 212 -28.86 -21.90 17.25
N ILE B 213 -28.68 -23.14 16.78
CA ILE B 213 -29.74 -24.14 16.90
C ILE B 213 -29.99 -24.48 18.35
N ALA B 214 -28.93 -24.62 19.14
CA ALA B 214 -29.10 -24.94 20.55
C ALA B 214 -29.55 -23.73 21.36
N GLU B 215 -28.96 -22.56 21.08
CA GLU B 215 -29.31 -21.37 21.85
C GLU B 215 -30.77 -20.96 21.61
N ALA B 216 -31.25 -21.13 20.38
CA ALA B 216 -32.64 -20.76 20.10
C ALA B 216 -33.61 -21.73 20.77
N ALA B 217 -33.34 -23.03 20.69
CA ALA B 217 -34.23 -24.02 21.28
C ALA B 217 -34.39 -23.82 22.77
N PHE B 218 -33.35 -23.35 23.46
CA PHE B 218 -33.46 -23.09 24.89
C PHE B 218 -34.15 -21.76 25.17
N ASN B 219 -33.78 -20.71 24.43
CA ASN B 219 -34.34 -19.39 24.69
C ASN B 219 -35.82 -19.32 24.33
N LYS B 220 -36.26 -20.13 23.38
CA LYS B 220 -37.67 -20.20 23.02
C LYS B 220 -38.43 -21.23 23.85
N GLY B 221 -37.75 -21.97 24.73
CA GLY B 221 -38.42 -22.90 25.61
C GLY B 221 -38.73 -24.26 25.03
N GLU B 222 -38.08 -24.63 23.92
CA GLU B 222 -38.34 -25.93 23.29
C GLU B 222 -37.48 -27.05 23.85
N THR B 223 -36.40 -26.72 24.55
CA THR B 223 -35.49 -27.72 25.10
C THR B 223 -35.21 -27.40 26.55
N ALA B 224 -35.23 -28.44 27.40
CA ALA B 224 -35.16 -28.22 28.84
C ALA B 224 -33.79 -27.74 29.28
N MET B 225 -32.72 -28.29 28.72
CA MET B 225 -31.37 -27.99 29.19
C MET B 225 -30.45 -27.67 28.02
N THR B 226 -29.36 -26.97 28.34
CA THR B 226 -28.31 -26.68 27.39
C THR B 226 -26.99 -26.56 28.16
N ILE B 227 -25.89 -26.61 27.41
CA ILE B 227 -24.55 -26.53 27.98
C ILE B 227 -23.85 -25.32 27.37
N ASN B 228 -23.62 -24.30 28.17
CA ASN B 228 -23.07 -23.04 27.67
C ASN B 228 -22.28 -22.35 28.77
N GLY B 229 -21.58 -21.30 28.40
CA GLY B 229 -20.78 -20.52 29.32
C GLY B 229 -21.48 -19.27 29.78
N PRO B 230 -20.82 -18.50 30.67
CA PRO B 230 -21.48 -17.33 31.26
C PRO B 230 -21.92 -16.29 30.25
N TRP B 231 -21.34 -16.29 29.05
CA TRP B 231 -21.71 -15.30 28.04
C TRP B 231 -23.16 -15.46 27.59
N ALA B 232 -23.70 -16.69 27.64
CA ALA B 232 -25.04 -16.95 27.13
C ALA B 232 -26.15 -16.51 28.08
N TRP B 233 -25.80 -16.05 29.28
CA TRP B 233 -26.83 -15.75 30.28
C TRP B 233 -27.65 -14.53 29.89
N SER B 234 -26.99 -13.47 29.43
CA SER B 234 -27.70 -12.24 29.11
C SER B 234 -28.75 -12.45 28.02
N ASN B 235 -28.53 -13.41 27.12
CA ASN B 235 -29.52 -13.70 26.10
C ASN B 235 -30.72 -14.43 26.68
N ILE B 236 -30.49 -15.33 27.64
CA ILE B 236 -31.60 -16.00 28.29
C ILE B 236 -32.36 -15.03 29.19
N ASP B 237 -31.68 -14.01 29.71
CA ASP B 237 -32.34 -13.00 30.52
C ASP B 237 -33.41 -12.26 29.74
N THR B 238 -33.13 -11.92 28.47
CA THR B 238 -34.10 -11.21 27.65
C THR B 238 -35.28 -12.10 27.27
N SER B 239 -35.12 -13.41 27.32
CA SER B 239 -36.23 -14.30 27.02
C SER B 239 -37.06 -14.57 28.27
N ALA B 240 -38.24 -15.13 28.06
CA ALA B 240 -39.18 -15.42 29.14
C ALA B 240 -38.88 -16.73 29.86
N VAL B 241 -37.63 -17.21 29.80
CA VAL B 241 -37.26 -18.50 30.37
C VAL B 241 -36.77 -18.28 31.79
N ASN B 242 -37.32 -19.04 32.74
CA ASN B 242 -36.88 -19.02 34.14
C ASN B 242 -35.85 -20.12 34.32
N TYR B 243 -34.58 -19.77 34.22
CA TYR B 243 -33.50 -20.73 34.14
C TYR B 243 -32.66 -20.77 35.41
N GLY B 244 -32.01 -21.91 35.61
CA GLY B 244 -31.01 -22.04 36.65
C GLY B 244 -29.76 -22.66 36.09
N VAL B 245 -28.61 -22.26 36.65
CA VAL B 245 -27.31 -22.75 36.24
C VAL B 245 -26.81 -23.71 37.31
N THR B 246 -26.41 -24.91 36.88
CA THR B 246 -26.10 -25.98 37.81
C THR B 246 -24.99 -26.85 37.20
N VAL B 247 -24.24 -27.50 38.10
CA VAL B 247 -23.25 -28.51 37.78
C VAL B 247 -23.69 -29.40 36.63
N LEU B 248 -22.76 -29.67 35.70
CA LEU B 248 -22.99 -30.60 34.62
C LEU B 248 -23.21 -32.00 35.18
N PRO B 249 -23.94 -32.84 34.46
CA PRO B 249 -24.28 -34.17 34.99
C PRO B 249 -23.07 -35.11 34.98
N THR B 250 -23.13 -36.10 35.86
CA THR B 250 -22.09 -37.11 35.94
C THR B 250 -22.27 -38.16 34.85
N PHE B 251 -21.21 -38.92 34.60
CA PHE B 251 -21.24 -40.01 33.63
C PHE B 251 -20.48 -41.19 34.24
N LYS B 252 -21.20 -42.29 34.47
CA LYS B 252 -20.64 -43.48 35.12
C LYS B 252 -20.12 -43.16 36.52
N GLY B 253 -20.92 -42.40 37.27
CA GLY B 253 -20.55 -41.97 38.61
C GLY B 253 -19.40 -40.98 38.67
N GLN B 254 -18.73 -40.72 37.57
CA GLN B 254 -17.62 -39.79 37.45
C GLN B 254 -18.13 -38.43 37.01
N PRO B 255 -17.47 -37.35 37.43
CA PRO B 255 -17.93 -36.02 37.04
C PRO B 255 -17.63 -35.73 35.58
N SER B 256 -18.28 -34.70 35.07
CA SER B 256 -17.93 -34.13 33.79
C SER B 256 -16.84 -33.08 34.01
N LYS B 257 -15.78 -33.13 33.20
CA LYS B 257 -14.60 -32.30 33.39
C LYS B 257 -14.45 -31.36 32.21
N PRO B 258 -15.01 -30.15 32.28
CA PRO B 258 -14.85 -29.20 31.19
C PRO B 258 -13.45 -28.61 31.18
N PHE B 259 -13.06 -28.14 30.00
CA PHE B 259 -11.80 -27.40 29.87
C PHE B 259 -12.06 -25.95 30.24
N VAL B 260 -11.30 -25.43 31.21
CA VAL B 260 -11.50 -24.08 31.71
C VAL B 260 -10.69 -23.11 30.87
N GLY B 261 -11.33 -22.02 30.45
CA GLY B 261 -10.69 -21.02 29.60
C GLY B 261 -10.53 -19.71 30.34
N VAL B 262 -9.41 -19.04 30.10
CA VAL B 262 -9.13 -17.73 30.66
C VAL B 262 -9.10 -16.76 29.49
N LEU B 263 -10.16 -15.95 29.35
CA LEU B 263 -10.18 -14.92 28.33
C LEU B 263 -9.04 -13.94 28.55
N SER B 264 -8.32 -13.62 27.47
CA SER B 264 -7.13 -12.80 27.58
C SER B 264 -7.06 -11.82 26.40
N ALA B 265 -6.37 -10.71 26.62
CA ALA B 265 -6.15 -9.70 25.60
C ALA B 265 -4.67 -9.66 25.25
N GLY B 266 -4.32 -10.13 24.06
CA GLY B 266 -2.95 -10.08 23.59
C GLY B 266 -2.72 -8.82 22.77
N ILE B 267 -1.62 -8.13 23.07
CA ILE B 267 -1.24 -6.95 22.30
C ILE B 267 -0.47 -7.41 21.07
N ASN B 268 -0.89 -6.96 19.90
CA ASN B 268 -0.18 -7.28 18.67
C ASN B 268 1.23 -6.72 18.72
N ALA B 269 2.22 -7.59 18.47
CA ALA B 269 3.61 -7.15 18.47
C ALA B 269 3.91 -6.18 17.33
N ALA B 270 3.09 -6.18 16.29
CA ALA B 270 3.24 -5.25 15.18
C ALA B 270 2.48 -3.96 15.39
N SER B 271 1.80 -3.79 16.52
CA SER B 271 1.05 -2.58 16.77
C SER B 271 1.99 -1.41 17.07
N PRO B 272 1.59 -0.20 16.71
CA PRO B 272 2.37 0.96 17.15
C PRO B 272 1.81 1.53 18.44
N ASN B 273 0.58 1.14 18.75
CA ASN B 273 -0.13 1.60 19.94
C ASN B 273 0.11 0.71 21.14
N LYS B 274 1.35 0.26 21.36
CA LYS B 274 1.61 -0.66 22.48
C LYS B 274 1.20 -0.01 23.81
N GLU B 275 1.79 1.14 24.13
CA GLU B 275 1.48 1.78 25.41
C GLU B 275 0.08 2.37 25.43
N LEU B 276 -0.41 2.85 24.30
CA LEU B 276 -1.76 3.43 24.28
C LEU B 276 -2.82 2.36 24.54
N ALA B 277 -2.56 1.18 24.00
CA ALA B 277 -3.40 0.01 24.18
C ALA B 277 -3.38 -0.45 25.65
N LYS B 278 -2.20 -0.39 26.28
CA LYS B 278 -2.07 -0.78 27.67
C LYS B 278 -2.77 0.23 28.55
N GLU B 279 -2.96 1.43 28.00
CA GLU B 279 -3.66 2.52 28.71
C GLU B 279 -5.12 2.15 28.79
N PHE B 280 -5.60 1.50 27.73
CA PHE B 280 -6.95 0.97 27.65
C PHE B 280 -7.13 -0.27 28.52
N LEU B 281 -6.13 -1.12 28.45
CA LEU B 281 -6.20 -2.33 29.19
C LEU B 281 -6.26 -2.14 30.67
N GLU B 282 -5.13 -1.75 31.25
CA GLU B 282 -5.01 -1.51 32.69
C GLU B 282 -5.74 -0.36 33.35
N ASN B 283 -5.89 0.78 32.72
CA ASN B 283 -6.51 1.93 33.39
C ASN B 283 -7.96 2.33 33.16
N TYR B 284 -8.59 1.69 32.22
CA TYR B 284 -9.93 2.00 31.76
C TYR B 284 -10.86 0.80 31.59
N LEU B 285 -10.32 -0.42 31.55
CA LEU B 285 -11.19 -1.59 31.47
C LEU B 285 -10.93 -2.66 32.51
N LEU B 286 -9.72 -2.73 33.09
CA LEU B 286 -9.49 -3.60 34.24
C LEU B 286 -9.86 -2.91 35.55
N THR B 287 -10.76 -1.93 35.49
CA THR B 287 -11.33 -1.30 36.67
C THR B 287 -12.73 -1.84 36.91
N ASP B 288 -13.28 -1.51 38.08
CA ASP B 288 -14.64 -1.95 38.40
C ASP B 288 -15.63 -1.46 37.34
N GLU B 289 -15.57 -0.17 37.00
CA GLU B 289 -16.54 0.41 36.08
C GLU B 289 -16.35 -0.08 34.65
N GLY B 290 -15.15 -0.53 34.29
CA GLY B 290 -14.89 -1.06 32.96
C GLY B 290 -15.42 -2.46 32.79
N LEU B 291 -15.22 -3.31 33.81
CA LEU B 291 -15.77 -4.66 33.76
C LEU B 291 -17.28 -4.63 33.87
N GLU B 292 -17.83 -3.68 34.63
CA GLU B 292 -19.29 -3.52 34.73
C GLU B 292 -19.90 -3.32 33.36
N ALA B 293 -19.39 -2.34 32.60
CA ALA B 293 -19.94 -2.03 31.29
C ALA B 293 -19.88 -3.22 30.35
N VAL B 294 -18.86 -4.07 30.51
CA VAL B 294 -18.75 -5.27 29.68
C VAL B 294 -19.62 -6.39 30.23
N ASN B 295 -19.67 -6.54 31.55
CA ASN B 295 -20.46 -7.62 32.14
C ASN B 295 -21.95 -7.37 32.00
N LYS B 296 -22.38 -6.11 32.05
CA LYS B 296 -23.81 -5.80 31.85
C LYS B 296 -24.27 -6.24 30.48
N ASP B 297 -23.40 -6.17 29.47
CA ASP B 297 -23.76 -6.59 28.13
C ASP B 297 -23.76 -8.11 28.03
N LYS B 298 -22.61 -8.73 28.27
CA LYS B 298 -22.49 -10.17 28.28
C LYS B 298 -21.64 -10.59 29.48
N PRO B 299 -22.16 -11.45 30.35
CA PRO B 299 -21.42 -11.82 31.57
C PRO B 299 -20.08 -12.48 31.23
N LEU B 300 -19.01 -11.95 31.81
CA LEU B 300 -17.68 -12.46 31.54
C LEU B 300 -17.44 -13.80 32.22
N GLY B 301 -18.12 -14.05 33.33
CA GLY B 301 -17.84 -15.23 34.13
C GLY B 301 -17.07 -14.87 35.38
N ALA B 302 -16.31 -15.82 35.92
CA ALA B 302 -15.44 -15.51 37.05
C ALA B 302 -14.33 -14.57 36.61
N VAL B 303 -14.60 -13.27 36.65
CA VAL B 303 -13.58 -12.31 36.31
C VAL B 303 -12.37 -12.51 37.23
N ALA B 304 -11.21 -12.08 36.74
CA ALA B 304 -9.96 -12.30 37.43
C ALA B 304 -9.50 -11.11 38.25
N LEU B 305 -10.15 -9.96 38.12
CA LEU B 305 -9.83 -8.81 38.94
C LEU B 305 -10.24 -9.08 40.38
N LYS B 306 -9.25 -9.07 41.29
CA LYS B 306 -9.55 -9.38 42.69
C LYS B 306 -10.56 -8.40 43.27
N SER B 307 -10.54 -7.15 42.82
CA SER B 307 -11.48 -6.16 43.33
C SER B 307 -12.91 -6.46 42.88
N TYR B 308 -13.11 -6.58 41.56
CA TYR B 308 -14.46 -6.73 41.03
C TYR B 308 -15.05 -8.11 41.34
N GLU B 309 -14.20 -9.14 41.46
CA GLU B 309 -14.72 -10.50 41.55
C GLU B 309 -15.41 -10.77 42.89
N GLU B 310 -14.96 -10.11 43.97
CA GLU B 310 -15.63 -10.30 45.25
C GLU B 310 -17.09 -9.84 45.21
N GLU B 311 -17.44 -8.98 44.25
CA GLU B 311 -18.84 -8.63 44.04
C GLU B 311 -19.54 -9.69 43.18
N LEU B 312 -18.84 -10.24 42.19
CA LEU B 312 -19.44 -11.21 41.28
C LEU B 312 -19.44 -12.62 41.85
N ALA B 313 -18.45 -12.96 42.68
CA ALA B 313 -18.32 -14.33 43.18
C ALA B 313 -19.54 -14.79 43.97
N LYS B 314 -20.35 -13.85 44.46
CA LYS B 314 -21.53 -14.19 45.26
C LYS B 314 -22.80 -14.24 44.44
N ASP B 315 -22.72 -14.06 43.14
CA ASP B 315 -23.83 -14.40 42.25
C ASP B 315 -23.93 -15.92 42.20
N PRO B 316 -25.06 -16.52 42.58
CA PRO B 316 -25.14 -17.99 42.60
C PRO B 316 -24.86 -18.64 41.25
N ARG B 317 -25.04 -17.93 40.15
CA ARG B 317 -24.70 -18.48 38.84
C ARG B 317 -23.19 -18.60 38.68
N ILE B 318 -22.44 -17.62 39.17
CA ILE B 318 -20.99 -17.69 39.12
C ILE B 318 -20.48 -18.81 40.02
N ALA B 319 -21.10 -18.99 41.19
CA ALA B 319 -20.68 -20.04 42.10
C ALA B 319 -20.84 -21.42 41.47
N ALA B 320 -21.91 -21.62 40.71
CA ALA B 320 -22.09 -22.90 40.03
C ALA B 320 -21.11 -23.04 38.88
N THR B 321 -20.85 -21.95 38.15
CA THR B 321 -19.86 -22.00 37.09
C THR B 321 -18.50 -22.45 37.62
N MET B 322 -18.15 -22.05 38.84
CA MET B 322 -16.86 -22.44 39.41
C MET B 322 -16.89 -23.83 40.05
N GLU B 323 -18.06 -24.28 40.51
CA GLU B 323 -18.15 -25.68 40.93
C GLU B 323 -17.87 -26.61 39.76
N ASN B 324 -18.23 -26.19 38.54
CA ASN B 324 -17.89 -26.96 37.36
C ASN B 324 -16.41 -26.85 37.01
N ALA B 325 -15.84 -25.66 37.20
CA ALA B 325 -14.45 -25.44 36.84
C ALA B 325 -13.50 -26.19 37.76
N GLN B 326 -13.74 -26.14 39.07
CA GLN B 326 -12.95 -26.92 40.01
C GLN B 326 -12.91 -28.38 39.58
N LYS B 327 -14.03 -28.89 39.06
CA LYS B 327 -14.08 -30.26 38.57
C LYS B 327 -13.34 -30.45 37.26
N GLY B 328 -13.06 -29.36 36.54
CA GLY B 328 -12.33 -29.43 35.29
C GLY B 328 -10.87 -29.03 35.46
N GLU B 329 -10.20 -28.86 34.32
CA GLU B 329 -8.80 -28.48 34.29
C GLU B 329 -8.61 -27.24 33.42
N ILE B 330 -7.66 -26.40 33.82
CA ILE B 330 -7.29 -25.27 32.99
C ILE B 330 -6.67 -25.79 31.69
N MET B 331 -6.85 -25.02 30.62
CA MET B 331 -6.41 -25.49 29.32
C MET B 331 -4.92 -25.21 29.13
N PRO B 332 -4.17 -26.16 28.56
CA PRO B 332 -2.78 -25.87 28.19
C PRO B 332 -2.74 -24.77 27.14
N ASN B 333 -1.69 -23.95 27.20
CA ASN B 333 -1.50 -22.89 26.22
C ASN B 333 -0.51 -23.27 25.14
N ILE B 334 -0.03 -24.51 25.12
CA ILE B 334 1.03 -24.94 24.21
C ILE B 334 0.58 -24.81 22.75
N PRO B 335 1.52 -24.64 21.82
CA PRO B 335 1.13 -24.46 20.41
C PRO B 335 0.37 -25.63 19.82
N GLN B 336 0.54 -26.84 20.36
CA GLN B 336 -0.14 -28.01 19.80
C GLN B 336 -1.59 -28.12 20.25
N MET B 337 -2.12 -27.13 20.96
CA MET B 337 -3.55 -27.11 21.23
C MET B 337 -4.34 -27.12 19.93
N SER B 338 -3.91 -26.31 18.97
CA SER B 338 -4.60 -26.21 17.69
C SER B 338 -4.71 -27.57 17.01
N ALA B 339 -3.62 -28.34 17.00
CA ALA B 339 -3.66 -29.66 16.38
C ALA B 339 -4.59 -30.60 17.14
N PHE B 340 -4.61 -30.49 18.48
CA PHE B 340 -5.54 -31.30 19.26
C PHE B 340 -6.98 -30.88 19.03
N TRP B 341 -7.23 -29.56 18.99
CA TRP B 341 -8.60 -29.09 18.83
C TRP B 341 -9.13 -29.42 17.45
N TYR B 342 -8.29 -29.35 16.42
CA TYR B 342 -8.72 -29.72 15.08
C TYR B 342 -9.03 -31.21 14.99
N ALA B 343 -8.19 -32.04 15.60
CA ALA B 343 -8.35 -33.48 15.49
C ALA B 343 -9.64 -33.94 16.16
N VAL B 344 -9.85 -33.54 17.42
CA VAL B 344 -11.04 -33.97 18.15
C VAL B 344 -12.30 -33.41 17.48
N ARG B 345 -12.23 -32.19 16.96
CA ARG B 345 -13.36 -31.65 16.19
C ARG B 345 -13.70 -32.57 15.04
N THR B 346 -12.69 -33.08 14.32
CA THR B 346 -12.94 -34.03 13.25
C THR B 346 -13.51 -35.34 13.78
N ALA B 347 -13.09 -35.75 14.97
CA ALA B 347 -13.56 -37.01 15.53
C ALA B 347 -15.04 -36.95 15.87
N VAL B 348 -15.44 -35.96 16.68
CA VAL B 348 -16.83 -35.86 17.09
C VAL B 348 -17.75 -35.72 15.87
N ILE B 349 -17.39 -34.84 14.94
CA ILE B 349 -18.24 -34.57 13.80
C ILE B 349 -18.40 -35.81 12.92
N ASN B 350 -17.31 -36.54 12.69
CA ASN B 350 -17.39 -37.72 11.84
C ASN B 350 -18.08 -38.88 12.53
N ALA B 351 -17.92 -39.01 13.85
CA ALA B 351 -18.61 -40.07 14.57
C ALA B 351 -20.08 -39.74 14.79
N ALA B 352 -20.40 -38.46 14.98
CA ALA B 352 -21.80 -38.06 15.12
C ALA B 352 -22.57 -38.24 13.82
N SER B 353 -21.91 -38.05 12.68
CA SER B 353 -22.56 -38.12 11.38
C SER B 353 -22.56 -39.52 10.78
N GLY B 354 -21.85 -40.46 11.38
CA GLY B 354 -21.79 -41.80 10.83
C GLY B 354 -20.80 -41.97 9.69
N ARG B 355 -19.90 -41.00 9.49
CA ARG B 355 -18.84 -41.18 8.52
C ARG B 355 -17.75 -42.12 9.02
N GLN B 356 -17.64 -42.30 10.34
CA GLN B 356 -16.63 -43.19 10.91
C GLN B 356 -17.19 -43.81 12.18
N THR B 357 -16.63 -44.95 12.55
CA THR B 357 -16.93 -45.54 13.84
C THR B 357 -16.24 -44.75 14.94
N VAL B 358 -16.74 -44.90 16.17
CA VAL B 358 -16.07 -44.29 17.31
C VAL B 358 -14.63 -44.77 17.39
N ASP B 359 -14.42 -46.06 17.14
CA ASP B 359 -13.06 -46.61 17.09
C ASP B 359 -12.21 -45.87 16.07
N ALA B 360 -12.75 -45.70 14.85
CA ALA B 360 -11.93 -45.15 13.77
C ALA B 360 -11.73 -43.65 13.93
N ALA B 361 -12.72 -42.92 14.46
CA ALA B 361 -12.60 -41.48 14.59
C ALA B 361 -11.60 -41.10 15.68
N LEU B 362 -11.68 -41.75 16.84
CA LEU B 362 -10.78 -41.42 17.94
C LEU B 362 -9.36 -41.91 17.67
N ALA B 363 -9.22 -43.04 16.97
CA ALA B 363 -7.88 -43.50 16.60
C ALA B 363 -7.23 -42.54 15.62
N ALA B 364 -7.99 -42.09 14.62
CA ALA B 364 -7.47 -41.08 13.71
C ALA B 364 -7.17 -39.77 14.44
N ALA B 365 -8.00 -39.42 15.42
CA ALA B 365 -7.76 -38.20 16.19
C ALA B 365 -6.52 -38.32 17.06
N GLN B 366 -6.20 -39.53 17.53
CA GLN B 366 -5.06 -39.71 18.41
C GLN B 366 -3.75 -39.38 17.69
N THR B 367 -3.67 -39.70 16.40
CA THR B 367 -2.46 -39.41 15.64
C THR B 367 -2.44 -37.97 15.15
N ASN B 368 -3.61 -37.43 14.76
CA ASN B 368 -3.67 -36.05 14.28
C ASN B 368 -3.30 -35.05 15.37
N ALA B 369 -3.73 -35.32 16.61
CA ALA B 369 -3.41 -34.43 17.73
C ALA B 369 -1.94 -34.42 18.06
N ALA B 370 -1.17 -35.38 17.57
CA ALA B 370 0.27 -35.42 17.79
C ALA B 370 1.08 -35.05 16.55
N ARG B 371 0.43 -34.87 15.41
CA ARG B 371 1.13 -34.60 14.16
C ARG B 371 1.90 -33.28 14.23
N ARG B 372 3.09 -33.28 13.64
CA ARG B 372 3.94 -32.09 13.58
C ARG B 372 3.67 -31.33 12.29
N LYS B 373 3.52 -30.02 12.40
CA LYS B 373 3.37 -29.19 11.21
C LYS B 373 4.73 -28.98 10.57
N PRO B 374 4.91 -29.32 9.30
CA PRO B 374 6.22 -29.10 8.66
C PRO B 374 6.58 -27.63 8.64
N SER B 375 7.84 -27.35 8.94
CA SER B 375 8.32 -25.98 8.94
C SER B 375 8.26 -25.39 7.54
N TRP B 376 8.33 -24.05 7.47
CA TRP B 376 8.41 -23.38 6.18
C TRP B 376 9.61 -23.88 5.39
N ARG B 377 10.76 -24.04 6.06
CA ARG B 377 11.95 -24.53 5.38
C ARG B 377 11.74 -25.93 4.83
N GLU B 378 11.07 -26.79 5.61
CA GLU B 378 10.80 -28.14 5.13
C GLU B 378 9.93 -28.12 3.88
N ARG B 379 8.89 -27.29 3.87
CA ARG B 379 8.04 -27.17 2.70
C ARG B 379 8.84 -26.67 1.50
N GLU B 380 9.63 -25.61 1.70
CA GLU B 380 10.43 -25.06 0.60
C GLU B 380 11.49 -26.05 0.14
N ASN B 381 12.01 -26.87 1.06
CA ASN B 381 12.95 -27.91 0.67
C ASN B 381 12.30 -28.90 -0.29
N ASN B 382 11.08 -29.32 0.01
CA ASN B 382 10.36 -30.22 -0.89
C ASN B 382 10.09 -29.55 -2.22
N ARG B 383 9.54 -28.33 -2.18
CA ARG B 383 9.23 -27.60 -3.41
C ARG B 383 10.48 -27.46 -4.28
N ARG B 384 11.61 -27.11 -3.67
CA ARG B 384 12.83 -26.89 -4.44
C ARG B 384 13.37 -28.17 -5.02
N ARG B 385 13.26 -29.28 -4.27
CA ARG B 385 13.78 -30.55 -4.75
C ARG B 385 13.01 -31.04 -5.97
N GLU B 386 11.69 -30.97 -5.93
CA GLU B 386 10.90 -31.36 -7.09
C GLU B 386 11.08 -30.38 -8.24
N ARG B 387 11.24 -29.09 -7.93
CA ARG B 387 11.54 -28.12 -8.98
C ARG B 387 12.85 -28.46 -9.69
N ARG B 388 13.84 -28.96 -8.93
CA ARG B 388 15.09 -29.38 -9.54
C ARG B 388 14.90 -30.65 -10.38
N ARG B 389 14.07 -31.57 -9.89
CA ARG B 389 13.86 -32.83 -10.60
C ARG B 389 13.27 -32.59 -11.99
N ARG B 390 12.15 -31.87 -12.05
CA ARG B 390 11.53 -31.61 -13.34
C ARG B 390 12.46 -30.86 -14.28
N ALA B 391 13.33 -30.00 -13.73
CA ALA B 391 14.29 -29.28 -14.57
C ALA B 391 15.31 -30.23 -15.17
N VAL B 392 15.74 -31.24 -14.42
CA VAL B 392 16.72 -32.19 -14.93
C VAL B 392 16.11 -33.03 -16.04
N ALA B 393 14.87 -33.49 -15.85
CA ALA B 393 14.21 -34.26 -16.89
C ALA B 393 13.93 -33.39 -18.11
N ALA B 394 13.53 -32.14 -17.88
CA ALA B 394 13.18 -31.25 -19.00
C ALA B 394 14.37 -31.00 -19.90
N LYS B 395 15.56 -30.82 -19.31
CA LYS B 395 16.74 -30.60 -20.13
C LYS B 395 17.14 -31.86 -20.89
N ILE B 396 16.95 -33.03 -20.29
CA ILE B 396 17.30 -34.27 -20.97
C ILE B 396 16.43 -34.46 -22.21
N TYR B 397 15.11 -34.39 -22.04
CA TYR B 397 14.21 -34.58 -23.17
C TYR B 397 14.37 -33.46 -24.20
N THR B 398 14.78 -32.27 -23.77
CA THR B 398 15.04 -31.19 -24.72
C THR B 398 16.16 -31.58 -25.69
N GLY B 399 17.23 -32.16 -25.16
CA GLY B 399 18.32 -32.59 -26.04
C GLY B 399 17.94 -33.77 -26.91
N LEU B 400 17.12 -34.68 -26.38
CA LEU B 400 16.69 -35.84 -27.17
C LEU B 400 15.80 -35.42 -28.32
N ARG B 401 14.91 -34.45 -28.11
CA ARG B 401 14.06 -33.96 -29.19
C ARG B 401 14.87 -33.18 -30.22
N ALA B 402 15.99 -32.59 -29.80
CA ALA B 402 16.79 -31.78 -30.71
C ALA B 402 17.72 -32.63 -31.56
N GLN B 403 18.63 -33.37 -30.93
CA GLN B 403 19.67 -34.10 -31.63
C GLN B 403 19.35 -35.57 -31.82
N GLY B 404 18.23 -36.06 -31.27
CA GLY B 404 17.95 -37.49 -31.35
C GLY B 404 17.65 -37.96 -32.76
N ASP B 405 16.94 -37.15 -33.54
CA ASP B 405 16.54 -37.49 -34.91
C ASP B 405 15.73 -38.79 -34.95
N TYR B 406 14.99 -39.07 -33.89
CA TYR B 406 14.10 -40.23 -33.88
C TYR B 406 12.92 -40.00 -34.82
N ASN B 407 12.27 -41.09 -35.20
CA ASN B 407 11.04 -41.02 -35.98
C ASN B 407 9.89 -40.78 -35.01
N LEU B 408 9.62 -39.50 -34.75
CA LEU B 408 8.60 -39.09 -33.83
C LEU B 408 7.50 -38.32 -34.55
N PRO B 409 6.27 -38.35 -34.05
CA PRO B 409 5.21 -37.54 -34.64
C PRO B 409 5.52 -36.05 -34.55
N LYS B 410 4.72 -35.25 -35.24
CA LYS B 410 4.90 -33.80 -35.18
C LYS B 410 4.74 -33.29 -33.76
N HIS B 411 3.78 -33.86 -33.01
CA HIS B 411 3.62 -33.59 -31.59
C HIS B 411 3.57 -34.90 -30.85
N CYS B 412 4.23 -34.95 -29.70
CA CYS B 412 4.26 -36.16 -28.89
C CYS B 412 4.75 -35.80 -27.50
N ASP B 413 4.27 -36.55 -26.50
CA ASP B 413 4.69 -36.33 -25.12
C ASP B 413 6.12 -36.83 -24.92
N ASN B 414 6.61 -36.71 -23.69
CA ASN B 414 7.96 -37.18 -23.39
C ASN B 414 8.04 -38.70 -23.36
N ASN B 415 6.91 -39.37 -23.08
CA ASN B 415 6.91 -40.82 -23.04
C ASN B 415 7.23 -41.42 -24.40
N GLU B 416 6.76 -40.77 -25.47
CA GLU B 416 7.11 -41.22 -26.82
C GLU B 416 8.60 -41.04 -27.08
N VAL B 417 9.18 -39.94 -26.60
CA VAL B 417 10.63 -39.74 -26.71
C VAL B 417 11.35 -40.80 -25.89
N LEU B 418 10.85 -41.07 -24.68
CA LEU B 418 11.45 -42.11 -23.85
C LEU B 418 11.38 -43.47 -24.54
N LYS B 419 10.26 -43.77 -25.19
CA LYS B 419 10.12 -45.03 -25.92
C LYS B 419 11.12 -45.11 -27.07
N ALA B 420 11.21 -44.04 -27.87
CA ALA B 420 12.09 -44.04 -29.03
C ALA B 420 13.55 -44.17 -28.61
N LEU B 421 13.92 -43.54 -27.50
CA LEU B 421 15.27 -43.66 -26.97
C LEU B 421 15.48 -45.00 -26.27
N CYS B 422 14.41 -45.67 -25.86
CA CYS B 422 14.53 -47.02 -25.30
C CYS B 422 14.94 -48.02 -26.38
N VAL B 423 14.27 -47.99 -27.53
CA VAL B 423 14.55 -48.97 -28.57
C VAL B 423 15.94 -48.76 -29.16
N GLU B 424 16.44 -47.52 -29.14
CA GLU B 424 17.80 -47.29 -29.63
C GLU B 424 18.82 -48.03 -28.78
N ALA B 425 18.56 -48.14 -27.48
CA ALA B 425 19.46 -48.83 -26.57
C ALA B 425 19.21 -50.34 -26.54
N GLY B 426 18.33 -50.85 -27.39
CA GLY B 426 18.08 -52.27 -27.48
C GLY B 426 16.91 -52.80 -26.67
N TRP B 427 15.91 -51.96 -26.38
CA TRP B 427 14.74 -52.37 -25.62
C TRP B 427 13.52 -52.41 -26.53
N VAL B 428 12.49 -53.14 -26.07
CA VAL B 428 11.18 -53.13 -26.71
C VAL B 428 10.17 -52.62 -25.68
N VAL B 429 9.39 -51.62 -26.06
CA VAL B 429 8.38 -51.03 -25.20
C VAL B 429 7.01 -51.34 -25.78
N GLU B 430 6.13 -51.91 -24.96
CA GLU B 430 4.79 -52.24 -25.40
C GLU B 430 3.94 -50.96 -25.46
N GLU B 431 2.63 -51.13 -25.59
CA GLU B 431 1.74 -49.97 -25.62
C GLU B 431 1.59 -49.36 -24.23
N ASP B 432 1.45 -50.19 -23.20
CA ASP B 432 1.17 -49.73 -21.85
C ASP B 432 2.43 -49.44 -21.05
N GLY B 433 3.60 -49.48 -21.68
CA GLY B 433 4.86 -49.16 -21.02
C GLY B 433 5.68 -50.37 -20.61
N THR B 434 5.12 -51.57 -20.68
CA THR B 434 5.86 -52.78 -20.34
C THR B 434 7.12 -52.87 -21.20
N THR B 435 8.27 -52.91 -20.54
CA THR B 435 9.56 -52.80 -21.21
C THR B 435 10.45 -53.99 -20.88
N TYR B 436 11.24 -54.42 -21.86
CA TYR B 436 12.17 -55.51 -21.68
C TYR B 436 13.18 -55.48 -22.82
N ARG B 437 14.20 -56.34 -22.71
CA ARG B 437 15.24 -56.43 -23.73
C ARG B 437 14.97 -57.61 -24.66
N MET E 1 2.70 -2.07 -5.53
CA MET E 1 3.47 -1.49 -4.44
C MET E 1 3.48 -2.42 -3.23
N LYS E 2 2.50 -3.33 -3.19
CA LYS E 2 2.34 -4.25 -2.07
C LYS E 2 3.19 -5.49 -2.26
N ILE E 3 3.85 -5.90 -1.16
CA ILE E 3 4.71 -7.08 -1.21
C ILE E 3 3.87 -8.32 -1.46
N GLU E 4 4.35 -9.18 -2.35
CA GLU E 4 3.70 -10.43 -2.68
C GLU E 4 4.54 -11.60 -2.15
N GLU E 5 3.85 -12.63 -1.66
CA GLU E 5 4.55 -13.81 -1.19
C GLU E 5 5.16 -14.57 -2.36
N GLY E 6 6.30 -15.20 -2.10
CA GLY E 6 6.99 -15.96 -3.12
C GLY E 6 7.98 -15.18 -3.96
N LYS E 7 8.08 -13.86 -3.77
CA LYS E 7 9.01 -13.03 -4.50
C LYS E 7 9.78 -12.15 -3.52
N LEU E 8 10.82 -11.50 -4.03
CA LEU E 8 11.64 -10.58 -3.25
C LEU E 8 11.76 -9.26 -3.97
N VAL E 9 11.54 -8.15 -3.24
CA VAL E 9 11.73 -6.81 -3.76
C VAL E 9 12.73 -6.09 -2.86
N ILE E 10 13.75 -5.50 -3.47
CA ILE E 10 14.87 -4.88 -2.78
C ILE E 10 14.99 -3.43 -3.19
N TRP E 11 15.32 -2.56 -2.23
CA TRP E 11 15.53 -1.14 -2.48
C TRP E 11 16.95 -0.78 -2.08
N ILE E 12 17.74 -0.30 -3.06
CA ILE E 12 19.10 0.18 -2.83
C ILE E 12 19.20 1.56 -3.45
N ASN E 13 20.18 2.34 -2.98
CA ASN E 13 20.36 3.69 -3.48
C ASN E 13 20.91 3.68 -4.90
N GLY E 14 20.55 4.72 -5.65
CA GLY E 14 20.92 4.81 -7.05
C GLY E 14 22.41 5.00 -7.30
N ASP E 15 23.15 5.46 -6.29
CA ASP E 15 24.59 5.61 -6.43
C ASP E 15 25.35 4.33 -6.06
N LYS E 16 24.63 3.27 -5.68
CA LYS E 16 25.24 1.97 -5.44
C LYS E 16 25.09 1.10 -6.68
N GLY E 17 25.57 -0.13 -6.58
CA GLY E 17 25.54 -1.03 -7.72
C GLY E 17 24.29 -1.88 -7.79
N TYR E 18 23.17 -1.28 -8.17
CA TYR E 18 21.90 -2.02 -8.20
C TYR E 18 21.91 -3.11 -9.26
N ASN E 19 22.59 -2.90 -10.39
CA ASN E 19 22.62 -3.92 -11.43
C ASN E 19 23.48 -5.11 -11.01
N GLY E 20 24.58 -4.86 -10.31
CA GLY E 20 25.36 -5.95 -9.76
C GLY E 20 24.57 -6.75 -8.74
N LEU E 21 23.82 -6.07 -7.87
CA LEU E 21 22.95 -6.75 -6.94
C LEU E 21 21.85 -7.53 -7.66
N ALA E 22 21.32 -6.97 -8.75
CA ALA E 22 20.31 -7.67 -9.53
C ALA E 22 20.86 -8.97 -10.10
N GLU E 23 22.15 -8.98 -10.45
CA GLU E 23 22.79 -10.20 -10.92
C GLU E 23 22.74 -11.28 -9.84
N VAL E 24 22.95 -10.89 -8.58
CA VAL E 24 22.83 -11.84 -7.48
C VAL E 24 21.40 -12.36 -7.39
N GLY E 25 20.42 -11.46 -7.55
CA GLY E 25 19.03 -11.90 -7.53
C GLY E 25 18.68 -12.81 -8.69
N LYS E 26 19.29 -12.59 -9.85
CA LYS E 26 19.05 -13.47 -10.99
C LYS E 26 19.60 -14.87 -10.72
N LYS E 27 20.68 -14.98 -9.94
CA LYS E 27 21.19 -16.29 -9.57
C LYS E 27 20.31 -16.95 -8.52
N PHE E 28 19.89 -16.20 -7.51
CA PHE E 28 18.91 -16.71 -6.54
C PHE E 28 17.65 -17.19 -7.24
N GLU E 29 17.22 -16.48 -8.29
CA GLU E 29 16.08 -16.94 -9.07
C GLU E 29 16.41 -18.23 -9.79
N LYS E 30 17.63 -18.36 -10.28
CA LYS E 30 18.02 -19.56 -11.02
C LYS E 30 18.01 -20.79 -10.11
N ASP E 31 18.41 -20.63 -8.85
CA ASP E 31 18.57 -21.75 -7.94
C ASP E 31 17.29 -22.13 -7.20
N THR E 32 16.40 -21.17 -6.96
CA THR E 32 15.22 -21.40 -6.13
C THR E 32 13.89 -21.20 -6.85
N GLY E 33 13.86 -20.41 -7.93
CA GLY E 33 12.62 -20.04 -8.57
C GLY E 33 12.00 -18.77 -8.05
N ILE E 34 12.65 -18.07 -7.13
CA ILE E 34 12.12 -16.88 -6.50
C ILE E 34 12.61 -15.66 -7.29
N LYS E 35 11.69 -15.00 -8.00
CA LYS E 35 12.03 -13.76 -8.68
C LYS E 35 12.53 -12.73 -7.67
N VAL E 36 13.51 -11.93 -8.10
CA VAL E 36 14.14 -10.93 -7.23
C VAL E 36 14.21 -9.63 -8.02
N THR E 37 13.48 -8.62 -7.57
CA THR E 37 13.41 -7.33 -8.25
C THR E 37 14.17 -6.28 -7.44
N VAL E 38 15.08 -5.58 -8.11
CA VAL E 38 15.90 -4.54 -7.49
C VAL E 38 15.46 -3.19 -8.01
N GLU E 39 15.22 -2.25 -7.09
CA GLU E 39 14.72 -0.93 -7.43
C GLU E 39 15.51 0.12 -6.64
N HIS E 40 15.68 1.30 -7.25
CA HIS E 40 16.43 2.40 -6.63
C HIS E 40 15.60 3.68 -6.64
N PRO E 41 14.59 3.76 -5.77
CA PRO E 41 13.77 4.99 -5.74
C PRO E 41 14.55 6.17 -5.21
N ASP E 42 14.21 7.35 -5.72
CA ASP E 42 14.80 8.58 -5.21
C ASP E 42 14.31 8.83 -3.78
N LYS E 43 15.19 9.41 -2.97
CA LYS E 43 14.89 9.70 -1.56
C LYS E 43 14.36 8.47 -0.85
N LEU E 44 14.87 7.29 -1.22
CA LEU E 44 14.30 6.05 -0.71
C LEU E 44 14.45 5.93 0.80
N GLU E 45 15.46 6.59 1.37
CA GLU E 45 15.57 6.62 2.83
C GLU E 45 14.39 7.37 3.44
N GLU E 46 13.82 8.33 2.71
CA GLU E 46 12.61 9.01 3.18
C GLU E 46 11.36 8.25 2.77
N LYS E 47 11.38 7.60 1.61
CA LYS E 47 10.19 6.91 1.11
C LYS E 47 9.88 5.66 1.91
N PHE E 48 10.91 4.98 2.43
CA PHE E 48 10.69 3.69 3.09
C PHE E 48 9.79 3.81 4.32
N PRO E 49 10.09 4.66 5.32
CA PRO E 49 9.18 4.72 6.48
C PRO E 49 7.78 5.15 6.13
N GLN E 50 7.61 5.95 5.07
CA GLN E 50 6.27 6.34 4.64
C GLN E 50 5.48 5.15 4.14
N VAL E 51 6.01 4.44 3.14
CA VAL E 51 5.23 3.37 2.51
C VAL E 51 5.21 2.12 3.38
N ALA E 52 6.25 1.89 4.18
CA ALA E 52 6.25 0.70 5.02
C ALA E 52 5.21 0.80 6.12
N ALA E 53 4.98 2.01 6.64
CA ALA E 53 4.00 2.20 7.71
C ALA E 53 2.60 1.78 7.28
N THR E 54 2.30 1.86 5.98
CA THR E 54 1.00 1.48 5.46
C THR E 54 0.97 0.07 4.89
N GLY E 55 2.05 -0.71 5.09
CA GLY E 55 2.09 -2.10 4.67
C GLY E 55 2.79 -2.36 3.36
N ASP E 56 3.11 -1.33 2.59
CA ASP E 56 3.81 -1.51 1.33
C ASP E 56 5.32 -1.49 1.56
N GLY E 57 6.09 -1.35 0.49
CA GLY E 57 7.53 -1.28 0.61
C GLY E 57 8.21 -2.57 0.24
N PRO E 58 9.53 -2.53 0.11
CA PRO E 58 10.28 -3.72 -0.32
C PRO E 58 10.40 -4.74 0.82
N ASP E 59 10.84 -5.94 0.44
CA ASP E 59 11.18 -6.93 1.46
C ASP E 59 12.49 -6.57 2.15
N ILE E 60 13.45 -6.04 1.41
CA ILE E 60 14.78 -5.70 1.89
C ILE E 60 15.09 -4.28 1.48
N ILE E 61 15.60 -3.48 2.42
CA ILE E 61 15.97 -2.10 2.14
C ILE E 61 17.44 -1.92 2.49
N PHE E 62 18.19 -1.27 1.59
CA PHE E 62 19.60 -1.02 1.75
C PHE E 62 19.84 0.45 2.06
N TRP E 63 20.59 0.72 3.11
CA TRP E 63 21.00 2.08 3.43
C TRP E 63 22.12 2.01 4.46
N ALA E 64 22.79 3.15 4.63
CA ALA E 64 23.75 3.28 5.72
C ALA E 64 23.05 3.02 7.05
N HIS E 65 23.81 2.47 8.00
CA HIS E 65 23.22 2.02 9.25
C HIS E 65 22.59 3.15 10.05
N ASP E 66 22.88 4.41 9.74
CA ASP E 66 22.48 5.49 10.64
C ASP E 66 20.96 5.68 10.67
N ARG E 67 20.27 5.46 9.57
CA ARG E 67 18.82 5.64 9.54
C ARG E 67 18.06 4.42 10.06
N PHE E 68 18.75 3.34 10.42
CA PHE E 68 18.05 2.09 10.71
C PHE E 68 17.46 2.06 12.11
N GLY E 69 18.05 2.79 13.08
CA GLY E 69 17.46 2.83 14.40
C GLY E 69 16.11 3.53 14.42
N GLY E 70 16.00 4.64 13.71
CA GLY E 70 14.69 5.27 13.54
C GLY E 70 13.68 4.32 12.92
N TYR E 71 14.11 3.53 11.94
CA TYR E 71 13.23 2.52 11.37
C TYR E 71 12.80 1.52 12.43
N ALA E 72 13.77 0.94 13.15
CA ALA E 72 13.44 -0.05 14.18
C ALA E 72 12.59 0.56 15.29
N GLN E 73 12.82 1.83 15.61
CA GLN E 73 11.99 2.50 16.60
C GLN E 73 10.52 2.50 16.19
N SER E 74 10.24 2.76 14.91
CA SER E 74 8.88 2.73 14.39
C SER E 74 8.37 1.31 14.15
N GLY E 75 9.14 0.30 14.52
CA GLY E 75 8.72 -1.08 14.31
C GLY E 75 8.60 -1.48 12.85
N LEU E 76 9.48 -0.97 11.99
CA LEU E 76 9.43 -1.29 10.58
C LEU E 76 10.37 -2.42 10.19
N LEU E 77 11.29 -2.81 11.06
CA LEU E 77 12.33 -3.76 10.72
C LEU E 77 12.13 -5.06 11.50
N ALA E 78 12.33 -6.18 10.81
CA ALA E 78 12.38 -7.48 11.47
C ALA E 78 13.73 -7.68 12.13
N GLU E 79 13.72 -8.34 13.29
CA GLU E 79 14.97 -8.59 13.99
C GLU E 79 15.78 -9.64 13.24
N ILE E 80 17.08 -9.40 13.15
CA ILE E 80 17.99 -10.29 12.44
C ILE E 80 18.57 -11.28 13.45
N THR E 81 18.42 -12.57 13.17
CA THR E 81 18.78 -13.63 14.10
C THR E 81 19.69 -14.64 13.40
N PRO E 82 20.90 -14.24 13.04
CA PRO E 82 21.81 -15.18 12.37
C PRO E 82 22.51 -16.09 13.35
N ALA E 83 22.86 -17.27 12.88
CA ALA E 83 23.58 -18.22 13.71
C ALA E 83 24.95 -17.67 14.08
N ALA E 84 25.58 -18.30 15.07
CA ALA E 84 26.90 -17.87 15.50
C ALA E 84 27.92 -18.06 14.38
N ALA E 85 27.81 -19.15 13.63
CA ALA E 85 28.79 -19.43 12.57
C ALA E 85 28.78 -18.34 11.51
N PHE E 86 27.59 -17.87 11.11
CA PHE E 86 27.53 -16.77 10.15
C PHE E 86 27.97 -15.46 10.78
N GLN E 87 27.55 -15.21 12.02
CA GLN E 87 27.91 -13.97 12.70
C GLN E 87 29.43 -13.81 12.84
N ASP E 88 30.16 -14.93 12.88
CA ASP E 88 31.61 -14.87 12.96
C ASP E 88 32.26 -14.53 11.63
N LYS E 89 31.57 -14.78 10.51
CA LYS E 89 32.14 -14.49 9.20
C LYS E 89 32.28 -13.00 8.93
N LEU E 90 31.61 -12.16 9.71
CA LEU E 90 31.67 -10.71 9.55
C LEU E 90 32.44 -10.10 10.72
N TYR E 91 33.06 -8.95 10.45
CA TYR E 91 33.82 -8.26 11.49
C TYR E 91 32.88 -7.81 12.60
N PRO E 92 33.26 -7.98 13.87
CA PRO E 92 32.35 -7.62 14.97
C PRO E 92 31.90 -6.17 14.95
N PHE E 93 32.74 -5.24 14.50
CA PHE E 93 32.34 -3.83 14.55
C PHE E 93 31.27 -3.49 13.53
N THR E 94 31.15 -4.28 12.47
CA THR E 94 30.05 -4.08 11.53
C THR E 94 28.73 -4.52 12.13
N TRP E 95 28.74 -5.62 12.89
CA TRP E 95 27.55 -6.01 13.64
C TRP E 95 27.19 -4.94 14.67
N ASP E 96 28.18 -4.23 15.20
CA ASP E 96 27.91 -3.18 16.18
C ASP E 96 27.06 -2.07 15.58
N ALA E 97 27.40 -1.64 14.36
CA ALA E 97 26.69 -0.53 13.74
C ALA E 97 25.22 -0.82 13.48
N VAL E 98 24.84 -2.10 13.48
CA VAL E 98 23.45 -2.50 13.25
C VAL E 98 22.80 -3.02 14.53
N ARG E 99 23.43 -2.83 15.67
CA ARG E 99 22.85 -3.23 16.95
C ARG E 99 22.11 -2.03 17.54
N TYR E 100 20.82 -2.21 17.81
CA TYR E 100 19.98 -1.14 18.34
C TYR E 100 19.14 -1.71 19.47
N ASN E 101 19.35 -1.22 20.68
CA ASN E 101 18.61 -1.66 21.86
C ASN E 101 18.75 -3.17 22.06
N GLY E 102 19.97 -3.67 21.93
CA GLY E 102 20.27 -5.05 22.25
C GLY E 102 19.99 -6.05 21.15
N LYS E 103 19.32 -5.67 20.07
CA LYS E 103 18.97 -6.58 19.00
C LYS E 103 19.63 -6.15 17.69
N LEU E 104 19.93 -7.13 16.84
CA LEU E 104 20.41 -6.85 15.50
C LEU E 104 19.23 -6.56 14.58
N ILE E 105 19.28 -5.43 13.89
CA ILE E 105 18.16 -4.97 13.07
C ILE E 105 18.49 -4.90 11.59
N ALA E 106 19.67 -5.34 11.17
CA ALA E 106 20.02 -5.36 9.75
C ALA E 106 21.29 -6.16 9.57
N TYR E 107 21.58 -6.48 8.30
CA TYR E 107 22.82 -7.16 7.94
C TYR E 107 23.83 -6.12 7.48
N PRO E 108 25.01 -6.02 8.11
CA PRO E 108 26.03 -5.10 7.60
C PRO E 108 26.67 -5.65 6.34
N ILE E 109 26.85 -4.79 5.34
CA ILE E 109 27.40 -5.16 4.05
C ILE E 109 28.82 -4.63 3.86
N ALA E 110 29.00 -3.31 3.96
CA ALA E 110 30.29 -2.71 3.66
C ALA E 110 30.47 -1.42 4.46
N VAL E 111 31.72 -1.00 4.56
CA VAL E 111 32.10 0.19 5.33
C VAL E 111 32.49 1.29 4.36
N GLU E 112 31.79 2.41 4.42
CA GLU E 112 31.99 3.51 3.49
C GLU E 112 32.65 4.70 4.20
N ALA E 113 33.54 5.38 3.48
CA ALA E 113 34.21 6.56 4.01
C ALA E 113 34.70 7.43 2.86
N LEU E 114 34.44 8.73 2.97
CA LEU E 114 34.86 9.65 1.92
C LEU E 114 36.37 9.82 1.93
N SER E 115 36.97 9.77 0.74
CA SER E 115 38.37 10.10 0.57
C SER E 115 38.53 11.23 -0.44
N LEU E 116 39.71 11.85 -0.47
CA LEU E 116 39.99 12.88 -1.44
C LEU E 116 40.42 12.24 -2.75
N ILE E 117 39.74 12.58 -3.84
CA ILE E 117 40.05 12.07 -5.17
C ILE E 117 40.61 13.22 -5.99
N TYR E 118 41.77 13.01 -6.61
CA TYR E 118 42.49 14.07 -7.30
C TYR E 118 42.94 13.60 -8.68
N ASN E 119 42.92 14.53 -9.63
CA ASN E 119 43.48 14.29 -10.95
C ASN E 119 45.00 14.27 -10.86
N LYS E 120 45.60 13.11 -11.19
CA LYS E 120 47.06 12.97 -11.09
C LYS E 120 47.76 13.81 -12.14
N ASP E 121 47.24 13.83 -13.37
CA ASP E 121 47.85 14.62 -14.43
C ASP E 121 47.79 16.11 -14.08
N LEU E 122 46.64 16.58 -13.61
CA LEU E 122 46.48 17.98 -13.21
C LEU E 122 47.22 18.30 -11.93
N LEU E 123 47.54 17.29 -11.12
CA LEU E 123 48.02 17.53 -9.77
C LEU E 123 48.71 16.27 -9.25
N PRO E 124 49.98 16.05 -9.59
CA PRO E 124 50.66 14.82 -9.13
C PRO E 124 50.83 14.76 -7.62
N ASN E 125 50.96 15.91 -6.96
CA ASN E 125 51.11 15.96 -5.51
C ASN E 125 49.92 16.71 -4.91
N PRO E 126 48.97 16.01 -4.31
CA PRO E 126 47.74 16.66 -3.85
C PRO E 126 47.98 17.48 -2.58
N PRO E 127 47.11 18.44 -2.29
CA PRO E 127 47.25 19.22 -1.06
C PRO E 127 47.07 18.35 0.18
N LYS E 128 47.80 18.74 1.24
CA LYS E 128 47.70 18.04 2.51
C LYS E 128 46.89 18.80 3.54
N THR E 129 46.45 20.03 3.24
CA THR E 129 45.63 20.80 4.15
C THR E 129 44.58 21.58 3.36
N TRP E 130 43.54 22.02 4.06
CA TRP E 130 42.49 22.81 3.45
C TRP E 130 42.94 24.24 3.18
N GLU E 131 43.93 24.74 3.93
CA GLU E 131 44.30 26.15 3.82
C GLU E 131 45.00 26.47 2.51
N GLU E 132 45.57 25.48 1.82
CA GLU E 132 46.35 25.73 0.62
C GLU E 132 45.54 25.57 -0.66
N ILE E 133 44.25 25.22 -0.57
CA ILE E 133 43.40 25.09 -1.75
C ILE E 133 43.12 26.45 -2.39
N PRO E 134 42.84 27.52 -1.62
CA PRO E 134 42.67 28.83 -2.27
C PRO E 134 43.84 29.24 -3.15
N ALA E 135 45.06 29.15 -2.63
CA ALA E 135 46.23 29.46 -3.45
C ALA E 135 46.35 28.49 -4.62
N LEU E 136 46.02 27.21 -4.39
CA LEU E 136 45.95 26.25 -5.48
C LEU E 136 44.95 26.71 -6.55
N ASP E 137 43.71 26.94 -6.13
CA ASP E 137 42.61 27.36 -7.01
C ASP E 137 43.00 28.51 -7.92
N LYS E 138 43.80 29.45 -7.40
CA LYS E 138 44.25 30.56 -8.23
C LYS E 138 45.10 30.09 -9.39
N GLU E 139 45.94 29.08 -9.17
CA GLU E 139 46.83 28.62 -10.23
C GLU E 139 46.10 27.84 -11.32
N LEU E 140 45.07 27.06 -10.95
CA LEU E 140 44.30 26.35 -11.98
C LEU E 140 43.24 27.23 -12.64
N LYS E 141 42.74 28.27 -11.94
CA LYS E 141 41.84 29.19 -12.61
C LYS E 141 42.52 29.92 -13.76
N ALA E 142 43.85 30.03 -13.72
CA ALA E 142 44.59 30.55 -14.86
C ALA E 142 44.55 29.57 -16.03
N LYS E 143 44.67 28.28 -15.75
CA LYS E 143 44.61 27.22 -16.75
C LYS E 143 43.18 26.80 -17.08
N GLY E 144 42.19 27.60 -16.69
CA GLY E 144 40.79 27.28 -16.95
C GLY E 144 40.21 26.19 -16.08
N LYS E 145 40.95 25.68 -15.12
CA LYS E 145 40.51 24.59 -14.26
C LYS E 145 40.13 25.14 -12.88
N SER E 146 39.62 24.26 -12.04
CA SER E 146 39.25 24.58 -10.67
C SER E 146 39.97 23.64 -9.71
N ALA E 147 39.97 23.99 -8.43
CA ALA E 147 40.68 23.20 -7.43
C ALA E 147 39.83 22.07 -6.87
N LEU E 148 38.70 22.41 -6.25
CA LEU E 148 37.91 21.41 -5.53
C LEU E 148 36.42 21.65 -5.78
N MET E 149 35.71 20.57 -6.08
CA MET E 149 34.27 20.61 -6.28
C MET E 149 33.67 19.34 -5.70
N PHE E 150 32.84 19.49 -4.67
CA PHE E 150 32.15 18.36 -4.05
C PHE E 150 30.75 18.81 -3.66
N ASN E 151 29.84 17.85 -3.56
CA ASN E 151 28.43 18.13 -3.29
C ASN E 151 28.27 18.96 -2.03
N LEU E 152 27.69 20.15 -2.18
CA LEU E 152 27.44 21.06 -1.09
C LEU E 152 26.00 20.98 -0.59
N GLN E 153 25.18 20.11 -1.18
CA GLN E 153 23.77 20.03 -0.81
C GLN E 153 23.50 18.99 0.27
N GLU E 154 24.33 17.97 0.37
CA GLU E 154 24.15 16.92 1.37
C GLU E 154 25.23 17.05 2.44
N PRO E 155 24.86 17.30 3.70
CA PRO E 155 25.88 17.56 4.74
C PRO E 155 26.87 16.43 4.96
N TYR E 156 26.61 15.25 4.37
CA TYR E 156 27.55 14.14 4.45
C TYR E 156 28.95 14.58 4.03
N PHE E 157 29.05 15.39 2.97
CA PHE E 157 30.34 15.76 2.40
C PHE E 157 30.97 16.96 3.09
N THR E 158 30.16 17.89 3.59
CA THR E 158 30.69 19.02 4.33
C THR E 158 31.09 18.66 5.75
N TRP E 159 30.61 17.54 6.28
CA TRP E 159 30.85 17.19 7.67
C TRP E 159 32.32 16.94 8.00
N PRO E 160 33.11 16.24 7.17
CA PRO E 160 34.53 16.03 7.53
C PRO E 160 35.24 17.32 7.89
N LEU E 161 34.94 18.41 7.19
CA LEU E 161 35.57 19.69 7.51
C LEU E 161 34.98 20.30 8.78
N ILE E 162 33.66 20.13 9.00
CA ILE E 162 33.04 20.70 10.18
C ILE E 162 33.55 20.02 11.45
N ALA E 163 33.80 18.71 11.38
CA ALA E 163 34.25 17.95 12.54
C ALA E 163 35.75 18.06 12.78
N ALA E 164 36.50 18.65 11.84
CA ALA E 164 37.96 18.69 11.96
C ALA E 164 38.40 19.40 13.25
N ASP E 165 37.93 20.63 13.44
CA ASP E 165 38.30 21.43 14.61
C ASP E 165 37.53 21.02 15.86
N GLY E 166 36.62 20.05 15.76
CA GLY E 166 35.97 19.56 16.97
C GLY E 166 34.46 19.54 16.90
N GLY E 167 33.91 19.80 15.72
CA GLY E 167 32.48 19.63 15.55
C GLY E 167 32.07 18.18 15.75
N TYR E 168 31.00 17.98 16.51
CA TYR E 168 30.51 16.64 16.75
C TYR E 168 28.99 16.63 16.60
N ALA E 169 28.46 15.46 16.21
CA ALA E 169 27.01 15.31 16.08
C ALA E 169 26.37 15.18 17.46
N PHE E 170 26.66 14.08 18.15
CA PHE E 170 26.11 13.84 19.48
C PHE E 170 27.23 13.49 20.44
N LYS E 171 27.22 14.13 21.61
CA LYS E 171 28.23 13.81 22.62
C LYS E 171 27.99 12.40 23.15
N TYR E 172 29.00 11.55 23.04
CA TYR E 172 28.95 10.22 23.64
C TYR E 172 29.44 10.33 25.08
N ALA E 173 28.61 9.90 26.02
CA ALA E 173 28.96 9.95 27.43
C ALA E 173 28.16 8.90 28.18
N ALA E 174 28.83 8.23 29.12
CA ALA E 174 28.21 7.23 29.99
C ALA E 174 27.59 6.07 29.22
N GLY E 175 28.22 5.69 28.10
CA GLY E 175 27.77 4.55 27.33
C GLY E 175 26.55 4.77 26.47
N LYS E 176 26.07 6.01 26.35
CA LYS E 176 24.89 6.29 25.54
C LYS E 176 25.10 7.62 24.82
N TYR E 177 24.75 7.74 23.54
CA TYR E 177 24.81 9.02 22.85
C TYR E 177 23.78 9.91 23.49
N ASP E 178 24.16 11.13 23.84
CA ASP E 178 23.24 11.99 24.54
C ASP E 178 22.35 12.69 23.59
N ILE E 179 21.10 12.29 23.56
CA ILE E 179 20.17 12.84 22.60
C ILE E 179 20.03 14.31 22.65
N LYS E 180 20.64 14.97 23.62
CA LYS E 180 20.41 16.40 23.73
C LYS E 180 21.61 17.27 23.79
N ASP E 181 22.78 16.71 23.69
CA ASP E 181 23.94 17.53 23.72
C ASP E 181 24.48 17.43 22.34
N VAL E 182 24.21 18.44 21.53
CA VAL E 182 24.63 18.47 20.14
C VAL E 182 25.78 19.40 19.96
N GLY E 183 26.64 19.21 18.97
CA GLY E 183 27.81 20.05 18.88
C GLY E 183 28.10 20.62 17.51
N VAL E 184 27.08 21.19 16.92
CA VAL E 184 27.25 21.80 15.63
C VAL E 184 27.55 23.28 15.80
N ASP E 185 27.21 23.81 16.96
CA ASP E 185 27.41 25.18 17.37
C ASP E 185 28.75 25.53 18.07
N ASN E 186 29.65 24.60 18.35
CA ASN E 186 30.90 24.94 19.04
C ASN E 186 31.97 25.55 18.17
N ALA E 187 33.08 26.05 18.72
CA ALA E 187 34.08 26.71 17.90
C ALA E 187 34.55 25.80 16.76
N GLY E 188 34.51 24.49 16.97
CA GLY E 188 34.97 23.59 15.93
C GLY E 188 34.16 23.70 14.65
N ALA E 189 32.84 23.60 14.76
CA ALA E 189 31.98 23.65 13.58
C ALA E 189 32.08 25.00 12.88
N LYS E 190 32.03 26.09 13.65
CA LYS E 190 32.09 27.43 13.06
C LYS E 190 33.38 27.63 12.28
N ALA E 191 34.52 27.19 12.83
CA ALA E 191 35.78 27.31 12.10
C ALA E 191 35.75 26.49 10.83
N GLY E 192 35.17 25.29 10.88
CA GLY E 192 35.08 24.48 9.68
C GLY E 192 34.12 25.08 8.66
N LEU E 193 32.96 25.52 9.12
CA LEU E 193 31.94 26.03 8.19
C LEU E 193 32.33 27.39 7.62
N THR E 194 32.93 28.25 8.44
CA THR E 194 33.36 29.56 7.94
C THR E 194 34.38 29.40 6.82
N PHE E 195 35.30 28.45 6.96
CA PHE E 195 36.27 28.20 5.89
C PHE E 195 35.56 27.79 4.60
N LEU E 196 34.48 27.01 4.72
CA LEU E 196 33.71 26.64 3.55
C LEU E 196 32.98 27.84 2.95
N VAL E 197 32.42 28.69 3.80
CA VAL E 197 31.74 29.89 3.31
C VAL E 197 32.75 30.86 2.70
N ASP E 198 33.92 30.99 3.33
CA ASP E 198 34.96 31.86 2.77
C ASP E 198 35.44 31.35 1.42
N LEU E 199 35.41 30.03 1.19
CA LEU E 199 35.79 29.49 -0.11
C LEU E 199 34.81 29.92 -1.19
N ILE E 200 33.53 30.06 -0.85
CA ILE E 200 32.54 30.51 -1.81
C ILE E 200 32.64 32.01 -2.01
N LYS E 201 32.82 32.77 -0.92
CA LYS E 201 32.95 34.22 -1.04
C LYS E 201 34.16 34.61 -1.87
N ASN E 202 35.27 33.89 -1.71
CA ASN E 202 36.48 34.13 -2.48
C ASN E 202 36.48 33.38 -3.82
N LYS E 203 35.31 32.91 -4.27
CA LYS E 203 35.13 32.37 -5.61
C LYS E 203 35.96 31.12 -5.87
N HIS E 204 36.24 30.35 -4.83
CA HIS E 204 36.93 29.08 -4.99
C HIS E 204 35.97 27.89 -5.01
N MET E 205 34.71 28.10 -4.63
CA MET E 205 33.65 27.12 -4.75
C MET E 205 32.34 27.86 -4.99
N ASN E 206 31.38 27.15 -5.60
CA ASN E 206 30.05 27.69 -5.85
C ASN E 206 29.06 27.01 -4.92
N ALA E 207 28.20 27.81 -4.29
CA ALA E 207 27.28 27.29 -3.28
C ALA E 207 26.21 26.37 -3.84
N ASP E 208 25.91 26.47 -5.15
CA ASP E 208 24.85 25.66 -5.74
C ASP E 208 25.35 24.30 -6.23
N THR E 209 26.59 23.94 -5.92
CA THR E 209 27.16 22.70 -6.41
C THR E 209 26.53 21.50 -5.71
N ASP E 210 26.19 20.47 -6.48
CA ASP E 210 25.58 19.26 -5.94
C ASP E 210 26.43 18.06 -6.35
N TYR E 211 25.87 16.86 -6.22
CA TYR E 211 26.61 15.64 -6.54
C TYR E 211 26.90 15.57 -8.05
N SER E 212 25.85 15.65 -8.86
CA SER E 212 26.03 15.48 -10.30
C SER E 212 26.95 16.55 -10.88
N ILE E 213 26.90 17.77 -10.33
CA ILE E 213 27.76 18.83 -10.83
C ILE E 213 29.22 18.51 -10.54
N ALA E 214 29.53 18.19 -9.29
CA ALA E 214 30.91 17.93 -8.90
C ALA E 214 31.46 16.70 -9.61
N GLU E 215 30.62 15.68 -9.81
CA GLU E 215 31.07 14.46 -10.49
C GLU E 215 31.37 14.73 -11.95
N ALA E 216 30.53 15.52 -12.62
CA ALA E 216 30.79 15.86 -14.01
C ALA E 216 32.07 16.66 -14.15
N ALA E 217 32.33 17.57 -13.20
CA ALA E 217 33.51 18.41 -13.28
C ALA E 217 34.79 17.62 -13.06
N PHE E 218 34.74 16.57 -12.23
CA PHE E 218 35.94 15.77 -11.99
C PHE E 218 36.17 14.75 -13.10
N ASN E 219 35.09 14.11 -13.58
CA ASN E 219 35.25 13.12 -14.63
C ASN E 219 35.53 13.73 -15.99
N LYS E 220 35.35 15.05 -16.14
CA LYS E 220 35.69 15.75 -17.37
C LYS E 220 37.04 16.47 -17.27
N GLY E 221 37.76 16.32 -16.16
CA GLY E 221 39.04 16.96 -16.02
C GLY E 221 38.98 18.46 -15.78
N GLU E 222 37.81 18.98 -15.42
CA GLU E 222 37.68 20.42 -15.22
C GLU E 222 38.12 20.83 -13.82
N THR E 223 37.83 20.01 -12.82
CA THR E 223 38.23 20.28 -11.44
C THR E 223 39.30 19.27 -11.01
N ALA E 224 40.23 19.73 -10.18
CA ALA E 224 41.38 18.93 -9.82
C ALA E 224 41.09 17.98 -8.66
N MET E 225 40.11 18.29 -7.81
CA MET E 225 39.80 17.45 -6.67
C MET E 225 38.29 17.39 -6.45
N THR E 226 37.86 16.27 -5.87
CA THR E 226 36.50 16.09 -5.41
C THR E 226 36.55 15.29 -4.11
N ILE E 227 35.38 15.11 -3.50
CA ILE E 227 35.25 14.36 -2.26
C ILE E 227 34.09 13.39 -2.44
N ASN E 228 34.39 12.10 -2.42
CA ASN E 228 33.35 11.09 -2.60
C ASN E 228 33.78 9.78 -1.95
N GLY E 229 32.89 8.79 -2.03
CA GLY E 229 33.15 7.48 -1.48
C GLY E 229 33.47 6.48 -2.56
N PRO E 230 33.65 5.22 -2.16
CA PRO E 230 34.09 4.19 -3.13
C PRO E 230 33.09 3.92 -4.23
N TRP E 231 31.81 4.26 -4.06
CA TRP E 231 30.82 4.01 -5.10
C TRP E 231 31.08 4.87 -6.34
N ALA E 232 31.81 5.97 -6.21
CA ALA E 232 32.05 6.87 -7.33
C ALA E 232 33.23 6.44 -8.20
N TRP E 233 33.92 5.35 -7.86
CA TRP E 233 35.18 5.03 -8.51
C TRP E 233 34.97 4.54 -9.94
N SER E 234 33.98 3.66 -10.16
CA SER E 234 33.80 3.06 -11.47
C SER E 234 33.51 4.10 -12.55
N ASN E 235 32.93 5.25 -12.18
CA ASN E 235 32.69 6.30 -13.15
C ASN E 235 33.98 7.04 -13.53
N ILE E 236 34.91 7.19 -12.59
CA ILE E 236 36.19 7.78 -12.94
C ILE E 236 37.03 6.83 -13.77
N ASP E 237 36.78 5.52 -13.65
CA ASP E 237 37.47 4.55 -14.49
C ASP E 237 37.07 4.71 -15.95
N THR E 238 35.77 4.77 -16.22
CA THR E 238 35.28 4.95 -17.59
C THR E 238 35.77 6.25 -18.20
N SER E 239 36.07 7.25 -17.38
CA SER E 239 36.55 8.53 -17.87
C SER E 239 38.06 8.50 -18.07
N ALA E 240 38.54 9.44 -18.87
CA ALA E 240 39.96 9.52 -19.20
C ALA E 240 40.81 9.94 -18.01
N VAL E 241 40.21 10.18 -16.85
CA VAL E 241 40.96 10.74 -15.72
C VAL E 241 41.85 9.67 -15.11
N ASN E 242 43.12 10.00 -14.91
CA ASN E 242 44.05 9.19 -14.14
C ASN E 242 44.02 9.74 -12.72
N TYR E 243 43.31 9.06 -11.84
CA TYR E 243 42.98 9.61 -10.53
C TYR E 243 43.70 8.86 -9.41
N GLY E 244 43.80 9.54 -8.26
CA GLY E 244 44.27 8.94 -7.04
C GLY E 244 43.24 9.10 -5.94
N VAL E 245 43.32 8.25 -4.91
CA VAL E 245 42.44 8.30 -3.76
C VAL E 245 43.31 8.31 -2.52
N THR E 246 43.22 9.39 -1.74
CA THR E 246 44.18 9.61 -0.65
C THR E 246 43.46 10.19 0.57
N VAL E 247 44.26 10.49 1.60
CA VAL E 247 43.72 11.01 2.85
C VAL E 247 43.09 12.38 2.60
N LEU E 248 41.99 12.64 3.31
CA LEU E 248 41.36 13.95 3.27
C LEU E 248 42.35 15.03 3.68
N PRO E 249 42.11 16.27 3.31
CA PRO E 249 42.95 17.39 3.63
C PRO E 249 42.86 17.82 5.06
N THR E 250 43.95 18.12 5.72
CA THR E 250 43.86 18.53 7.11
C THR E 250 43.27 19.94 7.20
N PHE E 251 42.67 20.23 8.36
CA PHE E 251 42.15 21.57 8.65
C PHE E 251 42.68 21.99 10.01
N LYS E 252 43.40 23.12 10.04
CA LYS E 252 44.02 23.62 11.26
C LYS E 252 44.97 22.58 11.86
N GLY E 253 45.72 21.90 11.00
CA GLY E 253 46.65 20.87 11.42
C GLY E 253 46.02 19.57 11.87
N GLN E 254 44.69 19.50 11.95
CA GLN E 254 43.99 18.29 12.37
C GLN E 254 43.40 17.57 11.17
N PRO E 255 43.19 16.29 11.28
CA PRO E 255 42.70 15.55 10.13
C PRO E 255 41.26 15.74 9.92
N SER E 256 40.85 15.44 8.71
CA SER E 256 39.46 15.55 8.37
C SER E 256 38.77 14.36 8.99
N LYS E 257 37.62 14.58 9.57
CA LYS E 257 36.85 13.56 10.26
C LYS E 257 35.56 13.11 9.62
N PRO E 258 35.62 12.15 8.74
CA PRO E 258 34.37 11.82 8.03
C PRO E 258 33.52 10.82 8.81
N PHE E 259 32.20 11.02 8.77
CA PHE E 259 31.28 10.01 9.31
C PHE E 259 31.42 8.72 8.54
N VAL E 260 31.87 7.67 9.20
CA VAL E 260 31.98 6.36 8.58
C VAL E 260 30.61 5.70 8.55
N GLY E 261 30.25 5.14 7.40
CA GLY E 261 28.96 4.50 7.23
C GLY E 261 29.10 3.02 6.95
N VAL E 262 28.07 2.27 7.32
CA VAL E 262 28.01 0.83 7.09
C VAL E 262 26.77 0.54 6.27
N LEU E 263 26.95 0.24 4.99
CA LEU E 263 25.84 -0.17 4.14
C LEU E 263 25.17 -1.40 4.74
N SER E 264 23.87 -1.29 5.04
CA SER E 264 23.17 -2.31 5.78
C SER E 264 21.89 -2.72 5.05
N ALA E 265 21.56 -4.00 5.17
CA ALA E 265 20.36 -4.58 4.57
C ALA E 265 19.38 -4.92 5.69
N GLY E 266 18.27 -4.19 5.74
CA GLY E 266 17.21 -4.47 6.70
C GLY E 266 16.09 -5.25 6.07
N ILE E 267 15.33 -5.96 6.90
CA ILE E 267 14.24 -6.81 6.45
C ILE E 267 12.93 -6.19 6.93
N ASN E 268 12.05 -5.88 5.99
CA ASN E 268 10.78 -5.25 6.30
C ASN E 268 9.96 -6.12 7.23
N ALA E 269 9.55 -5.55 8.37
CA ALA E 269 8.73 -6.29 9.33
C ALA E 269 7.42 -6.75 8.72
N ALA E 270 6.94 -6.10 7.67
CA ALA E 270 5.71 -6.48 6.99
C ALA E 270 5.94 -7.43 5.83
N SER E 271 7.18 -7.79 5.54
CA SER E 271 7.45 -8.70 4.44
C SER E 271 6.93 -10.10 4.77
N PRO E 272 6.15 -10.72 3.90
CA PRO E 272 5.82 -12.14 4.07
C PRO E 272 6.92 -13.10 3.63
N ASN E 273 8.10 -12.59 3.30
CA ASN E 273 9.20 -13.38 2.77
C ASN E 273 10.44 -13.29 3.64
N LYS E 274 10.24 -13.19 4.97
CA LYS E 274 11.36 -12.99 5.87
C LYS E 274 12.36 -14.13 5.78
N GLU E 275 11.88 -15.37 5.74
CA GLU E 275 12.78 -16.50 5.58
C GLU E 275 13.59 -16.38 4.29
N LEU E 276 12.92 -16.04 3.18
CA LEU E 276 13.61 -15.93 1.90
C LEU E 276 14.59 -14.76 1.89
N ALA E 277 14.22 -13.64 2.52
CA ALA E 277 15.15 -12.53 2.62
C ALA E 277 16.38 -12.91 3.43
N LYS E 278 16.20 -13.66 4.50
CA LYS E 278 17.33 -14.08 5.33
C LYS E 278 18.25 -15.03 4.57
N GLU E 279 17.67 -15.93 3.78
CA GLU E 279 18.50 -16.84 2.98
C GLU E 279 19.27 -16.07 1.91
N PHE E 280 18.61 -15.16 1.21
CA PHE E 280 19.26 -14.40 0.15
C PHE E 280 20.42 -13.58 0.70
N LEU E 281 20.21 -12.90 1.82
CA LEU E 281 21.25 -12.03 2.37
C LEU E 281 22.41 -12.84 2.94
N GLU E 282 22.11 -13.96 3.62
CA GLU E 282 23.16 -14.69 4.31
C GLU E 282 23.95 -15.61 3.38
N ASN E 283 23.28 -16.27 2.44
CA ASN E 283 23.92 -17.32 1.65
C ASN E 283 24.19 -16.94 0.21
N TYR E 284 23.73 -15.77 -0.25
CA TYR E 284 23.95 -15.39 -1.63
C TYR E 284 24.64 -14.04 -1.76
N LEU E 285 24.15 -13.00 -1.11
CA LEU E 285 24.82 -11.70 -1.19
C LEU E 285 26.10 -11.70 -0.34
N LEU E 286 25.98 -12.02 0.94
CA LEU E 286 27.13 -11.98 1.84
C LEU E 286 28.05 -13.19 1.61
N THR E 287 28.48 -13.31 0.36
CA THR E 287 29.47 -14.29 -0.07
C THR E 287 30.52 -13.57 -0.90
N ASP E 288 31.63 -14.27 -1.17
CA ASP E 288 32.64 -13.71 -2.07
C ASP E 288 32.04 -13.40 -3.43
N GLU E 289 31.23 -14.32 -3.96
CA GLU E 289 30.64 -14.14 -5.28
C GLU E 289 29.59 -13.03 -5.27
N GLY E 290 28.81 -12.95 -4.19
CA GLY E 290 27.74 -11.96 -4.15
C GLY E 290 28.27 -10.54 -4.02
N LEU E 291 29.22 -10.32 -3.11
CA LEU E 291 29.81 -9.00 -2.97
C LEU E 291 30.64 -8.63 -4.19
N GLU E 292 31.29 -9.61 -4.82
CA GLU E 292 31.99 -9.34 -6.06
C GLU E 292 31.05 -8.72 -7.09
N ALA E 293 29.94 -9.40 -7.37
CA ALA E 293 29.00 -8.94 -8.39
C ALA E 293 28.55 -7.50 -8.13
N VAL E 294 28.36 -7.15 -6.85
CA VAL E 294 27.98 -5.77 -6.53
C VAL E 294 29.18 -4.83 -6.66
N ASN E 295 30.38 -5.33 -6.34
CA ASN E 295 31.56 -4.47 -6.32
C ASN E 295 32.03 -4.11 -7.72
N LYS E 296 31.84 -5.01 -8.70
CA LYS E 296 32.20 -4.68 -10.08
C LYS E 296 31.24 -3.68 -10.70
N ASP E 297 30.02 -3.59 -10.20
CA ASP E 297 29.09 -2.55 -10.65
C ASP E 297 29.49 -1.20 -10.10
N LYS E 298 29.51 -1.07 -8.77
CA LYS E 298 29.93 0.15 -8.09
C LYS E 298 30.66 -0.34 -6.84
N PRO E 299 31.90 0.11 -6.61
CA PRO E 299 32.67 -0.41 -5.48
C PRO E 299 31.99 -0.15 -4.15
N LEU E 300 31.95 -1.19 -3.31
CA LEU E 300 31.25 -1.14 -2.03
C LEU E 300 32.05 -0.45 -0.94
N GLY E 301 33.38 -0.42 -1.06
CA GLY E 301 34.22 -0.02 0.04
C GLY E 301 34.81 -1.24 0.71
N ALA E 302 35.14 -1.14 1.99
CA ALA E 302 35.64 -2.30 2.75
C ALA E 302 34.45 -3.14 3.18
N VAL E 303 34.27 -4.30 2.54
CA VAL E 303 33.12 -5.13 2.85
C VAL E 303 33.25 -5.73 4.25
N ALA E 304 32.09 -6.06 4.83
CA ALA E 304 32.05 -6.61 6.17
C ALA E 304 32.42 -8.09 6.23
N LEU E 305 32.43 -8.78 5.08
CA LEU E 305 32.78 -10.19 5.03
C LEU E 305 34.30 -10.33 4.94
N LYS E 306 34.89 -11.02 5.92
CA LYS E 306 36.35 -11.08 6.02
C LYS E 306 36.95 -11.82 4.82
N SER E 307 36.26 -12.85 4.33
CA SER E 307 36.82 -13.65 3.24
C SER E 307 37.04 -12.82 1.98
N TYR E 308 36.14 -11.89 1.70
CA TYR E 308 36.28 -11.01 0.53
C TYR E 308 37.05 -9.75 0.84
N GLU E 309 37.01 -9.27 2.09
CA GLU E 309 37.74 -8.06 2.44
C GLU E 309 39.24 -8.29 2.41
N GLU E 310 39.69 -9.52 2.66
CA GLU E 310 41.12 -9.81 2.56
C GLU E 310 41.67 -9.49 1.18
N GLU E 311 40.89 -9.79 0.14
CA GLU E 311 41.28 -9.42 -1.22
C GLU E 311 41.02 -7.95 -1.52
N LEU E 312 40.01 -7.36 -0.87
CA LEU E 312 39.69 -5.96 -1.11
C LEU E 312 40.67 -5.01 -0.41
N ALA E 313 41.26 -5.44 0.71
CA ALA E 313 42.27 -4.63 1.39
C ALA E 313 43.52 -4.41 0.55
N LYS E 314 43.57 -4.93 -0.66
CA LYS E 314 44.73 -4.70 -1.50
C LYS E 314 44.68 -3.41 -2.34
N ASP E 315 43.52 -2.98 -2.78
CA ASP E 315 43.33 -1.71 -3.47
C ASP E 315 43.83 -0.56 -2.61
N PRO E 316 44.91 0.12 -3.02
CA PRO E 316 45.35 1.31 -2.26
C PRO E 316 44.25 2.33 -2.08
N ARG E 317 43.26 2.35 -2.98
CA ARG E 317 42.05 3.14 -2.72
C ARG E 317 41.34 2.64 -1.47
N ILE E 318 41.09 1.34 -1.39
CA ILE E 318 40.45 0.76 -0.20
C ILE E 318 41.29 1.05 1.03
N ALA E 319 42.62 0.91 0.91
CA ALA E 319 43.51 1.29 2.00
C ALA E 319 43.31 2.75 2.38
N ALA E 320 43.28 3.64 1.38
CA ALA E 320 43.04 5.06 1.64
C ALA E 320 41.66 5.28 2.22
N THR E 321 40.66 4.52 1.75
CA THR E 321 39.32 4.64 2.30
C THR E 321 39.32 4.28 3.79
N MET E 322 40.00 3.19 4.15
CA MET E 322 40.06 2.81 5.55
C MET E 322 40.95 3.75 6.36
N GLU E 323 42.00 4.29 5.74
CA GLU E 323 42.82 5.28 6.42
C GLU E 323 42.01 6.52 6.78
N ASN E 324 41.12 6.94 5.87
CA ASN E 324 40.22 8.06 6.18
C ASN E 324 39.15 7.65 7.16
N ALA E 325 38.76 6.37 7.16
CA ALA E 325 37.74 5.89 8.09
C ALA E 325 38.29 5.84 9.51
N GLN E 326 39.50 5.31 9.68
CA GLN E 326 40.12 5.26 11.00
C GLN E 326 40.31 6.66 11.58
N LYS E 327 40.44 7.67 10.72
CA LYS E 327 40.57 9.04 11.17
C LYS E 327 39.23 9.68 11.52
N GLY E 328 38.12 9.05 11.14
CA GLY E 328 36.80 9.55 11.46
C GLY E 328 36.13 8.74 12.57
N GLU E 329 34.80 8.79 12.58
CA GLU E 329 34.02 8.11 13.62
C GLU E 329 32.81 7.44 12.98
N ILE E 330 32.46 6.27 13.50
CA ILE E 330 31.29 5.54 12.99
C ILE E 330 30.03 6.33 13.31
N MET E 331 29.08 6.30 12.37
CA MET E 331 27.85 7.04 12.55
C MET E 331 26.99 6.39 13.63
N PRO E 332 26.37 7.19 14.50
CA PRO E 332 25.35 6.64 15.39
C PRO E 332 24.16 6.15 14.58
N ASN E 333 23.44 5.17 15.12
CA ASN E 333 22.26 4.63 14.45
C ASN E 333 20.97 5.02 15.16
N ILE E 334 21.02 6.00 16.06
CA ILE E 334 19.89 6.42 16.87
C ILE E 334 18.80 7.02 15.98
N PRO E 335 17.55 7.10 16.45
CA PRO E 335 16.49 7.68 15.61
C PRO E 335 16.68 9.17 15.33
N GLN E 336 17.32 9.90 16.25
CA GLN E 336 17.48 11.34 16.10
C GLN E 336 18.52 11.72 15.04
N MET E 337 19.11 10.73 14.36
CA MET E 337 20.06 11.05 13.29
C MET E 337 19.35 11.71 12.12
N SER E 338 18.12 11.30 11.83
CA SER E 338 17.36 11.92 10.75
C SER E 338 17.14 13.41 11.03
N ALA E 339 16.90 13.76 12.28
CA ALA E 339 16.71 15.17 12.64
C ALA E 339 18.01 15.95 12.65
N PHE E 340 19.12 15.31 13.03
CA PHE E 340 20.41 15.96 12.98
C PHE E 340 20.81 16.27 11.54
N TRP E 341 20.61 15.29 10.63
CA TRP E 341 20.96 15.49 9.23
C TRP E 341 20.14 16.62 8.61
N TYR E 342 18.85 16.72 8.98
CA TYR E 342 18.00 17.76 8.42
C TYR E 342 18.42 19.14 8.91
N ALA E 343 18.85 19.24 10.17
CA ALA E 343 19.26 20.52 10.72
C ALA E 343 20.59 20.97 10.10
N VAL E 344 21.53 20.06 9.90
CA VAL E 344 22.81 20.43 9.32
C VAL E 344 22.68 20.69 7.83
N ARG E 345 21.76 20.02 7.14
CA ARG E 345 21.53 20.29 5.73
C ARG E 345 21.06 21.74 5.54
N THR E 346 20.20 22.22 6.43
CA THR E 346 19.69 23.58 6.32
C THR E 346 20.78 24.61 6.62
N ALA E 347 21.56 24.38 7.68
CA ALA E 347 22.57 25.35 8.07
C ALA E 347 23.69 25.48 7.03
N VAL E 348 24.03 24.38 6.36
CA VAL E 348 25.06 24.44 5.33
C VAL E 348 24.56 25.20 4.11
N ILE E 349 23.38 24.82 3.61
CA ILE E 349 22.81 25.47 2.43
C ILE E 349 22.60 26.96 2.69
N ASN E 350 22.04 27.30 3.87
CA ASN E 350 21.73 28.69 4.16
C ASN E 350 22.98 29.53 4.33
N ALA E 351 24.01 28.98 4.99
CA ALA E 351 25.25 29.73 5.13
C ALA E 351 26.00 29.82 3.80
N ALA E 352 25.93 28.76 3.00
CA ALA E 352 26.59 28.79 1.69
C ALA E 352 25.89 29.77 0.75
N SER E 353 24.55 29.80 0.78
CA SER E 353 23.77 30.70 -0.06
C SER E 353 23.77 32.13 0.44
N GLY E 354 24.34 32.40 1.60
CA GLY E 354 24.35 33.73 2.17
C GLY E 354 23.08 34.13 2.88
N ARG E 355 22.03 33.29 2.83
CA ARG E 355 20.78 33.61 3.51
C ARG E 355 20.96 33.83 5.01
N GLN E 356 21.98 33.24 5.60
CA GLN E 356 22.29 33.42 7.00
C GLN E 356 23.80 33.48 7.19
N THR E 357 24.22 34.09 8.29
CA THR E 357 25.61 33.98 8.69
C THR E 357 25.87 32.58 9.23
N VAL E 358 27.16 32.21 9.30
CA VAL E 358 27.52 30.90 9.83
C VAL E 358 27.07 30.75 11.27
N ASP E 359 27.08 31.84 12.04
CA ASP E 359 26.73 31.76 13.46
C ASP E 359 25.24 31.49 13.65
N ALA E 360 24.39 32.20 12.91
CA ALA E 360 22.95 32.02 13.09
C ALA E 360 22.45 30.72 12.47
N ALA E 361 23.08 30.24 11.41
CA ALA E 361 22.67 28.98 10.80
C ALA E 361 22.99 27.80 11.71
N LEU E 362 24.18 27.79 12.30
CA LEU E 362 24.58 26.68 13.15
C LEU E 362 23.84 26.71 14.48
N ALA E 363 23.57 27.90 15.01
CA ALA E 363 22.80 28.00 16.24
C ALA E 363 21.37 27.51 16.05
N ALA E 364 20.81 27.68 14.84
CA ALA E 364 19.48 27.17 14.56
C ALA E 364 19.48 25.65 14.46
N ALA E 365 20.49 25.08 13.79
CA ALA E 365 20.61 23.63 13.71
C ALA E 365 20.86 23.03 15.09
N GLN E 366 21.71 23.68 15.89
CA GLN E 366 21.95 23.24 17.26
C GLN E 366 20.64 23.10 18.03
N THR E 367 19.73 24.07 17.85
CA THR E 367 18.40 23.95 18.45
C THR E 367 17.53 22.98 17.68
N ASN E 368 17.66 22.95 16.34
CA ASN E 368 16.81 22.09 15.52
C ASN E 368 17.12 20.62 15.75
N ALA E 369 18.41 20.27 15.76
CA ALA E 369 18.79 18.86 15.80
C ALA E 369 18.31 18.18 17.08
N ALA E 370 18.38 18.89 18.21
CA ALA E 370 17.99 18.31 19.49
C ALA E 370 16.49 18.38 19.73
N ARG E 371 15.71 18.90 18.80
CA ARG E 371 14.27 19.01 18.96
C ARG E 371 13.58 17.74 18.48
N ARG E 372 12.60 17.28 19.25
CA ARG E 372 11.81 16.12 18.86
C ARG E 372 10.94 16.46 17.65
N LYS E 373 10.47 15.42 16.98
CA LYS E 373 9.68 15.59 15.76
C LYS E 373 8.21 15.31 16.05
N PRO E 374 7.34 16.30 15.95
CA PRO E 374 5.91 16.07 16.23
C PRO E 374 5.32 15.04 15.27
N SER E 375 4.69 14.02 15.83
CA SER E 375 4.08 12.96 15.03
C SER E 375 2.93 13.53 14.20
N TRP E 376 2.41 12.68 13.29
CA TRP E 376 1.32 13.11 12.44
C TRP E 376 0.05 13.38 13.24
N ARG E 377 -0.11 12.72 14.39
CA ARG E 377 -1.22 13.05 15.27
C ARG E 377 -0.99 14.39 15.97
N GLU E 378 0.27 14.76 16.19
CA GLU E 378 0.57 16.07 16.77
C GLU E 378 0.46 17.17 15.72
N ARG E 379 0.88 16.89 14.49
CA ARG E 379 0.72 17.87 13.42
C ARG E 379 -0.75 18.15 13.14
N GLU E 380 -1.55 17.08 13.00
CA GLU E 380 -2.95 17.24 12.66
C GLU E 380 -3.70 18.05 13.72
N ASN E 381 -3.46 17.74 15.00
CA ASN E 381 -4.16 18.46 16.07
C ASN E 381 -3.83 19.95 16.06
N ASN E 382 -2.66 20.32 15.58
CA ASN E 382 -2.34 21.74 15.44
C ASN E 382 -3.13 22.37 14.30
N ARG E 383 -3.36 21.61 13.22
CA ARG E 383 -4.18 22.13 12.12
C ARG E 383 -5.63 22.30 12.56
N ARG E 384 -6.15 21.35 13.34
CA ARG E 384 -7.51 21.48 13.85
C ARG E 384 -7.63 22.65 14.83
N ARG E 385 -6.58 22.88 15.63
CA ARG E 385 -6.64 23.93 16.65
C ARG E 385 -6.70 25.32 16.01
N GLU E 386 -5.91 25.55 14.97
CA GLU E 386 -5.89 26.86 14.35
C GLU E 386 -7.06 27.08 13.40
N ARG E 387 -7.56 26.02 12.77
CA ARG E 387 -8.80 26.14 12.01
C ARG E 387 -9.98 26.40 12.94
N ARG E 388 -9.89 25.96 14.19
CA ARG E 388 -10.95 26.26 15.17
C ARG E 388 -10.84 27.70 15.67
N ARG E 389 -9.62 28.18 15.91
CA ARG E 389 -9.44 29.56 16.35
C ARG E 389 -9.91 30.54 15.29
N ARG E 390 -9.66 30.23 14.02
CA ARG E 390 -10.11 31.11 12.94
C ARG E 390 -11.61 30.96 12.66
N ALA E 391 -12.15 29.75 12.83
CA ALA E 391 -13.59 29.56 12.60
C ALA E 391 -14.40 30.24 13.69
N VAL E 392 -13.95 30.19 14.94
CA VAL E 392 -14.68 30.84 16.02
C VAL E 392 -14.64 32.35 15.86
N ALA E 393 -13.46 32.90 15.50
CA ALA E 393 -13.33 34.35 15.36
C ALA E 393 -14.18 34.88 14.22
N ALA E 394 -14.09 34.26 13.05
CA ALA E 394 -14.91 34.68 11.92
C ALA E 394 -16.40 34.47 12.18
N LYS E 395 -16.77 33.57 13.10
CA LYS E 395 -18.17 33.37 13.43
C LYS E 395 -18.70 34.48 14.34
N ILE E 396 -17.86 35.01 15.23
CA ILE E 396 -18.22 36.23 15.95
C ILE E 396 -18.45 37.36 14.96
N TYR E 397 -17.51 37.51 14.01
CA TYR E 397 -17.68 38.53 12.99
C TYR E 397 -18.85 38.24 12.07
N THR E 398 -19.23 36.96 11.95
CA THR E 398 -20.41 36.61 11.16
C THR E 398 -21.68 37.12 11.82
N GLY E 399 -21.85 36.84 13.10
CA GLY E 399 -23.02 37.35 13.82
C GLY E 399 -22.96 38.84 14.10
N LEU E 400 -21.76 39.43 14.11
CA LEU E 400 -21.63 40.86 14.34
C LEU E 400 -22.05 41.66 13.11
N ARG E 401 -21.68 41.21 11.92
CA ARG E 401 -22.06 41.91 10.70
C ARG E 401 -23.56 41.85 10.47
N ALA E 402 -24.14 40.65 10.59
CA ALA E 402 -25.55 40.47 10.28
C ALA E 402 -26.44 41.16 11.31
N GLN E 403 -26.26 40.82 12.59
CA GLN E 403 -27.12 41.32 13.66
C GLN E 403 -26.59 42.59 14.32
N GLY E 404 -25.74 43.34 13.63
CA GLY E 404 -25.09 44.48 14.25
C GLY E 404 -25.72 45.83 13.97
N ASP E 405 -26.00 46.11 12.70
CA ASP E 405 -26.44 47.44 12.26
C ASP E 405 -25.40 48.49 12.67
N TYR E 406 -24.17 48.05 12.65
CA TYR E 406 -23.10 48.88 13.14
C TYR E 406 -22.86 50.09 12.33
N ASN E 407 -23.63 50.25 11.26
CA ASN E 407 -23.46 51.38 10.36
C ASN E 407 -22.13 51.54 9.58
N LEU E 408 -21.68 50.44 9.00
CA LEU E 408 -20.50 50.45 8.16
C LEU E 408 -20.87 50.00 6.77
N PRO E 409 -19.98 50.17 5.78
CA PRO E 409 -20.23 49.76 4.39
C PRO E 409 -20.29 48.25 4.24
N LYS E 410 -20.84 47.82 3.11
CA LYS E 410 -21.00 46.40 2.83
C LYS E 410 -19.64 45.75 2.55
N HIS E 411 -19.43 44.58 3.16
CA HIS E 411 -18.24 43.76 2.93
C HIS E 411 -16.95 44.46 3.38
N CYS E 412 -17.03 45.25 4.45
CA CYS E 412 -15.83 45.86 5.00
C CYS E 412 -14.99 44.80 5.72
N ASP E 413 -13.78 45.19 6.13
CA ASP E 413 -12.86 44.22 6.69
C ASP E 413 -13.25 43.88 8.14
N ASN E 414 -12.54 42.91 8.71
CA ASN E 414 -12.77 42.55 10.11
C ASN E 414 -12.31 43.64 11.05
N ASN E 415 -11.30 44.42 10.65
CA ASN E 415 -10.79 45.47 11.52
C ASN E 415 -11.81 46.58 11.72
N GLU E 416 -12.57 46.92 10.68
CA GLU E 416 -13.59 47.96 10.82
C GLU E 416 -14.76 47.47 11.68
N VAL E 417 -15.08 46.18 11.62
CA VAL E 417 -16.11 45.62 12.50
C VAL E 417 -15.62 45.61 13.94
N LEU E 418 -14.33 45.29 14.14
CA LEU E 418 -13.76 45.34 15.49
C LEU E 418 -13.82 46.75 16.06
N LYS E 419 -13.60 47.77 15.23
CA LYS E 419 -13.65 49.15 15.71
C LYS E 419 -15.07 49.55 16.06
N ALA E 420 -16.05 49.12 15.24
CA ALA E 420 -17.45 49.45 15.53
C ALA E 420 -17.94 48.78 16.81
N LEU E 421 -17.42 47.60 17.12
CA LEU E 421 -17.75 46.97 18.39
C LEU E 421 -17.09 47.70 19.55
N CYS E 422 -15.92 48.29 19.33
CA CYS E 422 -15.21 48.99 20.39
C CYS E 422 -15.95 50.26 20.80
N VAL E 423 -16.40 51.05 19.81
CA VAL E 423 -17.07 52.31 20.14
C VAL E 423 -18.41 52.05 20.81
N GLU E 424 -19.03 50.90 20.55
CA GLU E 424 -20.27 50.57 21.24
C GLU E 424 -20.04 50.26 22.71
N ALA E 425 -18.89 49.66 23.04
CA ALA E 425 -18.54 49.36 24.42
C ALA E 425 -17.85 50.52 25.12
N GLY E 426 -17.89 51.72 24.54
CA GLY E 426 -17.33 52.90 25.17
C GLY E 426 -15.86 53.13 24.94
N TRP E 427 -15.28 52.57 23.88
CA TRP E 427 -13.87 52.73 23.59
C TRP E 427 -13.67 53.72 22.44
N VAL E 428 -12.39 54.01 22.16
CA VAL E 428 -12.01 54.92 21.08
C VAL E 428 -10.83 54.30 20.34
N VAL E 429 -10.91 54.26 19.02
CA VAL E 429 -9.84 53.72 18.18
C VAL E 429 -9.44 54.76 17.15
N GLU E 430 -8.16 54.82 16.84
CA GLU E 430 -7.62 55.67 15.79
C GLU E 430 -7.14 54.82 14.62
N GLU E 431 -6.68 55.49 13.57
CA GLU E 431 -6.23 54.78 12.37
C GLU E 431 -5.01 53.90 12.66
N ASP E 432 -4.19 54.29 13.63
CA ASP E 432 -3.02 53.51 13.99
C ASP E 432 -3.36 52.23 14.72
N GLY E 433 -4.60 52.07 15.19
CA GLY E 433 -4.97 50.94 16.00
C GLY E 433 -4.83 51.16 17.49
N THR E 434 -4.25 52.28 17.91
CA THR E 434 -4.12 52.59 19.32
C THR E 434 -5.50 52.77 19.94
N THR E 435 -5.71 52.15 21.10
CA THR E 435 -7.04 52.06 21.69
C THR E 435 -7.00 52.43 23.17
N TYR E 436 -8.01 53.19 23.59
CA TYR E 436 -8.17 53.59 24.98
C TYR E 436 -9.65 53.79 25.25
N ARG E 437 -9.97 54.06 26.51
CA ARG E 437 -11.36 54.34 26.89
C ARG E 437 -11.60 55.85 26.99
N LYS F 2 31.96 41.27 -12.39
CA LYS F 2 32.59 40.23 -13.20
C LYS F 2 32.63 40.64 -14.65
N ILE F 3 31.94 41.73 -15.00
CA ILE F 3 32.12 42.25 -16.35
C ILE F 3 33.24 43.25 -16.18
N GLU F 4 34.07 43.35 -17.18
CA GLU F 4 35.19 44.24 -17.14
C GLU F 4 35.45 44.71 -18.53
N GLU F 5 35.89 45.92 -18.73
CA GLU F 5 36.13 46.39 -20.07
C GLU F 5 37.38 45.73 -20.58
N GLY F 6 37.40 45.34 -21.83
CA GLY F 6 38.54 44.68 -22.42
C GLY F 6 38.49 43.17 -22.36
N LYS F 7 37.44 42.59 -21.77
CA LYS F 7 37.32 41.15 -21.60
C LYS F 7 35.90 40.72 -21.91
N LEU F 8 35.76 39.52 -22.46
CA LEU F 8 34.45 38.94 -22.75
C LEU F 8 34.21 37.75 -21.83
N VAL F 9 32.99 37.66 -21.32
CA VAL F 9 32.56 36.55 -20.46
C VAL F 9 31.28 35.96 -21.06
N ILE F 10 31.30 34.66 -21.31
CA ILE F 10 30.23 33.97 -22.04
C ILE F 10 29.61 32.91 -21.16
N TRP F 11 28.28 32.83 -21.18
CA TRP F 11 27.52 31.78 -20.51
C TRP F 11 26.84 30.90 -21.57
N ILE F 12 27.21 29.63 -21.60
CA ILE F 12 26.55 28.65 -22.45
C ILE F 12 26.23 27.43 -21.59
N ASN F 13 25.22 26.67 -22.00
CA ASN F 13 24.75 25.56 -21.18
C ASN F 13 25.76 24.41 -21.17
N GLY F 14 25.70 23.62 -20.10
CA GLY F 14 26.65 22.55 -19.86
C GLY F 14 26.60 21.39 -20.84
N ASP F 15 25.51 21.28 -21.62
CA ASP F 15 25.40 20.20 -22.60
C ASP F 15 25.93 20.60 -23.97
N LYS F 16 26.16 21.88 -24.22
CA LYS F 16 26.68 22.35 -25.49
C LYS F 16 28.21 22.27 -25.50
N GLY F 17 28.78 22.41 -26.69
CA GLY F 17 30.21 22.33 -26.84
C GLY F 17 30.94 23.56 -26.34
N TYR F 18 30.98 23.75 -25.02
CA TYR F 18 31.61 24.94 -24.47
C TYR F 18 33.13 24.90 -24.59
N ASN F 19 33.72 23.73 -24.83
CA ASN F 19 35.16 23.68 -24.99
C ASN F 19 35.56 24.10 -26.41
N GLY F 20 34.78 23.68 -27.41
CA GLY F 20 34.99 24.23 -28.75
C GLY F 20 34.77 25.74 -28.78
N LEU F 21 33.80 26.23 -28.02
CA LEU F 21 33.55 27.67 -27.97
C LEU F 21 34.75 28.43 -27.44
N ALA F 22 35.40 27.90 -26.39
CA ALA F 22 36.59 28.55 -25.85
C ALA F 22 37.73 28.55 -26.84
N GLU F 23 37.80 27.53 -27.70
CA GLU F 23 38.80 27.52 -28.77
C GLU F 23 38.60 28.71 -29.70
N VAL F 24 37.36 28.98 -30.07
CA VAL F 24 37.06 30.17 -30.86
C VAL F 24 37.49 31.42 -30.11
N GLY F 25 37.21 31.49 -28.80
CA GLY F 25 37.67 32.61 -28.00
C GLY F 25 39.18 32.73 -27.98
N LYS F 26 39.87 31.58 -27.93
CA LYS F 26 41.33 31.60 -27.95
C LYS F 26 41.85 32.23 -29.23
N LYS F 27 41.22 31.91 -30.37
CA LYS F 27 41.60 32.56 -31.63
C LYS F 27 41.30 34.04 -31.60
N PHE F 28 40.12 34.41 -31.11
CA PHE F 28 39.80 35.82 -30.87
C PHE F 28 40.89 36.48 -30.01
N GLU F 29 41.32 35.78 -28.95
CA GLU F 29 42.37 36.33 -28.10
C GLU F 29 43.70 36.41 -28.84
N LYS F 30 44.02 35.39 -29.65
CA LYS F 30 45.26 35.41 -30.39
C LYS F 30 45.29 36.55 -31.40
N ASP F 31 44.14 36.86 -32.01
CA ASP F 31 44.07 37.89 -33.04
C ASP F 31 43.98 39.29 -32.46
N THR F 32 43.11 39.48 -31.45
CA THR F 32 42.81 40.80 -30.94
C THR F 32 43.50 41.10 -29.61
N GLY F 33 43.75 40.09 -28.79
CA GLY F 33 44.27 40.30 -27.45
C GLY F 33 43.21 40.30 -26.38
N ILE F 34 41.94 40.27 -26.76
CA ILE F 34 40.84 40.27 -25.79
C ILE F 34 40.66 38.85 -25.27
N LYS F 35 40.76 38.69 -23.96
CA LYS F 35 40.54 37.37 -23.36
C LYS F 35 39.06 37.03 -23.36
N VAL F 36 38.76 35.79 -23.73
CA VAL F 36 37.40 35.27 -23.73
C VAL F 36 37.34 34.14 -22.72
N THR F 37 36.44 34.25 -21.75
CA THR F 37 36.24 33.25 -20.71
C THR F 37 34.86 32.64 -20.89
N VAL F 38 34.82 31.33 -21.14
CA VAL F 38 33.57 30.59 -21.32
C VAL F 38 33.22 29.91 -20.00
N GLU F 39 32.00 30.15 -19.53
CA GLU F 39 31.49 29.51 -18.33
C GLU F 39 30.19 28.80 -18.66
N HIS F 40 29.90 27.73 -17.93
CA HIS F 40 28.66 26.97 -18.08
C HIS F 40 27.98 26.80 -16.72
N PRO F 41 27.39 27.87 -16.20
CA PRO F 41 26.77 27.79 -14.87
C PRO F 41 25.56 26.87 -14.87
N ASP F 42 25.28 26.31 -13.70
CA ASP F 42 24.05 25.55 -13.51
C ASP F 42 22.87 26.51 -13.44
N LYS F 43 21.79 26.19 -14.16
CA LYS F 43 20.58 27.00 -14.17
C LYS F 43 20.85 28.42 -14.68
N LEU F 44 21.69 28.53 -15.71
CA LEU F 44 22.07 29.86 -16.20
C LEU F 44 20.87 30.63 -16.73
N GLU F 45 19.93 29.92 -17.37
CA GLU F 45 18.75 30.59 -17.91
C GLU F 45 17.87 31.17 -16.81
N GLU F 46 18.02 30.70 -15.57
CA GLU F 46 17.33 31.30 -14.44
C GLU F 46 18.19 32.35 -13.74
N LYS F 47 19.51 32.16 -13.71
CA LYS F 47 20.38 33.08 -13.00
C LYS F 47 20.52 34.42 -13.71
N PHE F 48 20.45 34.41 -15.04
CA PHE F 48 20.75 35.63 -15.81
C PHE F 48 19.84 36.80 -15.44
N PRO F 49 18.51 36.70 -15.47
CA PRO F 49 17.71 37.87 -15.07
C PRO F 49 17.95 38.30 -13.63
N GLN F 50 18.32 37.37 -12.75
CA GLN F 50 18.64 37.73 -11.37
C GLN F 50 19.89 38.61 -11.32
N VAL F 51 21.02 38.11 -11.81
CA VAL F 51 22.27 38.84 -11.68
C VAL F 51 22.28 40.08 -12.57
N ALA F 52 21.60 40.03 -13.72
CA ALA F 52 21.58 41.20 -14.60
C ALA F 52 20.88 42.37 -13.93
N ALA F 53 19.86 42.11 -13.11
CA ALA F 53 19.22 43.16 -12.35
C ALA F 53 20.14 43.78 -11.30
N THR F 54 21.28 43.15 -11.02
CA THR F 54 22.25 43.67 -10.05
C THR F 54 23.59 44.00 -10.71
N GLY F 55 23.67 44.04 -12.01
CA GLY F 55 24.93 44.35 -12.61
C GLY F 55 25.99 43.29 -12.78
N ASP F 56 25.71 42.05 -12.44
CA ASP F 56 26.69 41.03 -12.78
C ASP F 56 26.12 40.24 -13.98
N GLY F 57 26.72 39.15 -14.37
CA GLY F 57 26.19 38.44 -15.53
C GLY F 57 27.17 38.52 -16.64
N PRO F 58 27.07 37.66 -17.61
CA PRO F 58 28.08 37.66 -18.68
C PRO F 58 27.86 38.78 -19.67
N ASP F 59 28.86 38.97 -20.53
CA ASP F 59 28.68 39.85 -21.67
C ASP F 59 27.75 39.23 -22.71
N ILE F 60 27.88 37.90 -22.90
CA ILE F 60 27.07 37.16 -23.87
C ILE F 60 26.42 35.99 -23.16
N ILE F 61 25.13 35.77 -23.41
CA ILE F 61 24.40 34.63 -22.87
C ILE F 61 23.88 33.79 -24.02
N PHE F 62 24.20 32.49 -24.00
CA PHE F 62 23.72 31.54 -24.99
C PHE F 62 22.54 30.76 -24.43
N TRP F 63 21.45 30.69 -25.19
CA TRP F 63 20.32 29.85 -24.84
C TRP F 63 19.42 29.69 -26.05
N ALA F 64 18.53 28.72 -25.97
CA ALA F 64 17.44 28.61 -26.94
C ALA F 64 16.62 29.89 -26.93
N HIS F 65 16.07 30.23 -28.10
CA HIS F 65 15.47 31.54 -28.32
C HIS F 65 14.26 31.82 -27.43
N ASP F 66 13.63 30.79 -26.87
CA ASP F 66 12.34 30.99 -26.20
C ASP F 66 12.47 31.87 -24.97
N ARG F 67 13.62 31.83 -24.29
CA ARG F 67 13.78 32.61 -23.06
C ARG F 67 14.05 34.08 -23.31
N PHE F 68 14.39 34.46 -24.55
CA PHE F 68 15.00 35.76 -24.78
C PHE F 68 13.99 36.90 -24.83
N GLY F 69 12.71 36.62 -25.06
CA GLY F 69 11.72 37.68 -25.05
C GLY F 69 11.47 38.23 -23.65
N GLY F 70 11.40 37.34 -22.66
CA GLY F 70 11.33 37.80 -21.28
C GLY F 70 12.54 38.63 -20.89
N TYR F 71 13.70 38.27 -21.43
CA TYR F 71 14.91 39.06 -21.19
C TYR F 71 14.79 40.45 -21.81
N ALA F 72 14.37 40.51 -23.08
CA ALA F 72 14.18 41.80 -23.74
C ALA F 72 13.11 42.63 -23.04
N GLN F 73 12.03 41.97 -22.60
CA GLN F 73 10.98 42.68 -21.89
C GLN F 73 11.51 43.33 -20.62
N SER F 74 12.42 42.64 -19.92
CA SER F 74 13.04 43.18 -18.72
C SER F 74 14.18 44.14 -19.02
N GLY F 75 14.49 44.38 -20.29
CA GLY F 75 15.52 45.33 -20.66
C GLY F 75 16.93 44.86 -20.38
N LEU F 76 17.20 43.56 -20.54
CA LEU F 76 18.50 42.99 -20.25
C LEU F 76 19.34 42.75 -21.50
N LEU F 77 18.76 42.85 -22.68
CA LEU F 77 19.48 42.59 -23.92
C LEU F 77 19.73 43.89 -24.68
N ALA F 78 20.81 43.91 -25.44
CA ALA F 78 21.09 45.00 -26.35
C ALA F 78 20.59 44.63 -27.74
N GLU F 79 19.97 45.60 -28.41
CA GLU F 79 19.44 45.34 -29.75
C GLU F 79 20.56 44.91 -30.68
N ILE F 80 20.29 43.89 -31.47
CA ILE F 80 21.26 43.34 -32.41
C ILE F 80 21.08 44.02 -33.76
N THR F 81 22.15 44.61 -34.28
CA THR F 81 22.10 45.40 -35.52
C THR F 81 23.13 44.88 -36.50
N PRO F 82 22.89 43.72 -37.11
CA PRO F 82 23.80 43.24 -38.15
C PRO F 82 23.55 43.97 -39.47
N ALA F 83 24.63 44.15 -40.22
CA ALA F 83 24.51 44.71 -41.56
C ALA F 83 23.66 43.78 -42.43
N ALA F 84 23.16 44.33 -43.53
CA ALA F 84 22.39 43.54 -44.46
C ALA F 84 23.19 42.33 -44.95
N ALA F 85 24.42 42.58 -45.41
CA ALA F 85 25.25 41.52 -45.98
C ALA F 85 25.45 40.37 -45.00
N PHE F 86 25.60 40.68 -43.71
CA PHE F 86 25.74 39.60 -42.74
C PHE F 86 24.41 38.95 -42.42
N GLN F 87 23.35 39.75 -42.27
CA GLN F 87 22.03 39.20 -41.98
C GLN F 87 21.63 38.16 -43.03
N ASP F 88 22.04 38.37 -44.29
CA ASP F 88 21.69 37.44 -45.35
C ASP F 88 22.47 36.13 -45.27
N LYS F 89 23.59 36.11 -44.54
CA LYS F 89 24.36 34.88 -44.38
C LYS F 89 23.61 33.83 -43.57
N LEU F 90 22.55 34.21 -42.88
CA LEU F 90 21.77 33.32 -42.03
C LEU F 90 20.38 33.11 -42.62
N TYR F 91 19.78 31.97 -42.31
CA TYR F 91 18.45 31.66 -42.79
C TYR F 91 17.44 32.64 -42.17
N PRO F 92 16.52 33.20 -42.96
CA PRO F 92 15.58 34.20 -42.41
C PRO F 92 14.79 33.71 -41.21
N PHE F 93 14.37 32.45 -41.19
CA PHE F 93 13.52 31.98 -40.10
C PHE F 93 14.28 31.90 -38.77
N THR F 94 15.61 31.79 -38.82
CA THR F 94 16.38 31.84 -37.59
C THR F 94 16.37 33.23 -36.99
N TRP F 95 16.45 34.25 -37.84
CA TRP F 95 16.28 35.64 -37.35
C TRP F 95 14.89 35.85 -36.78
N ASP F 96 13.88 35.23 -37.40
CA ASP F 96 12.50 35.40 -36.95
C ASP F 96 12.34 34.93 -35.51
N ALA F 97 13.04 33.85 -35.13
CA ALA F 97 12.99 33.34 -33.77
C ALA F 97 13.58 34.32 -32.76
N VAL F 98 14.48 35.20 -33.19
CA VAL F 98 15.11 36.15 -32.28
C VAL F 98 14.60 37.57 -32.52
N ARG F 99 13.49 37.73 -33.23
CA ARG F 99 12.85 39.02 -33.36
C ARG F 99 11.78 39.16 -32.29
N TYR F 100 11.76 40.32 -31.62
CA TYR F 100 10.81 40.54 -30.54
C TYR F 100 10.40 42.00 -30.55
N ASN F 101 9.10 42.25 -30.72
CA ASN F 101 8.55 43.60 -30.77
C ASN F 101 9.26 44.44 -31.84
N GLY F 102 9.64 43.79 -32.94
CA GLY F 102 10.18 44.46 -34.09
C GLY F 102 11.68 44.59 -34.16
N LYS F 103 12.40 44.20 -33.09
CA LYS F 103 13.84 44.31 -33.06
C LYS F 103 14.47 42.94 -32.90
N LEU F 104 15.69 42.78 -33.43
CA LEU F 104 16.48 41.59 -33.19
C LEU F 104 17.13 41.70 -31.82
N ILE F 105 17.06 40.63 -31.03
CA ILE F 105 17.55 40.63 -29.66
C ILE F 105 18.62 39.58 -29.41
N ALA F 106 19.01 38.82 -30.42
CA ALA F 106 20.07 37.83 -30.26
C ALA F 106 20.52 37.35 -31.63
N TYR F 107 21.72 36.79 -31.66
CA TYR F 107 22.24 36.15 -32.87
C TYR F 107 21.85 34.67 -32.86
N PRO F 108 21.12 34.19 -33.87
CA PRO F 108 20.81 32.76 -33.90
C PRO F 108 22.01 31.95 -34.32
N ILE F 109 22.17 30.76 -33.71
CA ILE F 109 23.34 29.91 -33.93
C ILE F 109 22.97 28.61 -34.63
N ALA F 110 22.08 27.82 -34.02
CA ALA F 110 21.74 26.52 -34.60
C ALA F 110 20.31 26.17 -34.24
N VAL F 111 19.78 25.20 -34.98
CA VAL F 111 18.39 24.75 -34.86
C VAL F 111 18.40 23.36 -34.25
N GLU F 112 17.74 23.20 -33.11
CA GLU F 112 17.73 21.95 -32.38
C GLU F 112 16.32 21.36 -32.34
N ALA F 113 16.26 20.05 -32.47
CA ALA F 113 15.00 19.32 -32.36
C ALA F 113 15.30 17.91 -31.85
N LEU F 114 14.51 17.45 -30.90
CA LEU F 114 14.70 16.10 -30.37
C LEU F 114 14.42 15.07 -31.45
N SER F 115 15.19 13.99 -31.43
CA SER F 115 15.02 12.88 -32.35
C SER F 115 15.04 11.58 -31.57
N LEU F 116 14.68 10.50 -32.26
CA LEU F 116 14.74 9.17 -31.68
C LEU F 116 16.11 8.56 -31.99
N ILE F 117 16.85 8.20 -30.95
CA ILE F 117 18.15 7.56 -31.07
C ILE F 117 18.01 6.13 -30.60
N TYR F 118 18.48 5.19 -31.42
CA TYR F 118 18.34 3.78 -31.11
C TYR F 118 19.67 3.05 -31.30
N ASN F 119 19.83 1.98 -30.54
CA ASN F 119 20.96 1.06 -30.70
C ASN F 119 20.64 0.11 -31.84
N LYS F 120 21.41 0.19 -32.93
CA LYS F 120 21.14 -0.67 -34.08
C LYS F 120 21.35 -2.14 -33.75
N ASP F 121 22.18 -2.44 -32.75
CA ASP F 121 22.41 -3.83 -32.37
C ASP F 121 21.22 -4.41 -31.62
N LEU F 122 20.86 -3.77 -30.50
CA LEU F 122 19.73 -4.22 -29.70
C LEU F 122 18.39 -4.01 -30.40
N LEU F 123 18.34 -3.18 -31.44
CA LEU F 123 17.09 -2.91 -32.14
C LEU F 123 17.38 -2.48 -33.58
N PRO F 124 17.39 -3.41 -34.53
CA PRO F 124 17.60 -2.99 -35.93
C PRO F 124 16.38 -2.35 -36.57
N ASN F 125 15.21 -2.48 -35.97
CA ASN F 125 13.96 -1.91 -36.48
C ASN F 125 13.36 -1.00 -35.42
N PRO F 126 13.64 0.30 -35.47
CA PRO F 126 13.05 1.23 -34.51
C PRO F 126 11.54 1.25 -34.64
N PRO F 127 10.81 1.30 -33.52
CA PRO F 127 9.36 1.33 -33.59
C PRO F 127 8.85 2.62 -34.23
N LYS F 128 7.85 2.48 -35.09
CA LYS F 128 7.25 3.63 -35.73
C LYS F 128 6.20 4.32 -34.86
N THR F 129 5.73 3.67 -33.79
CA THR F 129 4.70 4.23 -32.93
C THR F 129 5.12 4.12 -31.48
N TRP F 130 4.45 4.93 -30.65
CA TRP F 130 4.63 4.84 -29.20
C TRP F 130 3.92 3.64 -28.61
N GLU F 131 2.78 3.25 -29.19
CA GLU F 131 1.97 2.17 -28.64
C GLU F 131 2.71 0.84 -28.65
N GLU F 132 3.70 0.69 -29.55
CA GLU F 132 4.52 -0.51 -29.58
C GLU F 132 5.42 -0.64 -28.37
N ILE F 133 5.71 0.48 -27.67
CA ILE F 133 6.79 0.49 -26.68
C ILE F 133 6.56 -0.49 -25.54
N PRO F 134 5.39 -0.51 -24.87
CA PRO F 134 5.22 -1.46 -23.75
C PRO F 134 5.56 -2.89 -24.11
N ALA F 135 5.13 -3.37 -25.28
CA ALA F 135 5.48 -4.72 -25.70
C ALA F 135 6.96 -4.85 -26.02
N LEU F 136 7.57 -3.78 -26.55
CA LEU F 136 8.99 -3.84 -26.89
C LEU F 136 9.87 -3.91 -25.64
N ASP F 137 9.42 -3.30 -24.53
CA ASP F 137 10.17 -3.38 -23.29
C ASP F 137 10.08 -4.76 -22.65
N LYS F 138 8.94 -5.44 -22.79
CA LYS F 138 8.79 -6.77 -22.22
C LYS F 138 9.77 -7.76 -22.87
N GLU F 139 9.96 -7.64 -24.19
CA GLU F 139 10.86 -8.55 -24.89
C GLU F 139 12.32 -8.25 -24.56
N LEU F 140 12.65 -6.96 -24.39
CA LEU F 140 14.02 -6.58 -24.04
C LEU F 140 14.31 -6.74 -22.55
N LYS F 141 13.29 -6.70 -21.69
CA LYS F 141 13.51 -7.00 -20.28
C LYS F 141 13.93 -8.45 -20.09
N ALA F 142 13.33 -9.37 -20.87
CA ALA F 142 13.70 -10.77 -20.79
C ALA F 142 15.13 -11.01 -21.24
N LYS F 143 15.71 -10.10 -22.03
CA LYS F 143 17.10 -10.18 -22.46
C LYS F 143 18.03 -9.33 -21.60
N GLY F 144 17.50 -8.69 -20.55
CA GLY F 144 18.33 -7.90 -19.66
C GLY F 144 18.50 -6.44 -20.03
N LYS F 145 17.50 -5.85 -20.69
CA LYS F 145 17.62 -4.48 -21.19
C LYS F 145 16.33 -3.72 -20.87
N SER F 146 16.29 -2.47 -21.32
CA SER F 146 15.09 -1.65 -21.31
C SER F 146 14.94 -1.02 -22.69
N ALA F 147 13.70 -0.67 -23.04
CA ALA F 147 13.42 -0.19 -24.38
C ALA F 147 13.76 1.28 -24.54
N LEU F 148 13.23 2.13 -23.66
CA LEU F 148 13.36 3.57 -23.80
C LEU F 148 13.79 4.20 -22.49
N MET F 149 14.74 5.15 -22.60
CA MET F 149 15.22 5.89 -21.44
C MET F 149 15.57 7.30 -21.91
N PHE F 150 14.82 8.30 -21.45
CA PHE F 150 15.13 9.69 -21.75
C PHE F 150 14.93 10.52 -20.48
N ASN F 151 15.22 11.82 -20.58
CA ASN F 151 15.16 12.72 -19.44
C ASN F 151 13.71 13.08 -19.14
N LEU F 152 13.21 12.59 -18.02
CA LEU F 152 11.84 12.86 -17.58
C LEU F 152 11.74 14.04 -16.63
N GLN F 153 12.86 14.69 -16.32
CA GLN F 153 12.87 15.84 -15.43
C GLN F 153 12.69 17.17 -16.15
N GLU F 154 12.82 17.19 -17.48
CA GLU F 154 12.66 18.41 -18.27
C GLU F 154 11.50 18.23 -19.25
N PRO F 155 10.46 19.05 -19.17
CA PRO F 155 9.29 18.86 -20.05
C PRO F 155 9.62 18.93 -21.53
N TYR F 156 10.72 19.58 -21.90
CA TYR F 156 11.18 19.61 -23.29
C TYR F 156 11.17 18.21 -23.91
N PHE F 157 11.50 17.18 -23.12
CA PHE F 157 11.66 15.83 -23.64
C PHE F 157 10.35 15.05 -23.70
N THR F 158 9.33 15.46 -22.96
CA THR F 158 8.02 14.81 -23.05
C THR F 158 7.02 15.60 -23.87
N TRP F 159 7.31 16.87 -24.16
CA TRP F 159 6.42 17.67 -24.99
C TRP F 159 6.09 17.05 -26.34
N PRO F 160 7.02 16.43 -27.09
CA PRO F 160 6.62 15.83 -28.37
C PRO F 160 5.48 14.83 -28.25
N LEU F 161 5.39 14.12 -27.13
CA LEU F 161 4.30 13.18 -26.93
C LEU F 161 3.02 13.88 -26.48
N ILE F 162 3.15 14.92 -25.66
CA ILE F 162 1.98 15.68 -25.23
C ILE F 162 1.34 16.38 -26.43
N ALA F 163 2.15 16.91 -27.34
CA ALA F 163 1.66 17.70 -28.46
C ALA F 163 1.22 16.87 -29.65
N ALA F 164 1.41 15.55 -29.61
CA ALA F 164 1.15 14.72 -30.77
C ALA F 164 -0.31 14.78 -31.18
N ASP F 165 -1.23 14.66 -30.22
CA ASP F 165 -2.66 14.58 -30.51
C ASP F 165 -3.40 15.88 -30.18
N GLY F 166 -2.72 17.02 -30.24
CA GLY F 166 -3.40 18.30 -30.08
C GLY F 166 -2.91 19.15 -28.92
N GLY F 167 -1.99 18.67 -28.10
CA GLY F 167 -1.44 19.52 -27.05
C GLY F 167 -0.64 20.66 -27.67
N TYR F 168 -0.79 21.85 -27.09
CA TYR F 168 -0.04 23.01 -27.53
C TYR F 168 0.26 23.89 -26.33
N ALA F 169 1.10 24.91 -26.56
CA ALA F 169 1.48 25.84 -25.50
C ALA F 169 0.61 27.10 -25.53
N PHE F 170 0.66 27.87 -26.60
CA PHE F 170 -0.16 29.07 -26.73
C PHE F 170 -0.78 29.10 -28.11
N LYS F 171 -2.08 29.40 -28.16
CA LYS F 171 -2.79 29.43 -29.43
C LYS F 171 -2.35 30.63 -30.24
N TYR F 172 -1.79 30.38 -31.42
CA TYR F 172 -1.49 31.45 -32.36
C TYR F 172 -2.79 31.94 -32.97
N ALA F 173 -3.14 33.19 -32.70
CA ALA F 173 -4.41 33.76 -33.15
C ALA F 173 -4.20 35.19 -33.60
N ALA F 174 -4.54 35.48 -34.86
CA ALA F 174 -4.49 36.82 -35.42
C ALA F 174 -3.07 37.38 -35.38
N GLY F 175 -2.13 36.62 -35.94
CA GLY F 175 -0.76 37.08 -36.05
C GLY F 175 -0.01 37.24 -34.75
N LYS F 176 -0.50 36.68 -33.66
CA LYS F 176 0.17 36.79 -32.36
C LYS F 176 -0.24 35.61 -31.50
N TYR F 177 0.49 35.42 -30.41
CA TYR F 177 0.22 34.35 -29.45
C TYR F 177 -0.73 34.85 -28.38
N ASP F 178 -1.82 34.12 -28.16
CA ASP F 178 -2.76 34.43 -27.09
C ASP F 178 -2.25 33.83 -25.79
N ILE F 179 -1.79 34.67 -24.87
CA ILE F 179 -1.29 34.18 -23.59
C ILE F 179 -2.39 33.68 -22.68
N LYS F 180 -3.66 33.90 -23.06
CA LYS F 180 -4.78 33.45 -22.25
C LYS F 180 -5.39 32.14 -22.75
N ASP F 181 -5.03 31.69 -23.95
CA ASP F 181 -5.49 30.40 -24.46
C ASP F 181 -4.31 29.43 -24.37
N VAL F 182 -4.37 28.53 -23.39
CA VAL F 182 -3.34 27.51 -23.19
C VAL F 182 -3.94 26.15 -23.53
N GLY F 183 -3.15 25.31 -24.18
CA GLY F 183 -3.65 24.03 -24.65
C GLY F 183 -2.94 22.82 -24.08
N VAL F 184 -2.60 22.88 -22.79
CA VAL F 184 -2.05 21.74 -22.09
C VAL F 184 -3.13 20.98 -21.34
N ASP F 185 -4.41 21.31 -21.57
CA ASP F 185 -5.52 20.69 -20.88
C ASP F 185 -6.48 19.95 -21.81
N ASN F 186 -6.36 20.11 -23.13
CA ASN F 186 -7.25 19.43 -24.04
C ASN F 186 -7.02 17.92 -24.00
N ALA F 187 -7.91 17.19 -24.68
CA ALA F 187 -7.84 15.73 -24.66
C ALA F 187 -6.52 15.22 -25.20
N GLY F 188 -5.94 15.90 -26.20
CA GLY F 188 -4.71 15.42 -26.79
C GLY F 188 -3.55 15.45 -25.83
N ALA F 189 -3.48 16.48 -24.98
CA ALA F 189 -2.45 16.51 -23.93
C ALA F 189 -2.70 15.43 -22.89
N LYS F 190 -3.97 15.25 -22.50
CA LYS F 190 -4.30 14.20 -21.53
C LYS F 190 -3.99 12.82 -22.09
N ALA F 191 -4.29 12.60 -23.37
CA ALA F 191 -3.95 11.32 -24.00
C ALA F 191 -2.44 11.11 -24.03
N GLY F 192 -1.68 12.18 -24.28
CA GLY F 192 -0.25 12.05 -24.40
C GLY F 192 0.44 11.81 -23.06
N LEU F 193 0.02 12.55 -22.02
CA LEU F 193 0.65 12.37 -20.71
C LEU F 193 0.21 11.08 -20.03
N THR F 194 -1.04 10.66 -20.24
CA THR F 194 -1.50 9.41 -19.62
C THR F 194 -0.74 8.22 -20.17
N PHE F 195 -0.39 8.24 -21.45
CA PHE F 195 0.43 7.17 -22.01
C PHE F 195 1.81 7.14 -21.36
N LEU F 196 2.34 8.30 -20.98
CA LEU F 196 3.67 8.34 -20.38
C LEU F 196 3.65 7.86 -18.94
N VAL F 197 2.64 8.24 -18.15
CA VAL F 197 2.52 7.72 -16.79
C VAL F 197 2.11 6.25 -16.83
N ASP F 198 1.49 5.79 -17.92
CA ASP F 198 1.22 4.37 -18.06
C ASP F 198 2.49 3.58 -18.36
N LEU F 199 3.48 4.22 -19.00
CA LEU F 199 4.78 3.59 -19.20
C LEU F 199 5.50 3.39 -17.88
N ILE F 200 5.37 4.35 -16.97
CA ILE F 200 6.01 4.25 -15.66
C ILE F 200 5.22 3.33 -14.73
N LYS F 201 3.89 3.34 -14.84
CA LYS F 201 3.07 2.48 -13.99
C LYS F 201 3.33 1.01 -14.28
N ASN F 202 3.43 0.65 -15.55
CA ASN F 202 3.78 -0.71 -15.96
C ASN F 202 5.29 -0.95 -16.00
N LYS F 203 6.06 -0.07 -15.37
CA LYS F 203 7.49 -0.26 -15.12
C LYS F 203 8.32 -0.34 -16.39
N HIS F 204 7.88 0.32 -17.46
CA HIS F 204 8.69 0.40 -18.68
C HIS F 204 9.65 1.59 -18.67
N MET F 205 9.47 2.52 -17.73
CA MET F 205 10.39 3.63 -17.55
C MET F 205 10.47 3.94 -16.06
N ASN F 206 11.36 4.86 -15.71
CA ASN F 206 11.56 5.27 -14.32
C ASN F 206 11.34 6.77 -14.23
N ALA F 207 10.42 7.18 -13.35
CA ALA F 207 10.06 8.59 -13.24
C ALA F 207 11.20 9.43 -12.67
N ASP F 208 12.20 8.81 -12.04
CA ASP F 208 13.35 9.52 -11.51
C ASP F 208 14.49 9.65 -12.51
N THR F 209 14.31 9.16 -13.73
CA THR F 209 15.34 9.28 -14.75
C THR F 209 15.58 10.74 -15.11
N ASP F 210 16.84 11.16 -15.10
CA ASP F 210 17.21 12.48 -15.54
C ASP F 210 18.06 12.37 -16.82
N TYR F 211 18.69 13.48 -17.19
CA TYR F 211 19.51 13.48 -18.41
C TYR F 211 20.69 12.53 -18.27
N SER F 212 21.42 12.61 -17.15
CA SER F 212 22.65 11.85 -16.99
C SER F 212 22.36 10.36 -16.89
N ILE F 213 21.27 9.98 -16.22
CA ILE F 213 20.95 8.56 -16.07
C ILE F 213 20.57 7.96 -17.42
N ALA F 214 19.83 8.71 -18.24
CA ALA F 214 19.42 8.21 -19.54
C ALA F 214 20.60 8.13 -20.51
N GLU F 215 21.47 9.15 -20.49
CA GLU F 215 22.63 9.14 -21.38
C GLU F 215 23.56 7.99 -21.06
N ALA F 216 23.86 7.80 -19.76
CA ALA F 216 24.78 6.74 -19.35
C ALA F 216 24.25 5.37 -19.76
N ALA F 217 22.94 5.15 -19.61
CA ALA F 217 22.39 3.83 -19.89
C ALA F 217 22.43 3.50 -21.37
N PHE F 218 22.06 4.46 -22.23
CA PHE F 218 22.06 4.20 -23.67
C PHE F 218 23.48 4.02 -24.19
N ASN F 219 24.41 4.88 -23.76
CA ASN F 219 25.78 4.82 -24.25
C ASN F 219 26.50 3.56 -23.77
N LYS F 220 26.04 2.94 -22.70
CA LYS F 220 26.64 1.71 -22.19
C LYS F 220 25.89 0.46 -22.64
N GLY F 221 24.94 0.60 -23.57
CA GLY F 221 24.23 -0.54 -24.10
C GLY F 221 23.13 -1.10 -23.23
N GLU F 222 22.67 -0.33 -22.23
CA GLU F 222 21.67 -0.81 -21.30
C GLU F 222 20.24 -0.58 -21.77
N THR F 223 20.02 0.45 -22.59
CA THR F 223 18.69 0.74 -23.12
C THR F 223 18.78 0.87 -24.64
N ALA F 224 17.75 0.39 -25.33
CA ALA F 224 17.80 0.32 -26.78
C ALA F 224 17.49 1.65 -27.45
N MET F 225 16.86 2.58 -26.75
CA MET F 225 16.43 3.82 -27.36
C MET F 225 16.57 4.98 -26.39
N THR F 226 16.63 6.18 -26.96
CA THR F 226 16.63 7.42 -26.17
C THR F 226 16.16 8.54 -27.07
N ILE F 227 15.76 9.65 -26.43
CA ILE F 227 15.29 10.84 -27.11
C ILE F 227 16.18 11.99 -26.68
N ASN F 228 16.99 12.51 -27.62
CA ASN F 228 17.92 13.58 -27.27
C ASN F 228 18.18 14.45 -28.50
N GLY F 229 18.89 15.56 -28.25
CA GLY F 229 19.23 16.51 -29.28
C GLY F 229 20.60 16.25 -29.87
N PRO F 230 20.95 16.97 -30.93
CA PRO F 230 22.21 16.71 -31.63
C PRO F 230 23.45 16.87 -30.77
N TRP F 231 23.37 17.56 -29.63
CA TRP F 231 24.52 17.74 -28.76
C TRP F 231 25.00 16.43 -28.14
N ALA F 232 24.15 15.40 -28.12
CA ALA F 232 24.47 14.15 -27.44
C ALA F 232 25.15 13.12 -28.34
N TRP F 233 25.21 13.36 -29.65
CA TRP F 233 25.79 12.36 -30.55
C TRP F 233 27.26 12.12 -30.27
N SER F 234 28.00 13.18 -29.89
CA SER F 234 29.44 13.07 -29.73
C SER F 234 29.81 12.11 -28.61
N ASN F 235 28.97 11.99 -27.58
CA ASN F 235 29.23 11.05 -26.51
C ASN F 235 28.82 9.63 -26.89
N ILE F 236 27.82 9.48 -27.76
CA ILE F 236 27.50 8.17 -28.29
C ILE F 236 28.58 7.70 -29.24
N ASP F 237 29.24 8.63 -29.93
CA ASP F 237 30.28 8.27 -30.89
C ASP F 237 31.47 7.61 -30.19
N THR F 238 31.96 8.23 -29.12
CA THR F 238 33.08 7.65 -28.38
C THR F 238 32.71 6.38 -27.66
N SER F 239 31.43 6.16 -27.40
CA SER F 239 30.99 4.88 -26.85
C SER F 239 31.01 3.81 -27.94
N ALA F 240 30.90 2.56 -27.52
CA ALA F 240 30.93 1.44 -28.44
C ALA F 240 29.56 1.15 -29.07
N VAL F 241 28.62 2.08 -28.98
CA VAL F 241 27.26 1.84 -29.42
C VAL F 241 27.10 2.26 -30.87
N ASN F 242 26.70 1.33 -31.73
CA ASN F 242 26.32 1.64 -33.10
C ASN F 242 24.88 2.15 -33.09
N TYR F 243 24.72 3.47 -33.27
CA TYR F 243 23.43 4.10 -33.09
C TYR F 243 22.92 4.66 -34.41
N GLY F 244 21.64 5.00 -34.40
CA GLY F 244 21.02 5.69 -35.52
C GLY F 244 20.02 6.68 -35.00
N VAL F 245 19.88 7.78 -35.74
CA VAL F 245 18.96 8.85 -35.41
C VAL F 245 17.84 8.86 -36.43
N THR F 246 16.59 8.84 -35.96
CA THR F 246 15.45 8.72 -36.86
C THR F 246 14.25 9.44 -36.27
N VAL F 247 13.11 9.31 -36.97
CA VAL F 247 11.91 10.06 -36.66
C VAL F 247 11.38 9.65 -35.29
N LEU F 248 10.87 10.62 -34.53
CA LEU F 248 10.20 10.31 -33.29
C LEU F 248 8.95 9.48 -33.57
N PRO F 249 8.64 8.49 -32.73
CA PRO F 249 7.51 7.60 -33.03
C PRO F 249 6.18 8.34 -32.97
N THR F 250 5.21 7.83 -33.72
CA THR F 250 3.89 8.44 -33.79
C THR F 250 3.03 7.99 -32.62
N PHE F 251 1.99 8.79 -32.34
CA PHE F 251 1.08 8.52 -31.24
C PHE F 251 -0.34 8.76 -31.71
N LYS F 252 -1.18 7.71 -31.65
CA LYS F 252 -2.55 7.77 -32.13
C LYS F 252 -2.60 8.25 -33.58
N GLY F 253 -1.70 7.68 -34.40
CA GLY F 253 -1.65 8.00 -35.81
C GLY F 253 -0.90 9.28 -36.11
N GLN F 254 -0.82 10.16 -35.12
CA GLN F 254 -0.23 11.49 -35.26
C GLN F 254 1.26 11.47 -34.93
N PRO F 255 2.07 12.22 -35.66
CA PRO F 255 3.50 12.25 -35.36
C PRO F 255 3.78 13.06 -34.11
N SER F 256 4.92 12.76 -33.49
CA SER F 256 5.38 13.56 -32.36
C SER F 256 5.84 14.92 -32.85
N LYS F 257 5.49 15.96 -32.09
CA LYS F 257 5.74 17.35 -32.50
C LYS F 257 6.68 18.01 -31.49
N PRO F 258 7.99 17.87 -31.67
CA PRO F 258 8.92 18.48 -30.71
C PRO F 258 9.00 19.98 -30.88
N PHE F 259 9.09 20.68 -29.75
CA PHE F 259 9.28 22.14 -29.76
C PHE F 259 10.66 22.45 -30.32
N VAL F 260 10.71 23.07 -31.50
CA VAL F 260 11.98 23.37 -32.15
C VAL F 260 12.64 24.56 -31.44
N GLY F 261 13.94 24.42 -31.19
CA GLY F 261 14.68 25.46 -30.50
C GLY F 261 15.79 26.02 -31.38
N VAL F 262 16.05 27.32 -31.21
CA VAL F 262 17.14 28.00 -31.90
C VAL F 262 18.13 28.47 -30.84
N LEU F 263 19.30 27.84 -30.81
CA LEU F 263 20.37 28.29 -29.94
C LEU F 263 20.80 29.69 -30.35
N SER F 264 20.74 30.63 -29.40
CA SER F 264 20.94 32.04 -29.73
C SER F 264 21.85 32.69 -28.70
N ALA F 265 22.57 33.72 -29.14
CA ALA F 265 23.49 34.47 -28.30
C ALA F 265 22.97 35.89 -28.14
N GLY F 266 22.64 36.26 -26.91
CA GLY F 266 22.22 37.62 -26.58
C GLY F 266 23.34 38.39 -25.94
N ILE F 267 23.33 39.72 -26.15
CA ILE F 267 24.35 40.61 -25.60
C ILE F 267 23.73 41.37 -24.43
N ASN F 268 24.35 41.23 -23.26
CA ASN F 268 23.88 41.89 -22.05
C ASN F 268 23.80 43.40 -22.26
N ALA F 269 22.63 43.98 -21.97
CA ALA F 269 22.45 45.42 -22.09
C ALA F 269 23.37 46.19 -21.14
N ALA F 270 23.88 45.54 -20.10
CA ALA F 270 24.78 46.16 -19.14
C ALA F 270 26.24 45.93 -19.47
N SER F 271 26.54 45.18 -20.53
CA SER F 271 27.93 44.89 -20.86
C SER F 271 28.61 46.14 -21.39
N PRO F 272 29.85 46.41 -20.96
CA PRO F 272 30.64 47.48 -21.57
C PRO F 272 31.40 47.04 -22.81
N ASN F 273 31.17 45.81 -23.28
CA ASN F 273 31.93 45.24 -24.39
C ASN F 273 31.02 44.87 -25.55
N LYS F 274 29.97 45.67 -25.77
CA LYS F 274 29.00 45.35 -26.83
C LYS F 274 29.67 45.29 -28.19
N GLU F 275 30.64 46.17 -28.44
CA GLU F 275 31.35 46.14 -29.72
C GLU F 275 32.16 44.87 -29.87
N LEU F 276 32.84 44.44 -28.80
CA LEU F 276 33.62 43.21 -28.86
C LEU F 276 32.72 41.98 -28.93
N ALA F 277 31.57 42.01 -28.26
CA ALA F 277 30.64 40.90 -28.35
C ALA F 277 30.06 40.80 -29.75
N LYS F 278 29.77 41.94 -30.39
CA LYS F 278 29.29 41.93 -31.76
C LYS F 278 30.33 41.34 -32.71
N GLU F 279 31.59 41.74 -32.54
CA GLU F 279 32.64 41.24 -33.42
C GLU F 279 32.88 39.75 -33.21
N PHE F 280 32.86 39.30 -31.94
CA PHE F 280 33.13 37.90 -31.65
C PHE F 280 32.11 36.99 -32.34
N LEU F 281 30.82 37.30 -32.17
CA LEU F 281 29.78 36.43 -32.72
C LEU F 281 29.74 36.52 -34.25
N GLU F 282 29.83 37.72 -34.81
CA GLU F 282 29.65 37.89 -36.25
C GLU F 282 30.87 37.42 -37.04
N ASN F 283 32.07 37.73 -36.55
CA ASN F 283 33.28 37.47 -37.32
C ASN F 283 34.06 36.24 -36.86
N TYR F 284 33.69 35.64 -35.73
CA TYR F 284 34.45 34.50 -35.24
C TYR F 284 33.59 33.27 -35.00
N LEU F 285 32.49 33.40 -34.27
CA LEU F 285 31.63 32.23 -34.03
C LEU F 285 30.85 31.87 -35.29
N LEU F 286 30.09 32.83 -35.83
CA LEU F 286 29.24 32.56 -36.99
C LEU F 286 30.05 32.56 -38.28
N THR F 287 31.05 31.68 -38.30
CA THR F 287 31.84 31.40 -39.49
C THR F 287 31.92 29.89 -39.68
N ASP F 288 32.32 29.47 -40.88
CA ASP F 288 32.51 28.05 -41.13
C ASP F 288 33.50 27.46 -40.15
N GLU F 289 34.67 28.08 -40.02
CA GLU F 289 35.71 27.55 -39.13
C GLU F 289 35.33 27.72 -37.66
N GLY F 290 34.48 28.68 -37.34
CA GLY F 290 34.07 28.91 -35.97
C GLY F 290 33.00 27.98 -35.49
N LEU F 291 31.94 27.79 -36.30
CA LEU F 291 30.92 26.83 -35.96
C LEU F 291 31.47 25.40 -35.98
N GLU F 292 32.43 25.13 -36.88
CA GLU F 292 33.06 23.81 -36.91
C GLU F 292 33.78 23.52 -35.61
N ALA F 293 34.38 24.55 -34.99
CA ALA F 293 35.08 24.34 -33.73
C ALA F 293 34.12 23.91 -32.64
N VAL F 294 32.99 24.61 -32.52
CA VAL F 294 31.98 24.21 -31.53
C VAL F 294 31.35 22.89 -31.92
N ASN F 295 31.18 22.64 -33.22
CA ASN F 295 30.53 21.41 -33.66
C ASN F 295 31.36 20.18 -33.31
N LYS F 296 32.68 20.24 -33.57
CA LYS F 296 33.53 19.08 -33.32
C LYS F 296 33.60 18.72 -31.84
N ASP F 297 33.23 19.63 -30.94
CA ASP F 297 33.11 19.29 -29.53
C ASP F 297 31.77 18.61 -29.27
N LYS F 298 30.68 19.34 -29.45
CA LYS F 298 29.33 18.79 -29.44
C LYS F 298 28.61 19.30 -30.67
N PRO F 299 27.99 18.43 -31.47
CA PRO F 299 27.26 18.89 -32.65
C PRO F 299 26.19 19.90 -32.28
N LEU F 300 26.04 20.93 -33.11
CA LEU F 300 25.10 22.00 -32.83
C LEU F 300 23.71 21.73 -33.38
N GLY F 301 23.58 20.83 -34.35
CA GLY F 301 22.33 20.63 -35.06
C GLY F 301 22.40 21.21 -36.44
N ALA F 302 21.34 21.88 -36.88
CA ALA F 302 21.35 22.60 -38.15
C ALA F 302 21.75 24.04 -37.86
N VAL F 303 22.98 24.39 -38.24
CA VAL F 303 23.49 25.73 -37.97
C VAL F 303 22.69 26.75 -38.78
N ALA F 304 22.65 27.98 -38.27
CA ALA F 304 21.97 29.07 -38.94
C ALA F 304 22.76 29.59 -40.14
N LEU F 305 24.05 29.30 -40.21
CA LEU F 305 24.88 29.77 -41.32
C LEU F 305 24.60 28.92 -42.56
N LYS F 306 24.15 29.58 -43.63
CA LYS F 306 23.87 28.86 -44.87
C LYS F 306 25.10 28.14 -45.39
N SER F 307 26.25 28.82 -45.38
CA SER F 307 27.45 28.26 -45.99
C SER F 307 27.90 26.99 -45.27
N TYR F 308 27.72 26.93 -43.95
CA TYR F 308 28.11 25.75 -43.19
C TYR F 308 27.01 24.70 -43.14
N GLU F 309 25.75 25.11 -43.20
CA GLU F 309 24.67 24.12 -43.16
C GLU F 309 24.61 23.30 -44.45
N GLU F 310 25.01 23.89 -45.58
CA GLU F 310 25.09 23.13 -46.82
C GLU F 310 26.03 21.94 -46.71
N GLU F 311 27.00 22.00 -45.79
CA GLU F 311 27.90 20.86 -45.55
C GLU F 311 27.37 19.95 -44.45
N LEU F 312 26.79 20.52 -43.40
CA LEU F 312 26.22 19.69 -42.33
C LEU F 312 24.96 18.97 -42.78
N ALA F 313 24.26 19.52 -43.77
CA ALA F 313 23.02 18.90 -44.24
C ALA F 313 23.27 17.57 -44.93
N LYS F 314 24.49 17.31 -45.40
CA LYS F 314 24.81 16.02 -46.00
C LYS F 314 24.90 14.89 -44.97
N ASP F 315 24.66 15.19 -43.69
CA ASP F 315 24.73 14.20 -42.61
C ASP F 315 23.35 13.58 -42.39
N PRO F 316 23.23 12.25 -42.42
CA PRO F 316 21.92 11.62 -42.16
C PRO F 316 21.37 11.91 -40.78
N ARG F 317 22.22 12.24 -39.81
CA ARG F 317 21.74 12.58 -38.48
C ARG F 317 21.12 13.97 -38.45
N ILE F 318 21.69 14.91 -39.22
CA ILE F 318 21.08 16.22 -39.37
C ILE F 318 19.77 16.11 -40.14
N ALA F 319 19.74 15.26 -41.18
CA ALA F 319 18.51 15.05 -41.93
C ALA F 319 17.40 14.53 -41.03
N ALA F 320 17.71 13.55 -40.18
CA ALA F 320 16.73 13.05 -39.23
C ALA F 320 16.27 14.14 -38.27
N THR F 321 17.22 14.96 -37.80
CA THR F 321 16.87 16.04 -36.89
C THR F 321 15.89 17.02 -37.53
N MET F 322 16.12 17.38 -38.79
CA MET F 322 15.24 18.33 -39.46
C MET F 322 13.90 17.71 -39.81
N GLU F 323 13.88 16.39 -40.05
CA GLU F 323 12.61 15.71 -40.29
C GLU F 323 11.71 15.79 -39.06
N ASN F 324 12.31 15.70 -37.87
CA ASN F 324 11.52 15.86 -36.66
C ASN F 324 11.15 17.32 -36.41
N ALA F 325 12.01 18.25 -36.81
CA ALA F 325 11.70 19.67 -36.63
C ALA F 325 10.51 20.09 -37.48
N GLN F 326 10.46 19.64 -38.74
CA GLN F 326 9.36 20.01 -39.61
C GLN F 326 8.02 19.53 -39.05
N LYS F 327 8.00 18.38 -38.39
CA LYS F 327 6.79 17.89 -37.76
C LYS F 327 6.45 18.64 -36.48
N GLY F 328 7.37 19.44 -35.96
CA GLY F 328 7.17 20.21 -34.75
C GLY F 328 6.77 21.64 -35.03
N GLU F 329 7.07 22.52 -34.08
CA GLU F 329 6.74 23.93 -34.19
C GLU F 329 7.84 24.75 -33.54
N ILE F 330 8.18 25.88 -34.18
CA ILE F 330 9.14 26.78 -33.57
C ILE F 330 8.58 27.28 -32.25
N MET F 331 9.46 27.45 -31.27
CA MET F 331 9.00 27.88 -29.96
C MET F 331 8.63 29.37 -30.00
N PRO F 332 7.60 29.78 -29.28
CA PRO F 332 7.38 31.21 -29.07
C PRO F 332 8.52 31.78 -28.22
N ASN F 333 8.82 33.05 -28.44
CA ASN F 333 9.83 33.73 -27.64
C ASN F 333 9.24 34.75 -26.69
N ILE F 334 7.94 34.71 -26.47
CA ILE F 334 7.23 35.68 -25.64
C ILE F 334 7.67 35.54 -24.19
N PRO F 335 7.49 36.56 -23.34
CA PRO F 335 7.97 36.47 -21.95
C PRO F 335 7.24 35.43 -21.12
N GLN F 336 6.04 35.02 -21.50
CA GLN F 336 5.28 34.05 -20.72
C GLN F 336 5.73 32.62 -20.94
N MET F 337 6.79 32.40 -21.73
CA MET F 337 7.25 31.03 -22.00
C MET F 337 7.80 30.37 -20.75
N SER F 338 8.50 31.12 -19.90
CA SER F 338 9.06 30.54 -18.69
C SER F 338 7.96 30.08 -17.74
N ALA F 339 6.88 30.86 -17.64
CA ALA F 339 5.74 30.42 -16.84
C ALA F 339 5.14 29.14 -17.40
N PHE F 340 5.05 29.04 -18.73
CA PHE F 340 4.54 27.82 -19.35
C PHE F 340 5.46 26.64 -19.04
N TRP F 341 6.77 26.83 -19.15
CA TRP F 341 7.69 25.74 -18.89
C TRP F 341 7.67 25.32 -17.42
N TYR F 342 7.50 26.28 -16.50
CA TYR F 342 7.45 25.92 -15.09
C TYR F 342 6.18 25.15 -14.76
N ALA F 343 5.06 25.49 -15.39
CA ALA F 343 3.81 24.79 -15.12
C ALA F 343 3.84 23.37 -15.67
N VAL F 344 4.43 23.18 -16.85
CA VAL F 344 4.39 21.87 -17.48
C VAL F 344 5.48 20.96 -16.90
N ARG F 345 6.62 21.53 -16.50
CA ARG F 345 7.60 20.76 -15.74
C ARG F 345 6.98 20.20 -14.46
N THR F 346 6.16 21.00 -13.79
CA THR F 346 5.53 20.55 -12.56
C THR F 346 4.49 19.47 -12.83
N ALA F 347 3.65 19.67 -13.85
CA ALA F 347 2.61 18.68 -14.14
C ALA F 347 3.22 17.32 -14.47
N VAL F 348 4.22 17.30 -15.35
CA VAL F 348 4.81 16.02 -15.78
C VAL F 348 5.48 15.32 -14.60
N ILE F 349 6.31 16.05 -13.85
CA ILE F 349 7.00 15.45 -12.71
C ILE F 349 5.99 14.99 -11.66
N ASN F 350 4.90 15.75 -11.48
CA ASN F 350 3.89 15.38 -10.50
C ASN F 350 3.02 14.23 -10.99
N ALA F 351 2.72 14.18 -12.28
CA ALA F 351 1.96 13.05 -12.82
C ALA F 351 2.83 11.80 -12.87
N ALA F 352 4.13 11.95 -13.16
CA ALA F 352 5.01 10.81 -13.27
C ALA F 352 5.32 10.17 -11.92
N SER F 353 5.17 10.91 -10.83
CA SER F 353 5.51 10.41 -9.50
C SER F 353 4.30 9.99 -8.68
N GLY F 354 3.09 10.13 -9.22
CA GLY F 354 1.89 9.81 -8.47
C GLY F 354 1.47 10.87 -7.47
N ARG F 355 2.06 12.06 -7.53
CA ARG F 355 1.63 13.15 -6.65
C ARG F 355 0.20 13.56 -6.96
N GLN F 356 -0.09 13.82 -8.23
CA GLN F 356 -1.43 14.15 -8.68
C GLN F 356 -1.78 13.23 -9.86
N THR F 357 -3.07 13.21 -10.21
CA THR F 357 -3.48 12.52 -11.41
C THR F 357 -3.16 13.36 -12.64
N VAL F 358 -3.33 12.76 -13.82
CA VAL F 358 -3.03 13.46 -15.06
C VAL F 358 -4.02 14.61 -15.26
N ASP F 359 -5.28 14.41 -14.89
CA ASP F 359 -6.29 15.44 -15.11
C ASP F 359 -6.11 16.62 -14.17
N ALA F 360 -5.75 16.37 -12.90
CA ALA F 360 -5.60 17.45 -11.94
C ALA F 360 -4.35 18.26 -12.20
N ALA F 361 -3.26 17.61 -12.63
CA ALA F 361 -2.00 18.30 -12.85
C ALA F 361 -2.03 19.15 -14.12
N LEU F 362 -2.70 18.66 -15.17
CA LEU F 362 -2.83 19.45 -16.39
C LEU F 362 -3.83 20.58 -16.22
N ALA F 363 -4.80 20.42 -15.32
CA ALA F 363 -5.67 21.54 -14.97
C ALA F 363 -4.94 22.58 -14.14
N ALA F 364 -4.00 22.13 -13.30
CA ALA F 364 -3.18 23.07 -12.53
C ALA F 364 -2.23 23.84 -13.44
N ALA F 365 -1.61 23.13 -14.39
CA ALA F 365 -0.64 23.79 -15.28
C ALA F 365 -1.33 24.74 -16.26
N GLN F 366 -2.57 24.43 -16.65
CA GLN F 366 -3.31 25.33 -17.54
C GLN F 366 -3.57 26.68 -16.87
N THR F 367 -3.81 26.68 -15.56
CA THR F 367 -3.99 27.94 -14.84
C THR F 367 -2.64 28.59 -14.54
N ASN F 368 -1.63 27.80 -14.18
CA ASN F 368 -0.33 28.34 -13.86
C ASN F 368 0.42 28.85 -15.08
N ALA F 369 0.06 28.40 -16.28
CA ALA F 369 0.71 28.90 -17.48
C ALA F 369 0.19 30.28 -17.87
N ALA F 370 -1.10 30.52 -17.66
CA ALA F 370 -1.72 31.79 -18.02
C ALA F 370 -1.69 32.82 -16.89
N ARG F 371 -1.08 32.48 -15.76
CA ARG F 371 -1.01 33.39 -14.62
C ARG F 371 0.21 34.29 -14.73
N ARG F 372 0.02 35.57 -14.43
CA ARG F 372 1.11 36.53 -14.50
C ARG F 372 1.93 36.47 -13.21
N LYS F 373 3.25 36.40 -13.35
CA LYS F 373 4.14 36.33 -12.20
C LYS F 373 4.26 37.70 -11.56
N PRO F 374 3.81 37.88 -10.32
CA PRO F 374 3.90 39.20 -9.69
C PRO F 374 5.34 39.54 -9.36
N SER F 375 5.70 40.80 -9.60
CA SER F 375 7.07 41.24 -9.41
C SER F 375 7.46 41.16 -7.94
N TRP F 376 8.77 41.10 -7.70
CA TRP F 376 9.30 41.20 -6.34
C TRP F 376 8.81 42.44 -5.62
N ARG F 377 8.38 43.46 -6.37
CA ARG F 377 7.88 44.68 -5.77
C ARG F 377 6.46 44.51 -5.22
N GLU F 378 5.54 44.00 -6.03
CA GLU F 378 4.18 43.81 -5.56
C GLU F 378 4.04 42.63 -4.60
N ARG F 379 4.96 41.65 -4.66
CA ARG F 379 4.98 40.62 -3.63
C ARG F 379 5.32 41.20 -2.27
N GLU F 380 6.02 42.34 -2.23
CA GLU F 380 6.39 42.96 -0.96
C GLU F 380 5.30 43.88 -0.42
N ASN F 381 4.54 44.53 -1.30
CA ASN F 381 3.41 45.33 -0.84
C ASN F 381 2.35 44.47 -0.17
N ASN F 382 2.21 43.23 -0.61
CA ASN F 382 1.33 42.29 0.09
C ASN F 382 1.99 41.79 1.37
N ARG F 383 3.31 41.64 1.38
CA ARG F 383 4.00 41.18 2.57
C ARG F 383 3.88 42.19 3.70
N ARG F 384 4.10 43.47 3.39
CA ARG F 384 3.92 44.52 4.38
C ARG F 384 2.46 44.80 4.68
N ARG F 385 1.55 44.43 3.76
CA ARG F 385 0.11 44.65 3.99
C ARG F 385 -0.39 43.78 5.15
N GLU F 386 -0.33 42.45 4.99
CA GLU F 386 -0.79 41.58 6.05
C GLU F 386 0.09 41.69 7.30
N ARG F 387 1.31 42.21 7.16
CA ARG F 387 2.15 42.46 8.33
C ARG F 387 1.58 43.59 9.19
N ARG F 388 1.12 44.67 8.56
CA ARG F 388 0.54 45.77 9.32
C ARG F 388 -0.93 45.53 9.65
N ARG F 389 -1.62 44.65 8.93
CA ARG F 389 -2.97 44.28 9.34
C ARG F 389 -2.94 43.50 10.65
N ARG F 390 -1.98 42.58 10.77
CA ARG F 390 -1.72 41.95 12.06
C ARG F 390 -1.27 42.98 13.09
N ALA F 391 -0.37 43.88 12.68
CA ALA F 391 0.16 44.87 13.61
C ALA F 391 -0.94 45.78 14.14
N VAL F 392 -1.87 46.20 13.26
CA VAL F 392 -3.03 46.95 13.72
C VAL F 392 -3.81 46.05 14.67
N ALA F 393 -4.34 44.95 14.14
CA ALA F 393 -5.19 44.03 14.88
C ALA F 393 -4.66 43.72 16.29
N ALA F 394 -3.34 43.64 16.42
CA ALA F 394 -2.75 43.41 17.74
C ALA F 394 -2.72 44.68 18.59
N LYS F 395 -2.66 45.86 17.94
CA LYS F 395 -2.57 47.10 18.70
C LYS F 395 -3.88 47.41 19.42
N ILE F 396 -5.02 47.12 18.80
CA ILE F 396 -6.29 47.30 19.50
C ILE F 396 -6.38 46.33 20.66
N TYR F 397 -5.98 45.07 20.45
CA TYR F 397 -6.05 44.08 21.52
C TYR F 397 -5.07 44.42 22.63
N THR F 398 -3.85 44.85 22.28
CA THR F 398 -2.93 45.34 23.30
C THR F 398 -3.51 46.56 24.02
N GLY F 399 -4.25 47.39 23.29
CA GLY F 399 -4.83 48.59 23.86
C GLY F 399 -5.97 48.35 24.83
N LEU F 400 -6.62 47.19 24.76
CA LEU F 400 -7.70 46.86 25.69
C LEU F 400 -7.32 45.83 26.74
N ARG F 401 -6.21 45.11 26.56
CA ARG F 401 -5.77 44.20 27.61
C ARG F 401 -5.25 44.97 28.82
N ALA F 402 -4.65 46.14 28.61
CA ALA F 402 -4.13 46.93 29.71
C ALA F 402 -5.24 47.74 30.39
N GLN F 403 -6.01 48.50 29.60
CA GLN F 403 -7.07 49.35 30.12
C GLN F 403 -8.43 48.66 30.17
N GLY F 404 -8.46 47.35 30.36
CA GLY F 404 -9.69 46.60 30.26
C GLY F 404 -10.39 46.30 31.57
N ASP F 405 -9.69 45.61 32.48
CA ASP F 405 -10.29 45.09 33.71
C ASP F 405 -11.48 44.18 33.38
N TYR F 406 -11.18 43.09 32.69
CA TYR F 406 -12.18 42.24 32.04
C TYR F 406 -12.33 40.87 32.70
N ASN F 407 -12.04 40.76 34.00
CA ASN F 407 -11.94 39.51 34.76
C ASN F 407 -11.56 38.28 33.93
N LEU F 408 -10.38 38.32 33.31
CA LEU F 408 -9.81 37.21 32.56
C LEU F 408 -8.51 36.73 33.20
N PRO F 409 -8.02 35.54 32.82
CA PRO F 409 -6.72 35.09 33.34
C PRO F 409 -5.53 35.74 32.62
N LYS F 410 -4.33 35.23 32.90
CA LYS F 410 -3.09 35.84 32.42
C LYS F 410 -2.82 35.44 30.97
N HIS F 411 -2.55 36.44 30.13
CA HIS F 411 -2.11 36.24 28.75
C HIS F 411 -3.06 35.30 28.00
N CYS F 412 -4.36 35.48 28.21
CA CYS F 412 -5.36 34.55 27.73
C CYS F 412 -5.55 34.68 26.22
N ASP F 413 -6.50 33.90 25.71
CA ASP F 413 -6.76 33.83 24.27
C ASP F 413 -7.19 35.17 23.71
N ASN F 414 -6.74 35.46 22.48
CA ASN F 414 -7.25 36.61 21.76
C ASN F 414 -8.75 36.50 21.55
N ASN F 415 -9.24 35.27 21.33
CA ASN F 415 -10.67 35.05 21.17
C ASN F 415 -11.43 35.36 22.45
N GLU F 416 -10.79 35.18 23.62
CA GLU F 416 -11.50 35.37 24.88
C GLU F 416 -11.67 36.83 25.23
N VAL F 417 -10.65 37.66 24.97
CA VAL F 417 -10.80 39.10 25.18
C VAL F 417 -11.63 39.76 24.09
N LEU F 418 -11.84 39.06 22.96
CA LEU F 418 -12.85 39.49 22.01
C LEU F 418 -14.26 39.22 22.54
N LYS F 419 -14.43 38.09 23.23
CA LYS F 419 -15.72 37.80 23.87
C LYS F 419 -16.01 38.77 24.99
N ALA F 420 -14.99 39.13 25.78
CA ALA F 420 -15.20 40.07 26.88
C ALA F 420 -15.59 41.45 26.36
N LEU F 421 -15.03 41.85 25.21
CA LEU F 421 -15.47 43.08 24.58
C LEU F 421 -16.92 42.98 24.13
N CYS F 422 -17.32 41.82 23.60
CA CYS F 422 -18.68 41.63 23.12
C CYS F 422 -19.69 41.83 24.24
N VAL F 423 -19.47 41.20 25.40
CA VAL F 423 -20.41 41.29 26.49
C VAL F 423 -20.47 42.69 27.09
N GLU F 424 -19.41 43.48 26.97
CA GLU F 424 -19.47 44.85 27.46
C GLU F 424 -20.38 45.71 26.60
N ALA F 425 -20.40 45.45 25.30
CA ALA F 425 -21.28 46.17 24.37
C ALA F 425 -22.69 45.59 24.32
N GLY F 426 -23.04 44.67 25.20
CA GLY F 426 -24.36 44.10 25.26
C GLY F 426 -24.54 42.77 24.57
N TRP F 427 -23.48 42.22 23.96
CA TRP F 427 -23.59 40.98 23.22
C TRP F 427 -23.39 39.78 24.14
N VAL F 428 -23.54 38.58 23.58
CA VAL F 428 -23.30 37.33 24.29
C VAL F 428 -22.88 36.30 23.27
N VAL F 429 -21.79 35.59 23.57
CA VAL F 429 -21.21 34.61 22.65
C VAL F 429 -20.93 33.32 23.41
N GLU F 430 -21.36 32.19 22.85
CA GLU F 430 -21.13 30.89 23.44
C GLU F 430 -19.84 30.28 22.89
N GLU F 431 -19.48 29.11 23.43
CA GLU F 431 -18.20 28.49 23.10
C GLU F 431 -18.07 28.22 21.60
N ASP F 432 -19.19 27.87 20.95
CA ASP F 432 -19.13 27.54 19.53
C ASP F 432 -18.90 28.79 18.67
N GLY F 433 -19.37 29.95 19.13
CA GLY F 433 -19.10 31.20 18.44
C GLY F 433 -20.33 31.95 17.97
N THR F 434 -21.55 31.50 18.25
CA THR F 434 -22.73 32.28 17.88
C THR F 434 -22.82 33.52 18.75
N THR F 435 -23.16 34.64 18.13
CA THR F 435 -23.29 35.91 18.85
C THR F 435 -24.62 36.55 18.52
N TYR F 436 -25.22 37.17 19.54
CA TYR F 436 -26.49 37.87 19.41
C TYR F 436 -26.63 38.81 20.59
N ARG F 437 -27.74 39.54 20.64
CA ARG F 437 -27.97 40.50 21.71
C ARG F 437 -29.27 40.19 22.45
#